data_8CS7
# 
_entry.id   8CS7 
# 
_audit_conform.dict_name       mmcif_pdbx.dic 
_audit_conform.dict_version    5.380 
_audit_conform.dict_location   http://mmcif.pdb.org/dictionaries/ascii/mmcif_pdbx.dic 
# 
loop_
_database_2.database_id 
_database_2.database_code 
_database_2.pdbx_database_accession 
_database_2.pdbx_DOI 
PDB   8CS7         pdb_00008cs7 10.2210/pdb8cs7/pdb 
WWPDB D_1000265367 ?            ?                   
# 
_pdbx_database_related.db_name        PDB 
_pdbx_database_related.details        'Different sticky ends' 
_pdbx_database_related.db_id          7R96 
_pdbx_database_related.content_type   unspecified 
# 
_pdbx_database_status.status_code                     REL 
_pdbx_database_status.status_code_sf                  REL 
_pdbx_database_status.status_code_mr                  ? 
_pdbx_database_status.entry_id                        8CS7 
_pdbx_database_status.recvd_initial_deposition_date   2022-05-12 
_pdbx_database_status.SG_entry                        N 
_pdbx_database_status.deposit_site                    RCSB 
_pdbx_database_status.process_site                    RCSB 
_pdbx_database_status.status_code_cs                  ? 
_pdbx_database_status.status_code_nmr_data            ? 
_pdbx_database_status.methods_development_category    ? 
_pdbx_database_status.pdb_format_compatible           Y 
# 
loop_
_audit_author.name 
_audit_author.pdbx_ordinal 
_audit_author.identifier_ORCID 
'Lu, B.'        1 0000-0001-6424-2197 
'Vecchioni, S.' 2 0000-0001-8243-650X 
'Ohayon, Y.P.'  3 0000-0001-7500-4282 
'Seeman, N.C.'  4 0000-0002-9680-4649 
'Mao, C.'       5 0000-0001-7516-8666 
'Sha, R.'       6 0000-0002-0807-734X 
# 
_citation.abstract                  ? 
_citation.abstract_id_CAS           ? 
_citation.book_id_ISBN              ? 
_citation.book_publisher            ? 
_citation.book_publisher_city       ? 
_citation.book_title                ? 
_citation.coordinate_linkage        ? 
_citation.country                   GE 
_citation.database_id_Medline       ? 
_citation.details                   ? 
_citation.id                        primary 
_citation.journal_abbrev            Angew.Chem.Int.Ed.Engl. 
_citation.journal_id_ASTM           ACIEAY 
_citation.journal_id_CSD            0179 
_citation.journal_id_ISSN           1521-3773 
_citation.journal_full              ? 
_citation.journal_issue             ? 
_citation.journal_volume            62 
_citation.language                  ? 
_citation.page_first                e202213451 
_citation.page_last                 e202213451 
_citation.title                     'Programmable 3D Hexagonal Geometry of DNA Tensegrity Triangles.' 
_citation.year                      2023 
_citation.database_id_CSD           ? 
_citation.pdbx_database_id_DOI      10.1002/anie.202213451 
_citation.pdbx_database_id_PubMed   36520622 
_citation.pdbx_database_id_patent   ? 
_citation.unpublished_flag          ? 
# 
loop_
_citation_author.citation_id 
_citation_author.name 
_citation_author.ordinal 
_citation_author.identifier_ORCID 
primary 'Lu, B.'        1 ?                   
primary 'Woloszyn, K.'  2 ?                   
primary 'Ohayon, Y.P.'  3 ?                   
primary 'Yang, B.'      4 ?                   
primary 'Zhang, C.'     5 ?                   
primary 'Mao, C.'       6 ?                   
primary 'Seeman, N.C.'  7 ?                   
primary 'Vecchioni, S.' 8 ?                   
primary 'Sha, R.'       9 0000-0002-0807-734X 
# 
_cell.angle_alpha                  90.000 
_cell.angle_alpha_esd              ? 
_cell.angle_beta                   90.000 
_cell.angle_beta_esd               ? 
_cell.angle_gamma                  120.000 
_cell.angle_gamma_esd              ? 
_cell.entry_id                     8CS7 
_cell.details                      ? 
_cell.formula_units_Z              ? 
_cell.length_a                     122.626 
_cell.length_a_esd                 ? 
_cell.length_b                     122.626 
_cell.length_b_esd                 ? 
_cell.length_c                     58.810 
_cell.length_c_esd                 ? 
_cell.volume                       765855.676 
_cell.volume_esd                   ? 
_cell.Z_PDB                        6 
_cell.reciprocal_angle_alpha       ? 
_cell.reciprocal_angle_beta        ? 
_cell.reciprocal_angle_gamma       ? 
_cell.reciprocal_angle_alpha_esd   ? 
_cell.reciprocal_angle_beta_esd    ? 
_cell.reciprocal_angle_gamma_esd   ? 
_cell.reciprocal_length_a          ? 
_cell.reciprocal_length_b          ? 
_cell.reciprocal_length_c          ? 
_cell.reciprocal_length_a_esd      ? 
_cell.reciprocal_length_b_esd      ? 
_cell.reciprocal_length_c_esd      ? 
_cell.pdbx_unique_axis             ? 
_cell.pdbx_esd_method              ? 
# 
_symmetry.entry_id                         8CS7 
_symmetry.cell_setting                     ? 
_symmetry.Int_Tables_number                173 
_symmetry.space_group_name_Hall            'P 6c' 
_symmetry.space_group_name_H-M             'P 63' 
_symmetry.pdbx_full_space_group_name_H-M   ? 
# 
loop_
_entity.id 
_entity.type 
_entity.src_method 
_entity.pdbx_description 
_entity.formula_weight 
_entity.pdbx_number_of_molecules 
_entity.pdbx_ec 
_entity.pdbx_mutation 
_entity.pdbx_fragment 
_entity.details 
1 polymer syn 
;DNA (5'-D(*CP*CP*GP*CP*AP*GP*CP*CP*TP*GP*TP*AP*CP*GP*GP*AP*CP*AP*TP*CP*A)-3')
;
6393.138 1 ? ? ? ? 
2 polymer syn 
;DNA (5'-D(P*CP*CP*GP*TP*AP*CP*A)-3')
;
2082.400 1 ? ? ? ? 
3 polymer syn 
;DNA (5'-D(P*GP*GP*CP*TP*G)-3')
;
1536.035 1 ? ? ? ? 
4 polymer syn 
;DNA (5'-D(*CP*CP*GP*TP*GP*AP*TP*GP*T)-3')
;
2746.809 1 ? ? ? ? 
# 
loop_
_entity_poly.entity_id 
_entity_poly.type 
_entity_poly.nstd_linkage 
_entity_poly.nstd_monomer 
_entity_poly.pdbx_seq_one_letter_code 
_entity_poly.pdbx_seq_one_letter_code_can 
_entity_poly.pdbx_strand_id 
_entity_poly.pdbx_target_identifier 
1 polydeoxyribonucleotide no no 
;(DC)(DC)(DG)(DC)(DA)(DG)(DC)(DC)(DT)(DG)(DT)(DA)(DC)(DG)(DG)(DA)(DC)(DA)(DT)(DC)
(DA)
;
CCGCAGCCTGTACGGACATCA A ? 
2 polydeoxyribonucleotide no no '(DC)(DC)(DG)(DT)(DA)(DC)(DA)'                                                          CCGTACA B 
? 
3 polydeoxyribonucleotide no no '(DG)(DG)(DC)(DT)(DG)'                                                                  GGCTG C ? 
4 polydeoxyribonucleotide no no '(DC)(DC)(DG)(DT)(DG)(DA)(DT)(DG)(DT)'                                                  CCGTGATGT 
D ? 
# 
loop_
_entity_poly_seq.entity_id 
_entity_poly_seq.num 
_entity_poly_seq.mon_id 
_entity_poly_seq.hetero 
1 1  DC n 
1 2  DC n 
1 3  DG n 
1 4  DC n 
1 5  DA n 
1 6  DG n 
1 7  DC n 
1 8  DC n 
1 9  DT n 
1 10 DG n 
1 11 DT n 
1 12 DA n 
1 13 DC n 
1 14 DG n 
1 15 DG n 
1 16 DA n 
1 17 DC n 
1 18 DA n 
1 19 DT n 
1 20 DC n 
1 21 DA n 
2 1  DC n 
2 2  DC n 
2 3  DG n 
2 4  DT n 
2 5  DA n 
2 6  DC n 
2 7  DA n 
3 1  DG n 
3 2  DG n 
3 3  DC n 
3 4  DT n 
3 5  DG n 
4 1  DC n 
4 2  DC n 
4 3  DG n 
4 4  DT n 
4 5  DG n 
4 6  DA n 
4 7  DT n 
4 8  DG n 
4 9  DT n 
# 
loop_
_pdbx_entity_src_syn.entity_id 
_pdbx_entity_src_syn.pdbx_src_id 
_pdbx_entity_src_syn.pdbx_alt_source_flag 
_pdbx_entity_src_syn.pdbx_beg_seq_num 
_pdbx_entity_src_syn.pdbx_end_seq_num 
_pdbx_entity_src_syn.organism_scientific 
_pdbx_entity_src_syn.organism_common_name 
_pdbx_entity_src_syn.ncbi_taxonomy_id 
_pdbx_entity_src_syn.details 
1 1 sample 1 21 'synthetic construct' ? 32630 ? 
2 1 sample 1 7  'synthetic construct' ? 32630 ? 
3 1 sample 1 5  'synthetic construct' ? 32630 ? 
4 1 sample 1 9  'synthetic construct' ? 32630 ? 
# 
loop_
_struct_ref.id 
_struct_ref.db_name 
_struct_ref.db_code 
_struct_ref.pdbx_db_accession 
_struct_ref.pdbx_db_isoform 
_struct_ref.entity_id 
_struct_ref.pdbx_seq_one_letter_code 
_struct_ref.pdbx_align_begin 
1 PDB 8CS7 8CS7 ? 1 ? 1 
2 PDB 8CS7 8CS7 ? 2 ? 1 
3 PDB 8CS7 8CS7 ? 3 ? 1 
4 PDB 8CS7 8CS7 ? 4 ? 1 
# 
loop_
_struct_ref_seq.align_id 
_struct_ref_seq.ref_id 
_struct_ref_seq.pdbx_PDB_id_code 
_struct_ref_seq.pdbx_strand_id 
_struct_ref_seq.seq_align_beg 
_struct_ref_seq.pdbx_seq_align_beg_ins_code 
_struct_ref_seq.seq_align_end 
_struct_ref_seq.pdbx_seq_align_end_ins_code 
_struct_ref_seq.pdbx_db_accession 
_struct_ref_seq.db_align_beg 
_struct_ref_seq.pdbx_db_align_beg_ins_code 
_struct_ref_seq.db_align_end 
_struct_ref_seq.pdbx_db_align_end_ins_code 
_struct_ref_seq.pdbx_auth_seq_align_beg 
_struct_ref_seq.pdbx_auth_seq_align_end 
1 1 8CS7 A 1 ? 21 ? 8CS7 101 ? 121 ? 101 121 
2 2 8CS7 B 1 ? 7  ? 8CS7 119 ? 125 ? 119 125 
3 3 8CS7 C 1 ? 5  ? 8CS7 209 ? 213 ? 209 213 
4 4 8CS7 D 1 ? 9  ? 8CS7 100 ? 108 ? 100 108 
# 
loop_
_chem_comp.id 
_chem_comp.type 
_chem_comp.mon_nstd_flag 
_chem_comp.name 
_chem_comp.pdbx_synonyms 
_chem_comp.formula 
_chem_comp.formula_weight 
DA 'DNA linking' y "2'-DEOXYADENOSINE-5'-MONOPHOSPHATE" ? 'C10 H14 N5 O6 P' 331.222 
DC 'DNA linking' y "2'-DEOXYCYTIDINE-5'-MONOPHOSPHATE"  ? 'C9 H14 N3 O7 P'  307.197 
DG 'DNA linking' y "2'-DEOXYGUANOSINE-5'-MONOPHOSPHATE" ? 'C10 H14 N5 O7 P' 347.221 
DT 'DNA linking' y "THYMIDINE-5'-MONOPHOSPHATE"         ? 'C10 H15 N2 O8 P' 322.208 
# 
_exptl.absorpt_coefficient_mu     ? 
_exptl.absorpt_correction_T_max   ? 
_exptl.absorpt_correction_T_min   ? 
_exptl.absorpt_correction_type    ? 
_exptl.absorpt_process_details    ? 
_exptl.entry_id                   8CS7 
_exptl.crystals_number            1 
_exptl.details                    ? 
_exptl.method                     'X-RAY DIFFRACTION' 
_exptl.method_details             ? 
# 
_exptl_crystal.colour                       ? 
_exptl_crystal.density_diffrn               ? 
_exptl_crystal.density_Matthews             10.00 
_exptl_crystal.density_method               ? 
_exptl_crystal.density_percent_sol          87.71 
_exptl_crystal.description                  ? 
_exptl_crystal.F_000                        ? 
_exptl_crystal.id                           1 
_exptl_crystal.preparation                  ? 
_exptl_crystal.size_max                     ? 
_exptl_crystal.size_mid                     ? 
_exptl_crystal.size_min                     ? 
_exptl_crystal.size_rad                     ? 
_exptl_crystal.colour_lustre                ? 
_exptl_crystal.colour_modifier              ? 
_exptl_crystal.colour_primary               ? 
_exptl_crystal.density_meas                 ? 
_exptl_crystal.density_meas_esd             ? 
_exptl_crystal.density_meas_gt              ? 
_exptl_crystal.density_meas_lt              ? 
_exptl_crystal.density_meas_temp            ? 
_exptl_crystal.density_meas_temp_esd        ? 
_exptl_crystal.density_meas_temp_gt         ? 
_exptl_crystal.density_meas_temp_lt         ? 
_exptl_crystal.pdbx_crystal_image_url       ? 
_exptl_crystal.pdbx_crystal_image_format    ? 
_exptl_crystal.pdbx_mosaicity               ? 
_exptl_crystal.pdbx_mosaicity_esd           ? 
_exptl_crystal.pdbx_mosaic_method           ? 
_exptl_crystal.pdbx_mosaic_block_size       ? 
_exptl_crystal.pdbx_mosaic_block_size_esd   ? 
# 
_exptl_crystal_grow.apparatus       ? 
_exptl_crystal_grow.atmosphere      ? 
_exptl_crystal_grow.crystal_id      1 
_exptl_crystal_grow.details         ? 
_exptl_crystal_grow.method          'VAPOR DIFFUSION, HANGING DROP' 
_exptl_crystal_grow.method_ref      ? 
_exptl_crystal_grow.pH              9.5 
_exptl_crystal_grow.pressure        ? 
_exptl_crystal_grow.pressure_esd    ? 
_exptl_crystal_grow.seeding         ? 
_exptl_crystal_grow.seeding_ref     ? 
_exptl_crystal_grow.temp            293 
_exptl_crystal_grow.temp_details    '338-293 at 0.4/hr' 
_exptl_crystal_grow.temp_esd        ? 
_exptl_crystal_grow.time            ? 
_exptl_crystal_grow.pdbx_details    '1.75 M ammonium sulfate, 120 mM Tris, 120 mM Acetic Acid, 6 mM EDTA' 
_exptl_crystal_grow.pdbx_pH_range   ? 
# 
_diffrn.ambient_environment              ? 
_diffrn.ambient_temp                     100 
_diffrn.ambient_temp_details             ? 
_diffrn.ambient_temp_esd                 ? 
_diffrn.crystal_id                       1 
_diffrn.crystal_support                  ? 
_diffrn.crystal_treatment                ? 
_diffrn.details                          ? 
_diffrn.id                               1 
_diffrn.ambient_pressure                 ? 
_diffrn.ambient_pressure_esd             ? 
_diffrn.ambient_pressure_gt              ? 
_diffrn.ambient_pressure_lt              ? 
_diffrn.ambient_temp_gt                  ? 
_diffrn.ambient_temp_lt                  ? 
_diffrn.pdbx_serial_crystal_experiment   N 
# 
_diffrn_detector.details                      ? 
_diffrn_detector.detector                     PIXEL 
_diffrn_detector.diffrn_id                    1 
_diffrn_detector.type                         'DECTRIS EIGER2 X 9M' 
_diffrn_detector.area_resol_mean              ? 
_diffrn_detector.dtime                        ? 
_diffrn_detector.pdbx_frames_total            ? 
_diffrn_detector.pdbx_collection_time_total   ? 
_diffrn_detector.pdbx_collection_date         2021-02-21 
_diffrn_detector.pdbx_frequency               ? 
# 
_diffrn_radiation.collimation                      ? 
_diffrn_radiation.diffrn_id                        1 
_diffrn_radiation.filter_edge                      ? 
_diffrn_radiation.inhomogeneity                    ? 
_diffrn_radiation.monochromator                    ? 
_diffrn_radiation.polarisn_norm                    ? 
_diffrn_radiation.polarisn_ratio                   ? 
_diffrn_radiation.probe                            ? 
_diffrn_radiation.type                             ? 
_diffrn_radiation.xray_symbol                      ? 
_diffrn_radiation.wavelength_id                    1 
_diffrn_radiation.pdbx_monochromatic_or_laue_m_l   M 
_diffrn_radiation.pdbx_wavelength_list             ? 
_diffrn_radiation.pdbx_wavelength                  ? 
_diffrn_radiation.pdbx_diffrn_protocol             'SINGLE WAVELENGTH' 
_diffrn_radiation.pdbx_analyzer                    ? 
_diffrn_radiation.pdbx_scattering_type             x-ray 
# 
_diffrn_radiation_wavelength.id           1 
_diffrn_radiation_wavelength.wavelength   1.00743 
_diffrn_radiation_wavelength.wt           1.0 
# 
_diffrn_source.current                     ? 
_diffrn_source.details                     ? 
_diffrn_source.diffrn_id                   1 
_diffrn_source.power                       ? 
_diffrn_source.size                        ? 
_diffrn_source.source                      SYNCHROTRON 
_diffrn_source.target                      ? 
_diffrn_source.type                        'APS BEAMLINE 17-ID' 
_diffrn_source.voltage                     ? 
_diffrn_source.take-off_angle              ? 
_diffrn_source.pdbx_wavelength_list        1.00743 
_diffrn_source.pdbx_wavelength             ? 
_diffrn_source.pdbx_synchrotron_beamline   17-ID 
_diffrn_source.pdbx_synchrotron_site       APS 
# 
_reflns.B_iso_Wilson_estimate                          479.71 
_reflns.entry_id                                       8CS7 
_reflns.data_reduction_details                         ? 
_reflns.data_reduction_method                          ? 
_reflns.d_resolution_high                              6.67 
_reflns.d_resolution_low                               61.31 
_reflns.details                                        ? 
_reflns.limit_h_max                                    ? 
_reflns.limit_h_min                                    ? 
_reflns.limit_k_max                                    ? 
_reflns.limit_k_min                                    ? 
_reflns.limit_l_max                                    ? 
_reflns.limit_l_min                                    ? 
_reflns.number_all                                     ? 
_reflns.number_obs                                     857 
_reflns.observed_criterion                             ? 
_reflns.observed_criterion_F_max                       ? 
_reflns.observed_criterion_F_min                       ? 
_reflns.observed_criterion_I_max                       ? 
_reflns.observed_criterion_I_min                       ? 
_reflns.observed_criterion_sigma_F                     ? 
_reflns.observed_criterion_sigma_I                     ? 
_reflns.percent_possible_obs                           87.3 
_reflns.R_free_details                                 ? 
_reflns.Rmerge_F_all                                   ? 
_reflns.Rmerge_F_obs                                   ? 
_reflns.Friedel_coverage                               ? 
_reflns.number_gt                                      ? 
_reflns.threshold_expression                           ? 
_reflns.pdbx_redundancy                                18.7 
_reflns.pdbx_Rmerge_I_obs                              ? 
_reflns.pdbx_Rmerge_I_all                              ? 
_reflns.pdbx_Rsym_value                                ? 
_reflns.pdbx_netI_over_av_sigmaI                       ? 
_reflns.pdbx_netI_over_sigmaI                          4.9 
_reflns.pdbx_res_netI_over_av_sigmaI_2                 ? 
_reflns.pdbx_res_netI_over_sigmaI_2                    ? 
_reflns.pdbx_chi_squared                               ? 
_reflns.pdbx_scaling_rejects                           ? 
_reflns.pdbx_d_res_high_opt                            ? 
_reflns.pdbx_d_res_low_opt                             ? 
_reflns.pdbx_d_res_opt_method                          ? 
_reflns.phase_calculation_details                      ? 
_reflns.pdbx_Rrim_I_all                                ? 
_reflns.pdbx_Rpim_I_all                                ? 
_reflns.pdbx_d_opt                                     ? 
_reflns.pdbx_number_measured_all                       ? 
_reflns.pdbx_diffrn_id                                 1 
_reflns.pdbx_ordinal                                   1 
_reflns.pdbx_CC_half                                   0.995 
_reflns.pdbx_CC_star                                   ? 
_reflns.pdbx_R_split                                   ? 
_reflns.pdbx_aniso_diffraction_limit_axis_1_ortho[1]   ? 
_reflns.pdbx_aniso_diffraction_limit_axis_1_ortho[2]   ? 
_reflns.pdbx_aniso_diffraction_limit_axis_1_ortho[3]   ? 
_reflns.pdbx_aniso_diffraction_limit_axis_2_ortho[1]   ? 
_reflns.pdbx_aniso_diffraction_limit_axis_2_ortho[2]   ? 
_reflns.pdbx_aniso_diffraction_limit_axis_2_ortho[3]   ? 
_reflns.pdbx_aniso_diffraction_limit_axis_3_ortho[1]   ? 
_reflns.pdbx_aniso_diffraction_limit_axis_3_ortho[2]   ? 
_reflns.pdbx_aniso_diffraction_limit_axis_3_ortho[3]   ? 
_reflns.pdbx_aniso_diffraction_limit_1                 ? 
_reflns.pdbx_aniso_diffraction_limit_2                 ? 
_reflns.pdbx_aniso_diffraction_limit_3                 ? 
_reflns.pdbx_aniso_B_tensor_eigenvector_1_ortho[1]     ? 
_reflns.pdbx_aniso_B_tensor_eigenvector_1_ortho[2]     ? 
_reflns.pdbx_aniso_B_tensor_eigenvector_1_ortho[3]     ? 
_reflns.pdbx_aniso_B_tensor_eigenvector_2_ortho[1]     ? 
_reflns.pdbx_aniso_B_tensor_eigenvector_2_ortho[2]     ? 
_reflns.pdbx_aniso_B_tensor_eigenvector_2_ortho[3]     ? 
_reflns.pdbx_aniso_B_tensor_eigenvector_3_ortho[1]     ? 
_reflns.pdbx_aniso_B_tensor_eigenvector_3_ortho[2]     ? 
_reflns.pdbx_aniso_B_tensor_eigenvector_3_ortho[3]     ? 
_reflns.pdbx_aniso_B_tensor_eigenvalue_1               ? 
_reflns.pdbx_aniso_B_tensor_eigenvalue_2               ? 
_reflns.pdbx_aniso_B_tensor_eigenvalue_3               ? 
_reflns.pdbx_orthogonalization_convention              ? 
_reflns.pdbx_percent_possible_ellipsoidal              ? 
_reflns.pdbx_percent_possible_spherical                ? 
_reflns.pdbx_percent_possible_ellipsoidal_anomalous    ? 
_reflns.pdbx_percent_possible_spherical_anomalous      ? 
_reflns.pdbx_redundancy_anomalous                      ? 
_reflns.pdbx_CC_half_anomalous                         ? 
_reflns.pdbx_absDiff_over_sigma_anomalous              ? 
_reflns.pdbx_percent_possible_anomalous                ? 
_reflns.pdbx_observed_signal_threshold                 ? 
_reflns.pdbx_signal_type                               ? 
_reflns.pdbx_signal_details                            ? 
_reflns.pdbx_signal_software_id                        ? 
_reflns.pdbx_CC_split_method                           ? 
# 
_reflns_shell.d_res_high                                    6.67 
_reflns_shell.d_res_low                                     7.69 
_reflns_shell.meanI_over_sigI_all                           ? 
_reflns_shell.meanI_over_sigI_obs                           ? 
_reflns_shell.number_measured_all                           ? 
_reflns_shell.number_measured_obs                           ? 
_reflns_shell.number_possible                               ? 
_reflns_shell.number_unique_all                             ? 
_reflns_shell.number_unique_obs                             215 
_reflns_shell.percent_possible_all                          ? 
_reflns_shell.percent_possible_obs                          ? 
_reflns_shell.Rmerge_F_all                                  ? 
_reflns_shell.Rmerge_F_obs                                  ? 
_reflns_shell.Rmerge_I_all                                  ? 
_reflns_shell.Rmerge_I_obs                                  ? 
_reflns_shell.meanI_over_sigI_gt                            ? 
_reflns_shell.meanI_over_uI_all                             ? 
_reflns_shell.meanI_over_uI_gt                              ? 
_reflns_shell.number_measured_gt                            ? 
_reflns_shell.number_unique_gt                              ? 
_reflns_shell.percent_possible_gt                           ? 
_reflns_shell.Rmerge_F_gt                                   ? 
_reflns_shell.Rmerge_I_gt                                   ? 
_reflns_shell.pdbx_redundancy                               ? 
_reflns_shell.pdbx_Rsym_value                               ? 
_reflns_shell.pdbx_chi_squared                              ? 
_reflns_shell.pdbx_netI_over_sigmaI_all                     ? 
_reflns_shell.pdbx_netI_over_sigmaI_obs                     ? 
_reflns_shell.pdbx_Rrim_I_all                               ? 
_reflns_shell.pdbx_Rpim_I_all                               ? 
_reflns_shell.pdbx_rejects                                  ? 
_reflns_shell.pdbx_ordinal                                  1 
_reflns_shell.pdbx_diffrn_id                                1 
_reflns_shell.pdbx_CC_half                                  0.402 
_reflns_shell.pdbx_CC_star                                  ? 
_reflns_shell.pdbx_R_split                                  ? 
_reflns_shell.pdbx_percent_possible_ellipsoidal             ? 
_reflns_shell.pdbx_percent_possible_spherical               ? 
_reflns_shell.pdbx_percent_possible_ellipsoidal_anomalous   ? 
_reflns_shell.pdbx_percent_possible_spherical_anomalous     ? 
_reflns_shell.pdbx_redundancy_anomalous                     ? 
_reflns_shell.pdbx_CC_half_anomalous                        ? 
_reflns_shell.pdbx_absDiff_over_sigma_anomalous             ? 
_reflns_shell.pdbx_percent_possible_anomalous               ? 
# 
_refine.aniso_B[1][1]                            ? 
_refine.aniso_B[1][2]                            ? 
_refine.aniso_B[1][3]                            ? 
_refine.aniso_B[2][2]                            ? 
_refine.aniso_B[2][3]                            ? 
_refine.aniso_B[3][3]                            ? 
_refine.B_iso_max                                ? 
_refine.B_iso_mean                               540.15 
_refine.B_iso_min                                ? 
_refine.correlation_coeff_Fo_to_Fc               ? 
_refine.correlation_coeff_Fo_to_Fc_free          ? 
_refine.details                                  ? 
_refine.diff_density_max                         ? 
_refine.diff_density_max_esd                     ? 
_refine.diff_density_min                         ? 
_refine.diff_density_min_esd                     ? 
_refine.diff_density_rms                         ? 
_refine.diff_density_rms_esd                     ? 
_refine.entry_id                                 8CS7 
_refine.pdbx_refine_id                           'X-RAY DIFFRACTION' 
_refine.ls_abs_structure_details                 ? 
_refine.ls_abs_structure_Flack                   ? 
_refine.ls_abs_structure_Flack_esd               ? 
_refine.ls_abs_structure_Rogers                  ? 
_refine.ls_abs_structure_Rogers_esd              ? 
_refine.ls_d_res_high                            6.67 
_refine.ls_d_res_low                             39.41 
_refine.ls_extinction_coef                       ? 
_refine.ls_extinction_coef_esd                   ? 
_refine.ls_extinction_expression                 ? 
_refine.ls_extinction_method                     ? 
_refine.ls_goodness_of_fit_all                   ? 
_refine.ls_goodness_of_fit_all_esd               ? 
_refine.ls_goodness_of_fit_obs                   ? 
_refine.ls_goodness_of_fit_obs_esd               ? 
_refine.ls_hydrogen_treatment                    ? 
_refine.ls_matrix_type                           ? 
_refine.ls_number_constraints                    ? 
_refine.ls_number_parameters                     ? 
_refine.ls_number_reflns_all                     ? 
_refine.ls_number_reflns_obs                     843 
_refine.ls_number_reflns_R_free                  46 
_refine.ls_number_reflns_R_work                  797 
_refine.ls_number_restraints                     ? 
_refine.ls_percent_reflns_obs                    86.20 
_refine.ls_percent_reflns_R_free                 5.46 
_refine.ls_R_factor_all                          ? 
_refine.ls_R_factor_obs                          0.2305 
_refine.ls_R_factor_R_free                       0.2904 
_refine.ls_R_factor_R_free_error                 ? 
_refine.ls_R_factor_R_free_error_details         ? 
_refine.ls_R_factor_R_work                       0.2270 
_refine.ls_R_Fsqd_factor_obs                     ? 
_refine.ls_R_I_factor_obs                        ? 
_refine.ls_redundancy_reflns_all                 ? 
_refine.ls_redundancy_reflns_obs                 ? 
_refine.ls_restrained_S_all                      ? 
_refine.ls_restrained_S_obs                      ? 
_refine.ls_shift_over_esd_max                    ? 
_refine.ls_shift_over_esd_mean                   ? 
_refine.ls_structure_factor_coef                 ? 
_refine.ls_weighting_details                     ? 
_refine.ls_weighting_scheme                      ? 
_refine.ls_wR_factor_all                         ? 
_refine.ls_wR_factor_obs                         ? 
_refine.ls_wR_factor_R_free                      ? 
_refine.ls_wR_factor_R_work                      ? 
_refine.occupancy_max                            ? 
_refine.occupancy_min                            ? 
_refine.solvent_model_details                    'FLAT BULK SOLVENT MODEL' 
_refine.solvent_model_param_bsol                 ? 
_refine.solvent_model_param_ksol                 ? 
_refine.pdbx_R_complete                          ? 
_refine.ls_R_factor_gt                           ? 
_refine.ls_goodness_of_fit_gt                    ? 
_refine.ls_goodness_of_fit_ref                   ? 
_refine.ls_shift_over_su_max                     ? 
_refine.ls_shift_over_su_max_lt                  ? 
_refine.ls_shift_over_su_mean                    ? 
_refine.ls_shift_over_su_mean_lt                 ? 
_refine.pdbx_ls_sigma_I                          ? 
_refine.pdbx_ls_sigma_F                          1.33 
_refine.pdbx_ls_sigma_Fsqd                       ? 
_refine.pdbx_data_cutoff_high_absF               ? 
_refine.pdbx_data_cutoff_high_rms_absF           ? 
_refine.pdbx_data_cutoff_low_absF                ? 
_refine.pdbx_isotropic_thermal_model             ? 
_refine.pdbx_ls_cross_valid_method               'FREE R-VALUE' 
_refine.pdbx_method_to_determine_struct          'MOLECULAR REPLACEMENT' 
_refine.pdbx_starting_model                      7R96 
_refine.pdbx_stereochemistry_target_values       'GeoStd + Monomer Library + CDL v1.2' 
_refine.pdbx_R_Free_selection_details            ? 
_refine.pdbx_stereochem_target_val_spec_case     ? 
_refine.pdbx_overall_ESU_R                       ? 
_refine.pdbx_overall_ESU_R_Free                  ? 
_refine.pdbx_solvent_vdw_probe_radii             1.1100 
_refine.pdbx_solvent_ion_probe_radii             ? 
_refine.pdbx_solvent_shrinkage_radii             0.9000 
_refine.pdbx_real_space_R                        ? 
_refine.pdbx_density_correlation                 ? 
_refine.pdbx_pd_number_of_powder_patterns        ? 
_refine.pdbx_pd_number_of_points                 ? 
_refine.pdbx_pd_meas_number_of_points            ? 
_refine.pdbx_pd_proc_ls_prof_R_factor            ? 
_refine.pdbx_pd_proc_ls_prof_wR_factor           ? 
_refine.pdbx_pd_Marquardt_correlation_coeff      ? 
_refine.pdbx_pd_Fsqrd_R_factor                   ? 
_refine.pdbx_pd_ls_matrix_band_width             ? 
_refine.pdbx_overall_phase_error                 38.9105 
_refine.pdbx_overall_SU_R_free_Cruickshank_DPI   ? 
_refine.pdbx_overall_SU_R_free_Blow_DPI          ? 
_refine.pdbx_overall_SU_R_Blow_DPI               ? 
_refine.pdbx_TLS_residual_ADP_flag               ? 
_refine.pdbx_diffrn_id                           1 
_refine.overall_SU_B                             ? 
_refine.overall_SU_ML                            0.4445 
_refine.overall_SU_R_Cruickshank_DPI             ? 
_refine.overall_SU_R_free                        ? 
_refine.overall_FOM_free_R_set                   ? 
_refine.overall_FOM_work_R_set                   ? 
_refine.pdbx_average_fsc_overall                 ? 
_refine.pdbx_average_fsc_work                    ? 
_refine.pdbx_average_fsc_free                    ? 
# 
_refine_hist.pdbx_refine_id                   'X-RAY DIFFRACTION' 
_refine_hist.cycle_id                         LAST 
_refine_hist.details                          ? 
_refine_hist.d_res_high                       6.67 
_refine_hist.d_res_low                        39.41 
_refine_hist.number_atoms_solvent             0 
_refine_hist.number_atoms_total               852 
_refine_hist.number_reflns_all                ? 
_refine_hist.number_reflns_obs                ? 
_refine_hist.number_reflns_R_free             ? 
_refine_hist.number_reflns_R_work             ? 
_refine_hist.R_factor_all                     ? 
_refine_hist.R_factor_obs                     ? 
_refine_hist.R_factor_R_free                  ? 
_refine_hist.R_factor_R_work                  ? 
_refine_hist.pdbx_number_residues_total       ? 
_refine_hist.pdbx_B_iso_mean_ligand           ? 
_refine_hist.pdbx_B_iso_mean_solvent          ? 
_refine_hist.pdbx_number_atoms_protein        0 
_refine_hist.pdbx_number_atoms_nucleic_acid   852 
_refine_hist.pdbx_number_atoms_ligand         0 
_refine_hist.pdbx_number_atoms_lipid          ? 
_refine_hist.pdbx_number_atoms_carb           ? 
_refine_hist.pdbx_pseudo_atom_details         ? 
# 
loop_
_refine_ls_restr.pdbx_refine_id 
_refine_ls_restr.criterion 
_refine_ls_restr.dev_ideal 
_refine_ls_restr.dev_ideal_target 
_refine_ls_restr.number 
_refine_ls_restr.rejects 
_refine_ls_restr.type 
_refine_ls_restr.weight 
_refine_ls_restr.pdbx_restraint_function 
'X-RAY DIFFRACTION' ? 0.0064  ? 952  ? f_bond_d           ? ? 
'X-RAY DIFFRACTION' ? 0.8991  ? 1460 ? f_angle_d          ? ? 
'X-RAY DIFFRACTION' ? 0.0442  ? 166  ? f_chiral_restr     ? ? 
'X-RAY DIFFRACTION' ? 0.0044  ? 42   ? f_plane_restr      ? ? 
'X-RAY DIFFRACTION' ? 40.9740 ? 406  ? f_dihedral_angle_d ? ? 
# 
_refine_ls_shell.pdbx_refine_id                   'X-RAY DIFFRACTION' 
_refine_ls_shell.d_res_high                       6.67 
_refine_ls_shell.d_res_low                        39.41 
_refine_ls_shell.number_reflns_all                ? 
_refine_ls_shell.number_reflns_obs                ? 
_refine_ls_shell.number_reflns_R_free             46 
_refine_ls_shell.number_reflns_R_work             797 
_refine_ls_shell.percent_reflns_obs               86.20 
_refine_ls_shell.percent_reflns_R_free            ? 
_refine_ls_shell.R_factor_all                     ? 
_refine_ls_shell.R_factor_obs                     ? 
_refine_ls_shell.R_factor_R_free                  0.2904 
_refine_ls_shell.R_factor_R_free_error            ? 
_refine_ls_shell.R_factor_R_work                  0.2270 
_refine_ls_shell.redundancy_reflns_all            ? 
_refine_ls_shell.redundancy_reflns_obs            ? 
_refine_ls_shell.wR_factor_all                    ? 
_refine_ls_shell.wR_factor_obs                    ? 
_refine_ls_shell.wR_factor_R_free                 ? 
_refine_ls_shell.wR_factor_R_work                 ? 
_refine_ls_shell.pdbx_R_complete                  ? 
_refine_ls_shell.pdbx_total_number_of_bins_used   ? 
_refine_ls_shell.pdbx_phase_error                 ? 
_refine_ls_shell.pdbx_fsc_work                    ? 
_refine_ls_shell.pdbx_fsc_free                    ? 
# 
_struct.entry_id                     8CS7 
_struct.title                        '[CCG/CCG] Self-Assembled 3D DNA Hexagonal Tensegrity Triangle' 
_struct.pdbx_model_details           ? 
_struct.pdbx_formula_weight          ? 
_struct.pdbx_formula_weight_method   ? 
_struct.pdbx_model_type_details      ? 
_struct.pdbx_CASP_flag               N 
# 
_struct_keywords.entry_id        8CS7 
_struct_keywords.text            'Tensegrity triangle, synthetic construct, self-assembly, DNA' 
_struct_keywords.pdbx_keywords   DNA 
# 
loop_
_struct_asym.id 
_struct_asym.pdbx_blank_PDB_chainid_flag 
_struct_asym.pdbx_modified 
_struct_asym.entity_id 
_struct_asym.details 
A N N 1 ? 
B N N 2 ? 
C N N 3 ? 
D N N 4 ? 
# 
loop_
_struct_conn.id 
_struct_conn.conn_type_id 
_struct_conn.pdbx_leaving_atom_flag 
_struct_conn.pdbx_PDB_id 
_struct_conn.ptnr1_label_asym_id 
_struct_conn.ptnr1_label_comp_id 
_struct_conn.ptnr1_label_seq_id 
_struct_conn.ptnr1_label_atom_id 
_struct_conn.pdbx_ptnr1_label_alt_id 
_struct_conn.pdbx_ptnr1_PDB_ins_code 
_struct_conn.pdbx_ptnr1_standard_comp_id 
_struct_conn.ptnr1_symmetry 
_struct_conn.ptnr2_label_asym_id 
_struct_conn.ptnr2_label_comp_id 
_struct_conn.ptnr2_label_seq_id 
_struct_conn.ptnr2_label_atom_id 
_struct_conn.pdbx_ptnr2_label_alt_id 
_struct_conn.pdbx_ptnr2_PDB_ins_code 
_struct_conn.ptnr1_auth_asym_id 
_struct_conn.ptnr1_auth_comp_id 
_struct_conn.ptnr1_auth_seq_id 
_struct_conn.ptnr2_auth_asym_id 
_struct_conn.ptnr2_auth_comp_id 
_struct_conn.ptnr2_auth_seq_id 
_struct_conn.ptnr2_symmetry 
_struct_conn.pdbx_ptnr3_label_atom_id 
_struct_conn.pdbx_ptnr3_label_seq_id 
_struct_conn.pdbx_ptnr3_label_comp_id 
_struct_conn.pdbx_ptnr3_label_asym_id 
_struct_conn.pdbx_ptnr3_label_alt_id 
_struct_conn.pdbx_ptnr3_PDB_ins_code 
_struct_conn.details 
_struct_conn.pdbx_dist_value 
_struct_conn.pdbx_value_order 
_struct_conn.pdbx_role 
hydrog1  hydrog ? ? A DC 4  N3 ? ? ? 1_555 C DG 5 N1 ? ? A DC 104 C DG 213 1_555 ? ? ? ? ? ? WATSON-CRICK    ? ? ? 
hydrog2  hydrog ? ? A DC 4  N4 ? ? ? 1_555 C DG 5 O6 ? ? A DC 104 C DG 213 1_555 ? ? ? ? ? ? WATSON-CRICK    ? ? ? 
hydrog3  hydrog ? ? A DC 4  O2 ? ? ? 1_555 C DG 5 N2 ? ? A DC 104 C DG 213 1_555 ? ? ? ? ? ? WATSON-CRICK    ? ? ? 
hydrog4  hydrog ? ? A DA 5  N1 ? ? ? 1_555 C DT 4 N3 ? ? A DA 105 C DT 212 1_555 ? ? ? ? ? ? WATSON-CRICK    ? ? ? 
hydrog5  hydrog ? ? A DA 5  N6 ? ? ? 1_555 C DT 4 O4 ? ? A DA 105 C DT 212 1_555 ? ? ? ? ? ? WATSON-CRICK    ? ? ? 
hydrog6  hydrog ? ? A DG 6  N2 ? ? ? 1_555 C DC 3 N3 ? ? A DG 106 C DC 211 1_555 ? ? ? ? ? ? 'DG-DC PAIR'    ? ? ? 
hydrog7  hydrog ? ? A DG 6  N2 ? ? ? 1_555 C DT 4 O2 ? ? A DG 106 C DT 212 1_555 ? ? ? ? ? ? 'DG-DT MISPAIR' ? ? ? 
hydrog8  hydrog ? ? A DC 7  N3 ? ? ? 1_555 C DG 2 N1 ? ? A DC 107 C DG 210 1_555 ? ? ? ? ? ? WATSON-CRICK    ? ? ? 
hydrog9  hydrog ? ? A DC 7  N4 ? ? ? 1_555 C DG 2 O6 ? ? A DC 107 C DG 210 1_555 ? ? ? ? ? ? WATSON-CRICK    ? ? ? 
hydrog10 hydrog ? ? A DC 7  O2 ? ? ? 1_555 C DG 2 N2 ? ? A DC 107 C DG 210 1_555 ? ? ? ? ? ? WATSON-CRICK    ? ? ? 
hydrog11 hydrog ? ? A DC 8  N3 ? ? ? 1_555 C DG 1 N1 ? ? A DC 108 C DG 209 1_555 ? ? ? ? ? ? WATSON-CRICK    ? ? ? 
hydrog12 hydrog ? ? A DC 8  N4 ? ? ? 1_555 C DG 1 O6 ? ? A DC 108 C DG 209 1_555 ? ? ? ? ? ? WATSON-CRICK    ? ? ? 
hydrog13 hydrog ? ? A DC 8  O2 ? ? ? 1_555 C DG 1 N2 ? ? A DC 108 C DG 209 1_555 ? ? ? ? ? ? WATSON-CRICK    ? ? ? 
hydrog14 hydrog ? ? A DT 9  N3 ? ? ? 1_555 B DA 7 N1 ? ? A DT 109 B DA 125 1_555 ? ? ? ? ? ? WATSON-CRICK    ? ? ? 
hydrog15 hydrog ? ? A DT 9  O4 ? ? ? 1_555 B DA 7 N6 ? ? A DT 109 B DA 125 1_555 ? ? ? ? ? ? WATSON-CRICK    ? ? ? 
hydrog16 hydrog ? ? A DG 10 N1 ? ? ? 1_555 B DC 6 N3 ? ? A DG 110 B DC 124 1_555 ? ? ? ? ? ? WATSON-CRICK    ? ? ? 
hydrog17 hydrog ? ? A DG 10 N2 ? ? ? 1_555 B DC 6 O2 ? ? A DG 110 B DC 124 1_555 ? ? ? ? ? ? WATSON-CRICK    ? ? ? 
hydrog18 hydrog ? ? A DG 10 O6 ? ? ? 1_555 B DC 6 N4 ? ? A DG 110 B DC 124 1_555 ? ? ? ? ? ? WATSON-CRICK    ? ? ? 
hydrog19 hydrog ? ? A DT 11 N3 ? ? ? 1_555 B DA 5 N1 ? ? A DT 111 B DA 123 1_555 ? ? ? ? ? ? WATSON-CRICK    ? ? ? 
hydrog20 hydrog ? ? A DT 11 O4 ? ? ? 1_555 B DA 5 N6 ? ? A DT 111 B DA 123 1_555 ? ? ? ? ? ? WATSON-CRICK    ? ? ? 
hydrog21 hydrog ? ? A DA 12 N1 ? ? ? 1_555 B DT 4 N3 ? ? A DA 112 B DT 122 1_555 ? ? ? ? ? ? WATSON-CRICK    ? ? ? 
hydrog22 hydrog ? ? A DA 12 N6 ? ? ? 1_555 B DT 4 O4 ? ? A DA 112 B DT 122 1_555 ? ? ? ? ? ? WATSON-CRICK    ? ? ? 
hydrog23 hydrog ? ? A DC 13 N3 ? ? ? 1_555 B DG 3 N1 ? ? A DC 113 B DG 121 1_555 ? ? ? ? ? ? WATSON-CRICK    ? ? ? 
hydrog24 hydrog ? ? A DC 13 N4 ? ? ? 1_555 B DG 3 O6 ? ? A DC 113 B DG 121 1_555 ? ? ? ? ? ? WATSON-CRICK    ? ? ? 
hydrog25 hydrog ? ? A DC 13 O2 ? ? ? 1_555 B DG 3 N2 ? ? A DC 113 B DG 121 1_555 ? ? ? ? ? ? WATSON-CRICK    ? ? ? 
hydrog26 hydrog ? ? A DG 14 N1 ? ? ? 1_555 B DC 2 N3 ? ? A DG 114 B DC 120 1_555 ? ? ? ? ? ? WATSON-CRICK    ? ? ? 
hydrog27 hydrog ? ? A DG 14 N2 ? ? ? 1_555 B DC 2 O2 ? ? A DG 114 B DC 120 1_555 ? ? ? ? ? ? WATSON-CRICK    ? ? ? 
hydrog28 hydrog ? ? A DG 14 O6 ? ? ? 1_555 B DC 2 N4 ? ? A DG 114 B DC 120 1_555 ? ? ? ? ? ? WATSON-CRICK    ? ? ? 
hydrog29 hydrog ? ? A DG 15 N1 ? ? ? 1_555 B DC 1 N3 ? ? A DG 115 B DC 119 1_555 ? ? ? ? ? ? WATSON-CRICK    ? ? ? 
hydrog30 hydrog ? ? A DG 15 N2 ? ? ? 1_555 B DC 1 O2 ? ? A DG 115 B DC 119 1_555 ? ? ? ? ? ? WATSON-CRICK    ? ? ? 
hydrog31 hydrog ? ? A DG 15 O6 ? ? ? 1_555 B DC 1 N4 ? ? A DG 115 B DC 119 1_555 ? ? ? ? ? ? WATSON-CRICK    ? ? ? 
hydrog32 hydrog ? ? A DA 16 N1 ? ? ? 1_555 D DT 9 N3 ? ? A DA 116 D DT 108 1_555 ? ? ? ? ? ? WATSON-CRICK    ? ? ? 
hydrog33 hydrog ? ? A DA 16 N6 ? ? ? 1_555 D DT 9 O4 ? ? A DA 116 D DT 108 1_555 ? ? ? ? ? ? WATSON-CRICK    ? ? ? 
hydrog34 hydrog ? ? A DC 17 N3 ? ? ? 1_555 D DG 8 N1 ? ? A DC 117 D DG 107 1_555 ? ? ? ? ? ? WATSON-CRICK    ? ? ? 
hydrog35 hydrog ? ? A DC 17 N4 ? ? ? 1_555 D DG 8 O6 ? ? A DC 117 D DG 107 1_555 ? ? ? ? ? ? WATSON-CRICK    ? ? ? 
hydrog36 hydrog ? ? A DC 17 O2 ? ? ? 1_555 D DG 8 N2 ? ? A DC 117 D DG 107 1_555 ? ? ? ? ? ? WATSON-CRICK    ? ? ? 
hydrog37 hydrog ? ? A DA 18 N1 ? ? ? 1_555 D DT 7 N3 ? ? A DA 118 D DT 106 1_555 ? ? ? ? ? ? WATSON-CRICK    ? ? ? 
hydrog38 hydrog ? ? A DA 18 N6 ? ? ? 1_555 D DT 7 O4 ? ? A DA 118 D DT 106 1_555 ? ? ? ? ? ? WATSON-CRICK    ? ? ? 
hydrog39 hydrog ? ? A DT 19 N3 ? ? ? 1_555 D DA 6 N1 ? ? A DT 119 D DA 105 1_555 ? ? ? ? ? ? WATSON-CRICK    ? ? ? 
hydrog40 hydrog ? ? A DT 19 O4 ? ? ? 1_555 D DA 6 N6 ? ? A DT 119 D DA 105 1_555 ? ? ? ? ? ? WATSON-CRICK    ? ? ? 
hydrog41 hydrog ? ? A DC 20 N3 ? ? ? 1_555 D DG 5 N1 ? ? A DC 120 D DG 104 1_555 ? ? ? ? ? ? WATSON-CRICK    ? ? ? 
hydrog42 hydrog ? ? A DC 20 N4 ? ? ? 1_555 D DG 5 O6 ? ? A DC 120 D DG 104 1_555 ? ? ? ? ? ? WATSON-CRICK    ? ? ? 
hydrog43 hydrog ? ? A DC 20 O2 ? ? ? 1_555 D DG 5 N2 ? ? A DC 120 D DG 104 1_555 ? ? ? ? ? ? WATSON-CRICK    ? ? ? 
hydrog44 hydrog ? ? A DA 21 N1 ? ? ? 1_555 D DT 4 N3 ? ? A DA 121 D DT 103 1_555 ? ? ? ? ? ? WATSON-CRICK    ? ? ? 
hydrog45 hydrog ? ? A DA 21 N6 ? ? ? 1_555 D DT 4 O4 ? ? A DA 121 D DT 103 1_555 ? ? ? ? ? ? WATSON-CRICK    ? ? ? 
# 
_struct_conn_type.id          hydrog 
_struct_conn_type.criteria    ? 
_struct_conn_type.reference   ? 
# 
_atom_sites.entry_id                    8CS7 
_atom_sites.Cartn_transf_matrix[1][1]   ? 
_atom_sites.Cartn_transf_matrix[1][2]   ? 
_atom_sites.Cartn_transf_matrix[1][3]   ? 
_atom_sites.Cartn_transf_matrix[2][1]   ? 
_atom_sites.Cartn_transf_matrix[2][2]   ? 
_atom_sites.Cartn_transf_matrix[2][3]   ? 
_atom_sites.Cartn_transf_matrix[3][1]   ? 
_atom_sites.Cartn_transf_matrix[3][2]   ? 
_atom_sites.Cartn_transf_matrix[3][3]   ? 
_atom_sites.Cartn_transf_vector[1]      ? 
_atom_sites.Cartn_transf_vector[2]      ? 
_atom_sites.Cartn_transf_vector[3]      ? 
_atom_sites.fract_transf_matrix[1][1]   -0.00442702 
_atom_sites.fract_transf_matrix[1][2]   -0.00090199 
_atom_sites.fract_transf_matrix[1][3]   0.00826179 
_atom_sites.fract_transf_matrix[2][1]   0.00428343 
_atom_sites.fract_transf_matrix[2][2]   -0.00431497 
_atom_sites.fract_transf_matrix[2][3]   0.00718988 
_atom_sites.fract_transf_matrix[3][1]   0.00645819 
_atom_sites.fract_transf_matrix[3][2]   0.01488502 
_atom_sites.fract_transf_matrix[3][3]   0.00508565 
_atom_sites.fract_transf_vector[1]      -0.241953 
_atom_sites.fract_transf_vector[2]      0.277559 
_atom_sites.fract_transf_vector[3]      -0.163293 
_atom_sites.solution_primary            ? 
_atom_sites.solution_secondary          ? 
_atom_sites.solution_hydrogens          ? 
_atom_sites.special_details             ? 
# 
loop_
_atom_type.symbol 
_atom_type.scat_dispersion_real 
_atom_type.scat_dispersion_imag 
_atom_type.scat_Cromer_Mann_a1 
_atom_type.scat_Cromer_Mann_a2 
_atom_type.scat_Cromer_Mann_a3 
_atom_type.scat_Cromer_Mann_a4 
_atom_type.scat_Cromer_Mann_b1 
_atom_type.scat_Cromer_Mann_b2 
_atom_type.scat_Cromer_Mann_b3 
_atom_type.scat_Cromer_Mann_b4 
_atom_type.scat_Cromer_Mann_c 
_atom_type.scat_source 
_atom_type.scat_dispersion_source 
C ? ? 5.96793  ? ? ? 14.89577 ? ? ? 0.0 
;1-Gaussian fit: Grosse-Kunstleve RW, Sauter NK, Adams PD: Newsletter of the IUCr Commission on Crystallographic Computing 2004, 3, 22-31.
;
? 
N ? ? 6.96715  ? ? ? 11.43723 ? ? ? 0.0 
;1-Gaussian fit: Grosse-Kunstleve RW, Sauter NK, Adams PD: Newsletter of the IUCr Commission on Crystallographic Computing 2004, 3, 22-31.
;
? 
O ? ? 7.96527  ? ? ? 9.05267  ? ? ? 0.0 
;1-Gaussian fit: Grosse-Kunstleve RW, Sauter NK, Adams PD: Newsletter of the IUCr Commission on Crystallographic Computing 2004, 3, 22-31.
;
? 
P ? ? 14.90797 ? ? ? 11.91318 ? ? ? 0.0 
;1-Gaussian fit: Grosse-Kunstleve RW, Sauter NK, Adams PD: Newsletter of the IUCr Commission on Crystallographic Computing 2004, 3, 22-31.
;
? 
# 
loop_
_atom_site.group_PDB 
_atom_site.id 
_atom_site.type_symbol 
_atom_site.label_atom_id 
_atom_site.label_alt_id 
_atom_site.label_comp_id 
_atom_site.label_asym_id 
_atom_site.label_entity_id 
_atom_site.label_seq_id 
_atom_site.pdbx_PDB_ins_code 
_atom_site.Cartn_x 
_atom_site.Cartn_y 
_atom_site.Cartn_z 
_atom_site.occupancy 
_atom_site.B_iso_or_equiv 
_atom_site.pdbx_formal_charge 
_atom_site.auth_seq_id 
_atom_site.auth_comp_id 
_atom_site.auth_asym_id 
_atom_site.auth_atom_id 
_atom_site.pdbx_PDB_model_num 
ATOM 1   O "O5'" . DC A 1 1  ? 0.26929   -3.40803  -35.59757 1.000 696.34402 ? 101 DC A "O5'" 1 
ATOM 2   C "C5'" . DC A 1 1  ? 0.72104   -2.67752  -36.73792 1.000 700.29975 ? 101 DC A "C5'" 1 
ATOM 3   C "C4'" . DC A 1 1  ? -0.25016  -1.56135  -37.09636 1.000 707.41640 ? 101 DC A "C4'" 1 
ATOM 4   O "O4'" . DC A 1 1  ? -1.51875  -2.12865  -37.46943 1.000 715.74634 ? 101 DC A "O4'" 1 
ATOM 5   C "C3'" . DC A 1 1  ? -0.54923  -0.58018  -35.96395 1.000 702.56582 ? 101 DC A "C3'" 1 
ATOM 6   O "O3'" . DC A 1 1  ? 0.16135   0.63295   -36.16736 1.000 700.57084 ? 101 DC A "O3'" 1 
ATOM 7   C "C2'" . DC A 1 1  ? -2.06894  -0.35284  -36.02353 1.000 709.61140 ? 101 DC A "C2'" 1 
ATOM 8   C "C1'" . DC A 1 1  ? -2.53453  -1.19355  -37.21457 1.000 718.69143 ? 101 DC A "C1'" 1 
ATOM 9   N N1    . DC A 1 1  ? -3.80641  -1.94573  -36.95540 1.000 683.20034 ? 101 DC A N1    1 
ATOM 10  C C2    . DC A 1 1  ? -4.99453  -1.24846  -36.68167 1.000 686.17701 ? 101 DC A C2    1 
ATOM 11  O O2    . DC A 1 1  ? -4.98179  -0.01140  -36.65404 1.000 685.73222 ? 101 DC A O2    1 
ATOM 12  N N3    . DC A 1 1  ? -6.13006  -1.95223  -36.44980 1.000 689.22737 ? 101 DC A N3    1 
ATOM 13  C C4    . DC A 1 1  ? -6.11242  -3.28459  -36.49117 1.000 689.67216 ? 101 DC A C4    1 
ATOM 14  N N4    . DC A 1 1  ? -7.25957  -3.93123  -36.26130 1.000 692.29879 ? 101 DC A N4    1 
ATOM 15  C C5    . DC A 1 1  ? -4.91888  -4.01204  -36.77708 1.000 687.20871 ? 101 DC A C5    1 
ATOM 16  C C6    . DC A 1 1  ? -3.80079  -3.31079  -36.99614 1.000 683.83462 ? 101 DC A C6    1 
ATOM 17  P P     . DC A 1 2  ? 0.28008   1.70529   -34.97640 1.000 658.71319 ? 102 DC A P     1 
ATOM 18  O OP1   . DC A 1 2  ? 1.51881   2.48359   -35.18967 1.000 654.92063 ? 102 DC A OP1   1 
ATOM 19  O OP2   . DC A 1 2  ? 0.09957   0.98348   -33.69777 1.000 653.74417 ? 102 DC A OP2   1 
ATOM 20  O "O5'" . DC A 1 2  ? -0.98192  2.66393   -35.19327 1.000 663.91908 ? 102 DC A "O5'" 1 
ATOM 21  C "C5'" . DC A 1 2  ? -0.89577  4.03776   -34.83001 1.000 662.44785 ? 102 DC A "C5'" 1 
ATOM 22  C "C4'" . DC A 1 2  ? -2.23192  4.55136   -34.32556 1.000 664.22174 ? 102 DC A "C4'" 1 
ATOM 23  O "O4'" . DC A 1 2  ? -3.27756  3.57652   -34.62815 1.000 669.08812 ? 102 DC A "O4'" 1 
ATOM 24  C "C3'" . DC A 1 2  ? -2.30332  4.78449   -32.80075 1.000 657.53936 ? 102 DC A "C3'" 1 
ATOM 25  O "O3'" . DC A 1 2  ? -2.85945  6.09551   -32.49459 1.000 658.53159 ? 102 DC A "O3'" 1 
ATOM 26  C "C2'" . DC A 1 2  ? -3.21204  3.65606   -32.33286 1.000 657.98152 ? 102 DC A "C2'" 1 
ATOM 27  C "C1'" . DC A 1 2  ? -4.13712  3.53749   -33.52266 1.000 666.60361 ? 102 DC A "C1'" 1 
ATOM 28  N N1    . DC A 1 2  ? -4.94541  2.29598   -33.50332 1.000 629.59917 ? 102 DC A N1    1 
ATOM 29  C C2    . DC A 1 2  ? -6.27410  2.36454   -33.07658 1.000 632.07052 ? 102 DC A C2    1 
ATOM 30  O O2    . DC A 1 2  ? -6.75214  3.46316   -32.77285 1.000 632.33108 ? 102 DC A O2    1 
ATOM 31  N N3    . DC A 1 2  ? -7.00785  1.22852   -33.02263 1.000 634.11287 ? 102 DC A N3    1 
ATOM 32  C C4    . DC A 1 2  ? -6.45702  0.06601   -33.36222 1.000 634.03128 ? 102 DC A C4    1 
ATOM 33  N N4    . DC A 1 2  ? -7.22039  -1.02927  -33.29629 1.000 636.19733 ? 102 DC A N4    1 
ATOM 34  C C5    . DC A 1 2  ? -5.09645  -0.02654  -33.77259 1.000 631.48887 ? 102 DC A C5    1 
ATOM 35  C C6    . DC A 1 2  ? -4.38339  1.10351   -33.82958 1.000 629.15175 ? 102 DC A C6    1 
ATOM 36  P P     . DG A 1 3  ? -4.04499  6.26235   -31.41053 1.000 581.31707 ? 103 DG A P     1 
ATOM 37  O OP1   . DG A 1 3  ? -3.69413  5.53510   -30.16885 1.000 574.07673 ? 103 DG A OP1   1 
ATOM 38  O OP2   . DG A 1 3  ? -5.30747  5.99974   -32.13479 1.000 588.94693 ? 103 DG A OP2   1 
ATOM 39  O "O5'" . DG A 1 3  ? -4.03501  7.81437   -31.02067 1.000 580.51171 ? 103 DG A "O5'" 1 
ATOM 40  C "C5'" . DG A 1 3  ? -5.26545  8.55561   -30.93892 1.000 585.06752 ? 103 DG A "C5'" 1 
ATOM 41  C "C4'" . DG A 1 3  ? -6.17979  8.05027   -29.82003 1.000 582.10400 ? 103 DG A "C4'" 1 
ATOM 42  O "O4'" . DG A 1 3  ? -6.86109  6.85434   -30.24581 1.000 585.20174 ? 103 DG A "O4'" 1 
ATOM 43  C "C3'" . DG A 1 3  ? -5.49310  7.66285   -28.51162 1.000 573.75563 ? 103 DG A "C3'" 1 
ATOM 44  O "O3'" . DG A 1 3  ? -5.43942  8.77446   -27.58705 1.000 570.69737 ? 103 DG A "O3'" 1 
ATOM 45  C "C2'" . DG A 1 3  ? -6.33791  6.49992   -27.96369 1.000 572.55549 ? 103 DG A "C2'" 1 
ATOM 46  C "C1'" . DG A 1 3  ? -7.29103  6.14447   -29.11001 1.000 580.32747 ? 103 DG A "C1'" 1 
ATOM 47  N N9    . DG A 1 3  ? -7.29190  4.71600   -29.40495 1.000 566.67057 ? 103 DG A N9    1 
ATOM 48  C C8    . DG A 1 3  ? -6.27153  3.98866   -29.96610 1.000 565.75204 ? 103 DG A C8    1 
ATOM 49  N N7    . DG A 1 3  ? -6.54435  2.71993   -30.08567 1.000 566.54951 ? 103 DG A N7    1 
ATOM 50  C C5    . DG A 1 3  ? -7.82091  2.59421   -29.55776 1.000 567.88651 ? 103 DG A C5    1 
ATOM 51  C C6    . DG A 1 3  ? -8.64005  1.45088   -29.41410 1.000 569.09455 ? 103 DG A C6    1 
ATOM 52  O O6    . DG A 1 3  ? -8.38997  0.28363   -29.74238 1.000 569.64198 ? 103 DG A O6    1 
ATOM 53  N N1    . DG A 1 3  ? -9.85918  1.76197   -28.82326 1.000 569.58671 ? 103 DG A N1    1 
ATOM 54  C C2    . DG A 1 3  ? -10.24165 3.01958   -28.42081 1.000 569.17877 ? 103 DG A C2    1 
ATOM 55  N N2    . DG A 1 3  ? -11.45746 3.12579   -27.86979 1.000 569.53408 ? 103 DG A N2    1 
ATOM 56  N N3    . DG A 1 3  ? -9.48346  4.10033   -28.55130 1.000 568.43658 ? 103 DG A N3    1 
ATOM 57  C C4    . DG A 1 3  ? -8.29204  3.81433   -29.13022 1.000 567.78913 ? 103 DG A C4    1 
ATOM 58  P P     . DC A 1 4  ? -6.76673  9.50138   -27.02270 1.000 617.51351 ? 104 DC A P     1 
ATOM 59  O OP1   . DC A 1 4  ? -8.00776  8.97228   -27.63286 1.000 622.80888 ? 104 DC A OP1   1 
ATOM 60  O OP2   . DC A 1 4  ? -6.46730  10.94275  -27.14802 1.000 619.48480 ? 104 DC A OP2   1 
ATOM 61  O "O5'" . DC A 1 4  ? -6.77047  9.16956   -25.45163 1.000 610.27580 ? 104 DC A "O5'" 1 
ATOM 62  C "C5'" . DC A 1 4  ? -7.21106  7.89402   -24.97374 1.000 607.68865 ? 104 DC A "C5'" 1 
ATOM 63  C "C4'" . DC A 1 4  ? -8.72011  7.85724   -24.79874 1.000 609.96787 ? 104 DC A "C4'" 1 
ATOM 64  O "O4'" . DC A 1 4  ? -9.25832  6.73556   -25.55333 1.000 614.11574 ? 104 DC A "O4'" 1 
ATOM 65  C "C3'" . DC A 1 4  ? -9.18734  7.63690   -23.36658 1.000 603.72765 ? 104 DC A "C3'" 1 
ATOM 66  O "O3'" . DC A 1 4  ? -10.48104 8.18777   -23.16889 1.000 605.98318 ? 104 DC A "O3'" 1 
ATOM 67  C "C2'" . DC A 1 4  ? -9.22458  6.12645   -23.28176 1.000 602.21694 ? 104 DC A "C2'" 1 
ATOM 68  C "C1'" . DC A 1 4  ? -9.74872  5.74950   -24.66250 1.000 609.92839 ? 104 DC A "C1'" 1 
ATOM 69  N N1    . DC A 1 4  ? -9.26397  4.41606   -25.10329 1.000 610.21001 ? 104 DC A N1    1 
ATOM 70  C C2    . DC A 1 4  ? -10.01322 3.27366   -24.80034 1.000 609.60730 ? 104 DC A C2    1 
ATOM 71  O O2    . DC A 1 4  ? -11.08264 3.39821   -24.18801 1.000 608.72825 ? 104 DC A O2    1 
ATOM 72  N N3    . DC A 1 4  ? -9.54216  2.06043   -25.18441 1.000 609.96787 ? 104 DC A N3    1 
ATOM 73  C C4    . DC A 1 4  ? -8.38295  1.97193   -25.83908 1.000 610.81008 ? 104 DC A C4    1 
ATOM 74  N N4    . DC A 1 4  ? -7.95693  0.75742   -26.20231 1.000 611.34172 ? 104 DC A N4    1 
ATOM 75  C C5    . DC A 1 4  ? -7.60139  3.12398   -26.14108 1.000 610.99431 ? 104 DC A C5    1 
ATOM 76  C C6    . DC A 1 4  ? -8.07467  4.31249   -25.75874 1.000 610.75481 ? 104 DC A C6    1 
ATOM 77  P P     . DA A 1 5  ? -11.09634 8.27330   -21.68495 1.000 576.04801 ? 105 DA A P     1 
ATOM 78  O OP1   . DA A 1 5  ? -12.21250 9.24261   -21.72038 1.000 579.68266 ? 105 DA A OP1   1 
ATOM 79  O OP2   . DA A 1 5  ? -9.96280  8.48868   -20.75900 1.000 569.51039 ? 105 DA A OP2   1 
ATOM 80  O "O5'" . DA A 1 5  ? -11.68256 6.80674   -21.40258 1.000 574.50836 ? 105 DA A "O5'" 1 
ATOM 81  C "C5'" . DA A 1 5  ? -11.58328 6.24538   -20.08957 1.000 567.60490 ? 105 DA A "C5'" 1 
ATOM 82  C "C4'" . DA A 1 5  ? -12.65469 5.19303   -19.84841 1.000 567.79703 ? 105 DA A "C4'" 1 
ATOM 83  O "O4'" . DA A 1 5  ? -12.46271 4.09036   -20.76337 1.000 570.72632 ? 105 DA A "O4'" 1 
ATOM 84  C "C3'" . DA A 1 5  ? -12.59988 4.53979   -18.48417 1.000 561.02779 ? 105 DA A "C3'" 1 
ATOM 85  O "O3'" . DA A 1 5  ? -13.83164 3.87606   -18.22725 1.000 561.42784 ? 105 DA A "O3'" 1 
ATOM 86  C "C2'" . DA A 1 5  ? -11.47128 3.53968   -18.69203 1.000 559.27495 ? 105 DA A "C2'" 1 
ATOM 87  C "C1'" . DA A 1 5  ? -11.78987 3.03049   -20.09386 1.000 565.66782 ? 105 DA A "C1'" 1 
ATOM 88  N N9    . DA A 1 5  ? -10.62320 2.68527   -20.89264 1.000 567.27328 ? 105 DA A N9    1 
ATOM 89  C C8    . DA A 1 5  ? -9.71462  3.55057   -21.42276 1.000 568.67871 ? 105 DA A C8    1 
ATOM 90  N N7    . DA A 1 5  ? -8.77949  2.97182   -22.13338 1.000 570.06835 ? 105 DA A N7    1 
ATOM 91  C C5    . DA A 1 5  ? -9.10608  1.62957   -22.07645 1.000 569.87096 ? 105 DA A C5    1 
ATOM 92  C C6    . DA A 1 5  ? -8.50426  0.48440   -22.62853 1.000 571.16322 ? 105 DA A C6    1 
ATOM 93  N N6    . DA A 1 5  ? -7.39800  0.52198   -23.37767 1.000 572.71604 ? 105 DA A N6    1 
ATOM 94  N N1    . DA A 1 5  ? -9.08260  -0.70631  -22.37782 1.000 570.68948 ? 105 DA A N1    1 
ATOM 95  C C2    . DA A 1 5  ? -10.18834 -0.74320  -21.62465 1.000 568.71556 ? 105 DA A C2    1 
ATOM 96  N N3    . DA A 1 5  ? -10.84381 0.26381   -21.05149 1.000 567.26275 ? 105 DA A N3    1 
ATOM 97  C C4    . DA A 1 5  ? -10.24553 1.43464   -21.31946 1.000 568.09180 ? 105 DA A C4    1 
ATOM 98  P P     . DG A 1 6  ? -14.49876 3.93260   -16.76651 1.000 611.09169 ? 106 DG A P     1 
ATOM 99  O OP1   . DG A 1 6  ? -15.95074 3.69949   -16.93192 1.000 613.43671 ? 106 DG A OP1   1 
ATOM 100 O OP2   . DG A 1 6  ? -14.02863 5.17014   -16.10745 1.000 609.00723 ? 106 DG A OP2   1 
ATOM 101 O "O5'" . DG A 1 6  ? -13.85505 2.68362   -15.99801 1.000 605.46207 ? 106 DG A "O5'" 1 
ATOM 102 C "C5'" . DG A 1 6  ? -14.34567 1.36607   -16.23976 1.000 605.17256 ? 106 DG A "C5'" 1 
ATOM 103 C "C4'" . DG A 1 6  ? -13.29485 0.32183   -15.89868 1.000 601.81953 ? 106 DG A "C4'" 1 
ATOM 104 O "O4'" . DG A 1 6  ? -12.20049 0.42476   -16.83069 1.000 605.23836 ? 106 DG A "O4'" 1 
ATOM 105 C "C3'" . DG A 1 6  ? -12.67415 0.46111   -14.50333 1.000 595.73195 ? 106 DG A "C3'" 1 
ATOM 106 O "O3'" . DG A 1 6  ? -13.09081 -0.61425  -13.60525 1.000 590.77346 ? 106 DG A "O3'" 1 
ATOM 107 C "C2'" . DG A 1 6  ? -11.15284 0.47936   -14.73997 1.000 596.02673 ? 106 DG A "C2'" 1 
ATOM 108 C "C1'" . DG A 1 6  ? -11.01953 0.02525   -16.18807 1.000 601.41158 ? 106 DG A "C1'" 1 
ATOM 109 N N9    . DG A 1 6  ? -9.89116  0.61415   -16.89715 1.000 603.52763 ? 106 DG A N9    1 
ATOM 110 C C8    . DG A 1 6  ? -9.43035  1.90561   -16.79867 1.000 603.19337 ? 106 DG A C8    1 
ATOM 111 N N7    . DG A 1 6  ? -8.40728  2.15035   -17.57036 1.000 605.25152 ? 106 DG A N7    1 
ATOM 112 C C5    . DG A 1 6  ? -8.17336  0.94208   -18.21615 1.000 607.18859 ? 106 DG A C5    1 
ATOM 113 C C6    . DG A 1 6  ? -7.18783  0.59029   -19.17026 1.000 609.88891 ? 106 DG A C6    1 
ATOM 114 O O6    . DG A 1 6  ? -6.29609  1.30281   -19.64977 1.000 610.96273 ? 106 DG A O6    1 
ATOM 115 N N1    . DG A 1 6  ? -7.30690  -0.73885  -19.56567 1.000 611.46279 ? 106 DG A N1    1 
ATOM 116 C C2    . DG A 1 6  ? -8.25423  -1.61713  -19.09883 1.000 610.42845 ? 106 DG A C2    1 
ATOM 117 N N2    . DG A 1 6  ? -8.21252  -2.85924  -19.59541 1.000 612.43659 ? 106 DG A N2    1 
ATOM 118 N N3    . DG A 1 6  ? -9.18186  -1.29977  -18.20774 1.000 607.67023 ? 106 DG A N3    1 
ATOM 119 C C4    . DG A 1 6  ? -9.08334  -0.00742  -17.81562 1.000 606.24637 ? 106 DG A C4    1 
ATOM 120 P P     . DC A 1 7  ? -13.34053 -2.13248  -14.10048 1.000 502.58131 ? 107 DC A P     1 
ATOM 121 O OP1   . DC A 1 7  ? -14.55054 -2.20900  -14.95124 1.000 506.31071 ? 107 DC A OP1   1 
ATOM 122 O OP2   . DC A 1 7  ? -13.29692 -2.96036  -12.87627 1.000 495.49625 ? 107 DC A OP2   1 
ATOM 123 O "O5'" . DC A 1 7  ? -12.03192 -2.51541  -14.93573 1.000 506.24491 ? 107 DC A "O5'" 1 
ATOM 124 C "C5'" . DC A 1 7  ? -12.05509 -3.61596  -15.83779 1.000 510.01115 ? 107 DC A "C5'" 1 
ATOM 125 C "C4'" . DC A 1 7  ? -10.79627 -4.45491  -15.70304 1.000 508.82417 ? 107 DC A "C4'" 1 
ATOM 126 O "O4'" . DC A 1 7  ? -9.67372  -3.77032  -16.32372 1.000 510.93494 ? 107 DC A "O4'" 1 
ATOM 127 C "C3'" . DC A 1 7  ? -10.36505 -4.75317  -14.26095 1.000 502.14442 ? 107 DC A "C3'" 1 
ATOM 128 O "O3'" . DC A 1 7  ? -10.01785 -6.12629  -14.13678 1.000 500.43895 ? 107 DC A "O3'" 1 
ATOM 129 C "C2'" . DC A 1 7  ? -9.14286  -3.85491  -14.07544 1.000 501.58119 ? 107 DC A "C2'" 1 
ATOM 130 C "C1'" . DC A 1 7  ? -8.56055  -3.88880  -15.47468 1.000 506.80287 ? 107 DC A "C1'" 1 
ATOM 131 N N1    . DC A 1 7  ? -7.59934  -2.78346  -15.76113 1.000 507.18186 ? 107 DC A N1    1 
ATOM 132 C C2    . DC A 1 7  ? -6.47507  -3.03648  -16.55527 1.000 508.94786 ? 107 DC A C2    1 
ATOM 133 O O2    . DC A 1 7  ? -6.30813  -4.17085  -17.01465 1.000 510.43752 ? 107 DC A O2    1 
ATOM 134 N N3    . DC A 1 7  ? -5.60402  -2.02684  -16.80485 1.000 508.87680 ? 107 DC A N3    1 
ATOM 135 C C4    . DC A 1 7  ? -5.82247  -0.81470  -16.29036 1.000 507.41610 ? 107 DC A C4    1 
ATOM 136 N N4    . DC A 1 7  ? -4.93672  0.15144   -16.56170 1.000 507.43452 ? 107 DC A N4    1 
ATOM 137 C C5    . DC A 1 7  ? -6.95706  -0.54071  -15.47094 1.000 505.78433 ? 107 DC A C5    1 
ATOM 138 C C6    . DC A 1 7  ? -7.80997  -1.54474  -15.23404 1.000 505.60009 ? 107 DC A C6    1 
ATOM 139 P P     . DC A 1 8  ? -10.05360 -6.85098  -12.70253 1.000 471.35388 ? 108 DC A P     1 
ATOM 140 O OP1   . DC A 1 8  ? -11.47035 -7.13462  -12.38363 1.000 468.01927 ? 108 DC A OP1   1 
ATOM 141 O OP2   . DC A 1 8  ? -9.23035  -6.05295  -11.76720 1.000 466.80334 ? 108 DC A OP2   1 
ATOM 142 O "O5'" . DC A 1 8  ? -9.28925  -8.23480  -12.95641 1.000 469.32996 ? 108 DC A "O5'" 1 
ATOM 143 C "C5'" . DC A 1 8  ? -8.08115  -8.52097  -12.25539 1.000 464.17144 ? 108 DC A "C5'" 1 
ATOM 144 C "C4'" . DC A 1 8  ? -7.06790  -9.18865  -13.16939 1.000 469.78527 ? 108 DC A "C4'" 1 
ATOM 145 O "O4'" . DC A 1 8  ? -6.86281  -8.36542  -14.34810 1.000 480.95767 ? 108 DC A "O4'" 1 
ATOM 146 C "C3'" . DC A 1 8  ? -5.68837  -9.39287  -12.55144 1.000 463.26344 ? 108 DC A "C3'" 1 
ATOM 147 O "O3'" . DC A 1 8  ? -5.60332  -10.70704 -11.99606 1.000 454.89665 ? 108 DC A "O3'" 1 
ATOM 148 C "C2'" . DC A 1 8  ? -4.75011  -9.21980  -13.74125 1.000 472.57508 ? 108 DC A "C2'" 1 
ATOM 149 C "C1'" . DC A 1 8  ? -5.48094  -8.17864  -14.57995 1.000 481.71302 ? 108 DC A "C1'" 1 
ATOM 150 N N1    . DC A 1 8  ? -5.13863  -6.75916  -14.24761 1.000 481.19454 ? 108 DC A N1    1 
ATOM 151 C C2    . DC A 1 8  ? -3.83180  -6.28357  -14.43036 1.000 480.30496 ? 108 DC A C2    1 
ATOM 152 O O2    . DC A 1 8  ? -2.95637  -7.04386  -14.85815 1.000 479.65751 ? 108 DC A O2    1 
ATOM 153 N N3    . DC A 1 8  ? -3.56202  -4.98904  -14.13504 1.000 479.31010 ? 108 DC A N3    1 
ATOM 154 C C4    . DC A 1 8  ? -4.52740  -4.18987  -13.68008 1.000 479.34958 ? 108 DC A C4    1 
ATOM 155 N N4    . DC A 1 8  ? -4.21165  -2.92255  -13.40360 1.000 478.24155 ? 108 DC A N4    1 
ATOM 156 C C5    . DC A 1 8  ? -5.85789  -4.65363  -13.49186 1.000 479.90754 ? 108 DC A C5    1 
ATOM 157 C C6    . DC A 1 8  ? -6.11724  -5.92765  -13.79025 1.000 480.63921 ? 108 DC A C6    1 
ATOM 158 P P     . DT A 1 9  ? -4.18579  -11.34786 -11.58288 1.000 649.93056 ? 109 DT A P     1 
ATOM 159 O OP1   . DT A 1 9  ? -3.57402  -11.94416 -12.79109 1.000 656.12077 ? 109 DT A OP1   1 
ATOM 160 O OP2   . DT A 1 9  ? -4.41726  -12.19366 -10.39153 1.000 638.88450 ? 109 DT A OP2   1 
ATOM 161 O "O5'" . DT A 1 9  ? -3.30238  -10.10215 -11.11144 1.000 648.90675 ? 109 DT A "O5'" 1 
ATOM 162 C "C5'" . DT A 1 9  ? -2.01025  -10.32191 -10.54766 1.000 641.86906 ? 109 DT A "C5'" 1 
ATOM 163 C "C4'" . DT A 1 9  ? -0.93061  -10.27560 -11.61621 1.000 646.90388 ? 109 DT A "C4'" 1 
ATOM 164 O "O4'" . DT A 1 9  ? -1.22593  -9.20512  -12.54878 1.000 658.21839 ? 109 DT A "O4'" 1 
ATOM 165 C "C3'" . DT A 1 9  ? 0.47826   -10.02750 -11.08216 1.000 641.36111 ? 109 DT A "C3'" 1 
ATOM 166 O "O3'" . DT A 1 9  ? 1.20779   -11.25320 -11.06586 1.000 634.01023 ? 109 DT A "O3'" 1 
ATOM 167 C "C2'" . DT A 1 9  ? 1.09515   -9.03792  -12.07373 1.000 649.56999 ? 109 DT A "C2'" 1 
ATOM 168 C "C1'" . DT A 1 9  ? -0.11377  -8.35068  -12.70381 1.000 659.65014 ? 109 DT A "C1'" 1 
ATOM 169 N N1    . DT A 1 9  ? -0.45098  -7.01273  -12.11248 1.000 662.12149 ? 109 DT A N1    1 
ATOM 170 C C2    . DT A 1 9  ? 0.32677   -5.91820  -12.42185 1.000 665.51927 ? 109 DT A C2    1 
ATOM 171 O O2    . DT A 1 9  ? 1.30325   -5.97617  -13.14447 1.000 665.20344 ? 109 DT A O2    1 
ATOM 172 N N3    . DT A 1 9  ? -0.07948  -4.74537  -11.84134 1.000 667.33791 ? 109 DT A N3    1 
ATOM 173 C C4    . DT A 1 9  ? -1.16860  -4.56254  -11.00680 1.000 665.22713 ? 109 DT A C4    1 
ATOM 174 O O4    . DT A 1 9  ? -1.45621  -3.47108  -10.53271 1.000 666.06144 ? 109 DT A O4    1 
ATOM 175 C C5    . DT A 1 9  ? -1.94471  -5.74827  -10.73349 1.000 659.93176 ? 109 DT A C5    1 
ATOM 176 C C7    . DT A 1 9  ? -3.14760  -5.67530  -9.84080  1.000 654.36267 ? 109 DT A C7    1 
ATOM 177 C C6    . DT A 1 9  ? -1.55600  -6.89919  -11.29565 1.000 659.27905 ? 109 DT A C6    1 
ATOM 178 P P     . DG A 1 10 ? 1.32785   -12.13036 -9.72427  1.000 415.74195 ? 110 DG A P     1 
ATOM 179 O OP1   . DG A 1 10 ? 2.66443   -12.76563 -9.74279  1.000 416.80261 ? 110 DG A OP1   1 
ATOM 180 O OP2   . DG A 1 10 ? 0.11010   -12.96792 -9.63502  1.000 415.22610 ? 110 DG A OP2   1 
ATOM 181 O "O5'" . DG A 1 10 ? 1.30130   -11.05772 -8.53693  1.000 413.11795 ? 110 DG A "O5'" 1 
ATOM 182 C "C5'" . DG A 1 10 ? 2.46013   -10.85952 -7.73327  1.000 412.41787 ? 110 DG A "C5'" 1 
ATOM 183 C "C4'" . DG A 1 10 ? 3.28166   -9.69795  -8.25767  1.000 414.36021 ? 110 DG A "C4'" 1 
ATOM 184 O "O4'" . DG A 1 10 ? 2.39409   -8.65189  -8.69098  1.000 414.67340 ? 110 DG A "O4'" 1 
ATOM 185 C "C3'" . DG A 1 10 ? 4.22032   -9.06395  -7.23285  1.000 413.75750 ? 110 DG A "C3'" 1 
ATOM 186 O "O3'" . DG A 1 10 ? 5.58262   -9.34285  -7.57143  1.000 416.26570 ? 110 DG A "O3'" 1 
ATOM 187 C "C2'" . DG A 1 10 ? 3.90576   -7.55179  -7.28385  1.000 414.06017 ? 110 DG A "C2'" 1 
ATOM 188 C "C1'" . DG A 1 10 ? 3.01665   -7.41015  -8.50524  1.000 415.46823 ? 110 DG A "C1'" 1 
ATOM 189 N N9    . DG A 1 10 ? 1.96394   -6.40154  -8.38856  1.000 414.81026 ? 110 DG A N9    1 
ATOM 190 C C8    . DG A 1 10 ? 0.61001   -6.63614  -8.36314  1.000 413.64170 ? 110 DG A C8    1 
ATOM 191 N N7    . DG A 1 10 ? -0.10557  -5.55153  -8.28515  1.000 413.83383 ? 110 DG A N7    1 
ATOM 192 C C5    . DG A 1 10 ? 0.82996   -4.52421  -8.27048  1.000 415.14978 ? 110 DG A C5    1 
ATOM 193 C C6    . DG A 1 10 ? 0.63713   -3.12528  -8.19480  1.000 416.25254 ? 110 DG A C6    1 
ATOM 194 O O6    . DG A 1 10 ? -0.42837  -2.50034  -8.12920  1.000 416.21043 ? 110 DG A O6    1 
ATOM 195 N N1    . DG A 1 10 ? 1.84449   -2.43416  -8.20334  1.000 418.03960 ? 110 DG A N1    1 
ATOM 196 C C2    . DG A 1 10 ? 3.08678   -3.02000  -8.27353  1.000 418.83969 ? 110 DG A C2    1 
ATOM 197 N N2    . DG A 1 10 ? 4.13977   -2.18471  -8.26729  1.000 421.27683 ? 110 DG A N2    1 
ATOM 198 N N3    . DG A 1 10 ? 3.28306   -4.33661  -8.34378  1.000 417.80273 ? 110 DG A N3    1 
ATOM 199 C C4    . DG A 1 10 ? 2.11112   -5.02548  -8.33665  1.000 415.88407 ? 110 DG A C4    1 
ATOM 200 P P     . DT A 1 11 ? 6.31528   -10.64977 -6.98367  1.000 438.19464 ? 111 DT A P     1 
ATOM 201 O OP1   . DT A 1 11 ? 6.18977   -11.72148 -7.99735  1.000 436.41812 ? 111 DT A OP1   1 
ATOM 202 O OP2   . DT A 1 11 ? 5.80283   -10.89550 -5.61707  1.000 435.20744 ? 111 DT A OP2   1 
ATOM 203 O "O5'" . DT A 1 11 ? 7.85202   -10.21084 -6.86965  1.000 436.95765 ? 111 DT A "O5'" 1 
ATOM 204 C "C5'" . DT A 1 11 ? 8.36923   -9.72390  -5.63486  1.000 435.92595 ? 111 DT A "C5'" 1 
ATOM 205 C "C4'" . DT A 1 11 ? 8.24720   -8.21609  -5.54649  1.000 441.73191 ? 111 DT A "C4'" 1 
ATOM 206 O "O4'" . DT A 1 11 ? 6.84332   -7.83694  -5.63242  1.000 445.14021 ? 111 DT A "O4'" 1 
ATOM 207 C "C3'" . DT A 1 11 ? 8.76821   -7.60829  -4.23226  1.000 441.37397 ? 111 DT A "C3'" 1 
ATOM 208 O "O3'" . DT A 1 11 ? 9.68080   -6.49188  -4.50275  1.000 446.08770 ? 111 DT A "O3'" 1 
ATOM 209 C "C2'" . DT A 1 11 ? 7.47832   -7.17479  -3.51533  1.000 442.03458 ? 111 DT A "C2'" 1 
ATOM 210 C "C1'" . DT A 1 11 ? 6.61948   -6.80967  -4.70707  1.000 446.80620 ? 111 DT A "C1'" 1 
ATOM 211 N N1    . DT A 1 11 ? 5.15233   -6.65741  -4.43309  1.000 447.32205 ? 111 DT A N1    1 
ATOM 212 C C2    . DT A 1 11 ? 4.59938   -5.40319  -4.52306  1.000 452.39635 ? 111 DT A C2    1 
ATOM 213 O O2    . DT A 1 11 ? 5.24842   -4.41229  -4.79699  1.000 456.84162 ? 111 DT A O2    1 
ATOM 214 N N3    . DT A 1 11 ? 3.25935   -5.34132  -4.27300  1.000 451.94892 ? 111 DT A N3    1 
ATOM 215 C C4    . DT A 1 11 ? 2.42519   -6.39200  -3.95348  1.000 447.30363 ? 111 DT A C4    1 
ATOM 216 O O4    . DT A 1 11 ? 1.22745   -6.23590  -3.74866  1.000 447.06676 ? 111 DT A O4    1 
ATOM 217 C C5    . DT A 1 11 ? 3.06401   -7.68750  -3.88181  1.000 442.67939 ? 111 DT A C5    1 
ATOM 218 C C7    . DT A 1 11 ? 2.25913   -8.90431  -3.54454  1.000 437.89724 ? 111 DT A C7    1 
ATOM 219 C C6    . DT A 1 11 ? 4.38628   -7.75612  -4.10963  1.000 442.71887 ? 111 DT A C6    1 
ATOM 220 P P     . DA A 1 12 ? 9.46688   -5.06065  -3.79269  1.000 567.37066 ? 112 DA A P     1 
ATOM 221 O OP1   . DA A 1 12 ? 9.41321   -5.24037  -2.32584  1.000 563.43598 ? 112 DA A OP1   1 
ATOM 222 O OP2   . DA A 1 12 ? 8.39453   -4.38989  -4.55462  1.000 572.35283 ? 112 DA A OP2   1 
ATOM 223 O "O5'" . DA A 1 12 ? 10.79091  -4.20140  -4.07368  1.000 570.97109 ? 112 DA A "O5'" 1 
ATOM 224 C "C5'" . DA A 1 12 ? 11.25886  -3.25795  -3.06597  1.000 572.23177 ? 112 DA A "C5'" 1 
ATOM 225 C "C4'" . DA A 1 12 ? 10.44843  -1.94737  -3.04074  1.000 577.02971 ? 112 DA A "C4'" 1 
ATOM 226 O "O4'" . DA A 1 12 ? 9.04937   -2.19729  -3.32111  1.000 576.83495 ? 112 DA A "O4'" 1 
ATOM 227 C "C3'" . DA A 1 12 ? 10.48987  -1.19618  -1.70442  1.000 576.19803 ? 112 DA A "C3'" 1 
ATOM 228 O "O3'" . DA A 1 12 ? 11.04618  0.15183   -1.86594  1.000 581.43813 ? 112 DA A "O3'" 1 
ATOM 229 C "C2'" . DA A 1 12 ? 9.04421   -1.22828  -1.16887  1.000 573.80301 ? 112 DA A "C2'" 1 
ATOM 230 C "C1'" . DA A 1 12 ? 8.21588   -1.49772  -2.41780  1.000 576.21119 ? 112 DA A "C1'" 1 
ATOM 231 N N9    . DA A 1 12 ? 7.00772   -2.30405  -2.20814  1.000 572.13702 ? 112 DA A N9    1 
ATOM 232 C C8    . DA A 1 12 ? 6.93310   -3.66559  -2.21075  1.000 567.31276 ? 112 DA A C8    1 
ATOM 233 N N7    . DA A 1 12 ? 5.72672   -4.13677  -2.03806  1.000 564.74929 ? 112 DA A N7    1 
ATOM 234 C C5    . DA A 1 12 ? 4.93996   -3.00920  -1.92853  1.000 567.76544 ? 112 DA A C5    1 
ATOM 235 C C6    . DA A 1 12 ? 3.55895   -2.84438  -1.72716  1.000 566.75743 ? 112 DA A C6    1 
ATOM 236 N N6    . DA A 1 12 ? 2.71220   -3.87198  -1.60630  1.000 562.72273 ? 112 DA A N6    1 
ATOM 237 N N1    . DA A 1 12 ? 3.08094   -1.58863  -1.65263  1.000 570.00255 ? 112 DA A N1    1 
ATOM 238 C C2    . DA A 1 12 ? 3.93626   -0.56188  -1.77518  1.000 574.45045 ? 112 DA A C2    1 
ATOM 239 N N3    . DA A 1 12 ? 5.26296   -0.59162  -1.96527  1.000 576.18487 ? 112 DA A N3    1 
ATOM 240 C C4    . DA A 1 12 ? 5.70621   -1.86162  -2.03420  1.000 572.40547 ? 112 DA A C4    1 
ATOM 241 P P     . DC A 1 13 ? 10.21223  1.39614   -2.47283  1.000 570.07888 ? 113 DC A P     1 
ATOM 242 O OP1   . DC A 1 13 ? 9.31847   0.98360   -3.57091  1.000 571.73434 ? 113 DC A OP1   1 
ATOM 243 O OP2   . DC A 1 13 ? 11.21376  2.43965   -2.77327  1.000 574.82155 ? 113 DC A OP2   1 
ATOM 244 O "O5'" . DC A 1 13 ? 9.36360   1.93602   -1.23334  1.000 567.63911 ? 113 DC A "O5'" 1 
ATOM 245 C "C5'" . DC A 1 13 ? 7.95221   2.08587   -1.32406  1.000 567.42856 ? 113 DC A "C5'" 1 
ATOM 246 C "C4'" . DC A 1 13 ? 7.37375   2.15927   0.07171   1.000 562.27268 ? 113 DC A "C4'" 1 
ATOM 247 O "O4'" . DC A 1 13 ? 6.33020   1.17054   0.22837   1.000 557.54843 ? 113 DC A "O4'" 1 
ATOM 248 C "C3'" . DC A 1 13 ? 8.39607   1.88644   1.17690   1.000 559.41971 ? 113 DC A "C3'" 1 
ATOM 249 O "O3'" . DC A 1 13 ? 8.41942   2.96531   2.09204   1.000 560.32771 ? 113 DC A "O3'" 1 
ATOM 250 C "C2'" . DC A 1 13 ? 7.91063   0.58558   1.83263   1.000 553.31371 ? 113 DC A "C2'" 1 
ATOM 251 C "C1'" . DC A 1 13 ? 6.42738   0.59426   1.50748   1.000 552.29253 ? 113 DC A "C1'" 1 
ATOM 252 N N1    . DC A 1 13 ? 5.82334   -0.76846  1.44502   1.000 547.98939 ? 113 DC A N1    1 
ATOM 253 C C2    . DC A 1 13 ? 4.44336   -0.92029  1.60897   1.000 545.16010 ? 113 DC A C2    1 
ATOM 254 O O2    . DC A 1 13 ? 3.75244   0.08359   1.81503   1.000 545.91019 ? 113 DC A O2    1 
ATOM 255 N N3    . DC A 1 13 ? 3.90774   -2.16456  1.53754   1.000 541.70179 ? 113 DC A N3    1 
ATOM 256 C C4    . DC A 1 13 ? 4.69390   -3.21828  1.31293   1.000 540.80432 ? 113 DC A C4    1 
ATOM 257 N N4    . DC A 1 13 ? 4.12211   -4.42532  1.24873   1.000 537.49076 ? 113 DC A N4    1 
ATOM 258 C C5    . DC A 1 13 ? 6.10297   -3.08231  1.14178   1.000 543.22566 ? 113 DC A C5    1 
ATOM 259 C C6    . DC A 1 13 ? 6.61919   -1.85161  1.21400   1.000 546.89978 ? 113 DC A C6    1 
ATOM 260 P P     . DG A 1 14 ? 9.02164   4.38924   1.65669   1.000 522.20998 ? 114 DG A P     1 
ATOM 261 O OP1   . DG A 1 14 ? 10.02253  4.14560   0.59725   1.000 525.92358 ? 114 DG A OP1   1 
ATOM 262 O OP2   . DG A 1 14 ? 9.42651   5.10663   2.88455   1.000 522.01522 ? 114 DG A OP2   1 
ATOM 263 O "O5'" . DG A 1 14 ? 7.76810   5.15905   1.02548   1.000 524.86030 ? 114 DG A "O5'" 1 
ATOM 264 C "C5'" . DG A 1 14 ? 7.31543   6.37362   1.60631   1.000 526.26310 ? 114 DG A "C5'" 1 
ATOM 265 C "C4'" . DG A 1 14 ? 6.31577   6.10976   2.72189   1.000 520.20974 ? 114 DG A "C4'" 1 
ATOM 266 O "O4'" . DG A 1 14 ? 6.13045   4.69172   2.89146   1.000 514.79067 ? 114 DG A "O4'" 1 
ATOM 267 C "C3'" . DG A 1 14 ? 6.72744   6.65102   4.08883   1.000 518.68851 ? 114 DG A "C3'" 1 
ATOM 268 O "O3'" . DG A 1 14 ? 6.00014   7.88310   4.35530   1.000 520.68085 ? 114 DG A "O3'" 1 
ATOM 269 C "C2'" . DG A 1 14 ? 6.41873   5.50902   5.08165   1.000 512.17720 ? 114 DG A "C2'" 1 
ATOM 270 C "C1'" . DG A 1 14 ? 5.76168   4.42536   4.22294   1.000 509.97957 ? 114 DG A "C1'" 1 
ATOM 271 N N9    . DG A 1 14 ? 6.19550   3.05759   4.53575   1.000 506.30807 ? 114 DG A N9    1 
ATOM 272 C C8    . DG A 1 14 ? 7.48899   2.61302   4.66914   1.000 507.31083 ? 114 DG A C8    1 
ATOM 273 N N7    . DG A 1 14 ? 7.58198   1.33496   4.91144   1.000 503.88936 ? 114 DG A N7    1 
ATOM 274 C C5    . DG A 1 14 ? 6.26469   0.89593   4.94033   1.000 500.43105 ? 114 DG A C5    1 
ATOM 275 C C6    . DG A 1 14 ? 5.74014   -0.40095  5.16600   1.000 496.39373 ? 114 DG A C6    1 
ATOM 276 O O6    . DG A 1 14 ? 6.35675   -1.45109  5.39028   1.000 495.10147 ? 114 DG A O6    1 
ATOM 277 N N1    . DG A 1 14 ? 4.35036   -0.41378  5.11275   1.000 494.15925 ? 114 DG A N1    1 
ATOM 278 C C2    . DG A 1 14 ? 3.56086   0.68461   4.86981   1.000 495.56994 ? 114 DG A C2    1 
ATOM 279 N N2    . DG A 1 14 ? 2.23492   0.47326   4.85846   1.000 493.14597 ? 114 DG A N2    1 
ATOM 280 N N3    . DG A 1 14 ? 4.03828   1.90855   4.65334   1.000 499.48620 ? 114 DG A N3    1 
ATOM 281 C C4    . DG A 1 14 ? 5.39562   1.94008   4.70308   1.000 501.76542 ? 114 DG A C4    1 
ATOM 282 P P     . DG A 1 15 ? 5.19609   8.16360   5.72557   1.000 481.40772 ? 115 DG A P     1 
ATOM 283 O OP1   . DG A 1 15 ? 4.76720   9.57559   5.63149   1.000 485.44505 ? 115 DG A OP1   1 
ATOM 284 O OP2   . DG A 1 15 ? 5.97813   7.75917   6.91589   1.000 479.34958 ? 115 DG A OP2   1 
ATOM 285 O "O5'" . DG A 1 15 ? 3.87071   7.27027   5.60318   1.000 475.79652 ? 115 DG A "O5'" 1 
ATOM 286 C "C5'" . DG A 1 15 ? 2.70677   7.61271   6.36985   1.000 472.62246 ? 115 DG A "C5'" 1 
ATOM 287 C "C4'" . DG A 1 15 ? 1.46882   6.88735   5.85878   1.000 469.46155 ? 115 DG A "C4'" 1 
ATOM 288 O "O4'" . DG A 1 15 ? 1.81299   5.52195   5.53625   1.000 467.37709 ? 115 DG A "O4'" 1 
ATOM 289 C "C3'" . DG A 1 15 ? 0.36247   6.73524   6.87974   1.000 464.92153 ? 115 DG A "C3'" 1 
ATOM 290 O "O3'" . DG A 1 15 ? -0.85544  6.35282   6.21548   1.000 463.39767 ? 115 DG A "O3'" 1 
ATOM 291 C "C2'" . DG A 1 15 ? 0.93023   5.60519   7.72426   1.000 461.93433 ? 115 DG A "C2'" 1 
ATOM 292 C "C1'" . DG A 1 15 ? 1.50505   4.68976   6.64776   1.000 462.68179 ? 115 DG A "C1'" 1 
ATOM 293 N N9    . DG A 1 15 ? 2.72990   4.00032   7.02999   1.000 462.83181 ? 115 DG A N9    1 
ATOM 294 C C8    . DG A 1 15 ? 3.99430   4.52648   7.02728   1.000 466.44014 ? 115 DG A C8    1 
ATOM 295 N N7    . DG A 1 15 ? 4.91558   3.67859   7.37609   1.000 466.05325 ? 115 DG A N7    1 
ATOM 296 C C5    . DG A 1 15 ? 4.21861   2.50892   7.62891   1.000 462.08172 ? 115 DG A C5    1 
ATOM 297 C C6    . DG A 1 15 ? 4.69348   1.24837   8.04054   1.000 460.50785 ? 115 DG A C6    1 
ATOM 298 O O6    . DG A 1 15 ? 5.86100   0.91300   8.28177   1.000 462.22647 ? 115 DG A O6    1 
ATOM 299 N N1    . DG A 1 15 ? 3.65998   0.33152   8.17804   1.000 457.04164 ? 115 DG A N1    1 
ATOM 300 C C2    . DG A 1 15 ? 2.32987   0.59568   7.94380   1.000 455.18089 ? 115 DG A C2    1 
ATOM 301 N N2    . DG A 1 15 ? 1.47813   -0.42378  8.13407   1.000 452.26475 ? 115 DG A N2    1 
ATOM 302 N N3    . DG A 1 15 ? 1.86809   1.77738   7.54907   1.000 456.54948 ? 115 DG A N3    1 
ATOM 303 C C4    . DG A 1 15 ? 2.86889   2.68371   7.41033   1.000 460.05253 ? 115 DG A C4    1 
ATOM 304 P P     . DA A 1 16 ? -2.02511  5.54924   6.98010   1.000 586.02289 ? 116 DA A P     1 
ATOM 305 O OP1   . DA A 1 16 ? -1.71627  4.10711   6.84342   1.000 583.87001 ? 116 DA A OP1   1 
ATOM 306 O OP2   . DA A 1 16 ? -3.31250  6.05928   6.45675   1.000 586.32556 ? 116 DA A OP2   1 
ATOM 307 O "O5'" . DA A 1 16 ? -1.90944  6.02099   8.51179   1.000 584.99382 ? 116 DA A "O5'" 1 
ATOM 308 C "C5'" . DA A 1 16 ? -2.87823  5.60711   9.48227   1.000 582.17506 ? 116 DA A "C5'" 1 
ATOM 309 C "C4'" . DA A 1 16 ? -2.72957  4.13188   9.82976   1.000 579.98533 ? 116 DA A "C4'" 1 
ATOM 310 O "O4'" . DA A 1 16 ? -1.37871  3.68049   9.54247   1.000 581.01703 ? 116 DA A "O4'" 1 
ATOM 311 C "C3'" . DA A 1 16 ? -2.99258  3.78028   11.29984  1.000 579.26419 ? 116 DA A "C3'" 1 
ATOM 312 O "O3'" . DA A 1 16 ? -3.91447  2.69805   11.37506  1.000 577.36923 ? 116 DA A "O3'" 1 
ATOM 313 C "C2'" . DA A 1 16 ? -1.60760  3.38558   11.82642  1.000 580.50118 ? 116 DA A "C2'" 1 
ATOM 314 C "C1'" . DA A 1 16 ? -0.96719  2.81955   10.57348  1.000 580.25115 ? 116 DA A "C1'" 1 
ATOM 315 N N9    . DA A 1 16 ? 0.49713   2.78106   10.59867  1.000 582.20665 ? 116 DA A N9    1 
ATOM 316 C C8    . DA A 1 16 ? 1.35427   3.77616   10.23209  1.000 585.02277 ? 116 DA A C8    1 
ATOM 317 N N7    . DA A 1 16 ? 2.62169   3.45836   10.34184  1.000 586.67034 ? 116 DA A N7    1 
ATOM 318 C C5    . DA A 1 16 ? 2.59492   2.16177   10.81724  1.000 584.80696 ? 116 DA A C5    1 
ATOM 319 C C6    . DA A 1 16 ? 3.61693   1.25359   11.15105  1.000 585.68601 ? 116 DA A C6    1 
ATOM 320 N N6    . DA A 1 16 ? 4.92073   1.53487   11.04601  1.000 588.52056 ? 116 DA A N6    1 
ATOM 321 N N1    . DA A 1 16 ? 3.24564   0.04027   11.59618  1.000 584.06740 ? 116 DA A N1    1 
ATOM 322 C C2    . DA A 1 16 ? 1.94305   -0.24276  11.69814  1.000 581.67500 ? 116 DA A C2    1 
ATOM 323 N N3    . DA A 1 16 ? 0.89515   0.52644   11.41945  1.000 580.50381 ? 116 DA A N3    1 
ATOM 324 C C4    . DA A 1 16 ? 1.29204   1.72591   10.97565  1.000 582.14875 ? 116 DA A C4    1 
ATOM 325 P P     . DC A 1 17 ? -4.70181  2.39111   12.74166  1.000 435.78646 ? 117 DC A P     1 
ATOM 326 O OP1   . DC A 1 17 ? -6.05065  1.89465   12.38687  1.000 434.51526 ? 117 DC A OP1   1 
ATOM 327 O OP2   . DC A 1 17 ? -4.56756  3.56976   13.62180  1.000 437.88934 ? 117 DC A OP2   1 
ATOM 328 O "O5'" . DC A 1 17 ? -3.86570  1.20206   13.40138  1.000 436.21809 ? 117 DC A "O5'" 1 
ATOM 329 C "C5'" . DC A 1 17 ? -3.77040  -0.04481  12.74036  1.000 434.67580 ? 117 DC A "C5'" 1 
ATOM 330 C "C4'" . DC A 1 17 ? -2.99033  -1.04836  13.57360  1.000 435.95490 ? 117 DC A "C4'" 1 
ATOM 331 O "O4'" . DC A 1 17 ? -1.56557  -0.80439  13.44090  1.000 437.11557 ? 117 DC A "O4'" 1 
ATOM 332 C "C3'" . DC A 1 17 ? -3.26944  -1.02460  15.07555  1.000 438.91315 ? 117 DC A "C3'" 1 
ATOM 333 O "O3'" . DC A 1 17 ? -3.15007  -2.34211  15.57705  1.000 440.05803 ? 117 DC A "O3'" 1 
ATOM 334 C "C2'" . DC A 1 17 ? -2.14054  -0.13806  15.59773  1.000 441.29502 ? 117 DC A "C2'" 1 
ATOM 335 C "C1'" . DC A 1 17 ? -1.00160  -0.63213  14.72483  1.000 440.26068 ? 117 DC A "C1'" 1 
ATOM 336 N N1    . DC A 1 17 ? 0.15945   0.29782   14.60432  1.000 441.76876 ? 117 DC A N1    1 
ATOM 337 C C2    . DC A 1 17 ? 1.44671   -0.18512  14.85459  1.000 443.94270 ? 117 DC A C2    1 
ATOM 338 O O2    . DC A 1 17 ? 1.58565   -1.36576  15.19477  1.000 444.61647 ? 117 DC A O2    1 
ATOM 339 N N3    . DC A 1 17 ? 2.50303   0.65420   14.72114  1.000 445.72976 ? 117 DC A N3    1 
ATOM 340 C C4    . DC A 1 17 ? 2.30807   1.91973   14.34741  1.000 445.43762 ? 117 DC A C4    1 
ATOM 341 N N4    . DC A 1 17 ? 3.38261   2.70963   14.22844  1.000 447.76948 ? 117 DC A N4    1 
ATOM 342 C C5    . DC A 1 17 ? 1.00106   2.43102   14.08270  1.000 443.28736 ? 117 DC A C5    1 
ATOM 343 C C6    . DC A 1 17 ? -0.03389  1.59017   14.21692  1.000 441.46346 ? 117 DC A C6    1 
ATOM 344 P P     . DA A 1 18 ? -3.97937  -2.80961  16.86837  1.000 426.38270 ? 118 DA A P     1 
ATOM 345 O OP1   . DA A 1 18 ? -5.23883  -3.42175  16.39091  1.000 424.80883 ? 118 DA A OP1   1 
ATOM 346 O OP2   . DA A 1 18 ? -4.02753  -1.67242  17.81396  1.000 429.78574 ? 118 DA A OP2   1 
ATOM 347 O "O5'" . DA A 1 18 ? -3.06287  -3.95562  17.50733  1.000 428.43821 ? 118 DA A "O5'" 1 
ATOM 348 C "C5'" . DA A 1 18 ? -1.65472  -3.95797  17.27074  1.000 428.31188 ? 118 DA A "C5'" 1 
ATOM 349 C "C4'" . DA A 1 18 ? -0.89527  -3.90445  18.58042  1.000 433.38617 ? 118 DA A "C4'" 1 
ATOM 350 O "O4'" . DA A 1 18 ? 0.29524   -3.07848  18.41925  1.000 434.12837 ? 118 DA A "O4'" 1 
ATOM 351 C "C3'" . DA A 1 18 ? -1.66660  -3.26792  19.72972  1.000 437.16557 ? 118 DA A "C3'" 1 
ATOM 352 O "O3'" . DA A 1 18 ? -1.18792  -3.76898  20.96289  1.000 442.34514 ? 118 DA A "O3'" 1 
ATOM 353 C "C2'" . DA A 1 18 ? -1.28120  -1.81186  19.56593  1.000 437.24716 ? 118 DA A "C2'" 1 
ATOM 354 C "C1'" . DA A 1 18 ? 0.20318   -1.97166  19.29550  1.000 437.61036 ? 118 DA A "C1'" 1 
ATOM 355 N N9    . DA A 1 18 ? 0.82441   -0.80501  18.66954  1.000 436.68920 ? 118 DA A N9    1 
ATOM 356 C C8    . DA A 1 18 ? 0.19070   0.21192   18.01250  1.000 434.33892 ? 118 DA A C8    1 
ATOM 357 N N7    . DA A 1 18 ? 1.00258   1.13329   17.55137  1.000 434.61527 ? 118 DA A N7    1 
ATOM 358 C C5    . DA A 1 18 ? 2.25641   0.69348   17.93519  1.000 437.36297 ? 118 DA A C5    1 
ATOM 359 C C6    . DA A 1 18 ? 3.54406   1.22987   17.74928  1.000 439.53954 ? 118 DA A C6    1 
ATOM 360 N N6    . DA A 1 18 ? 3.77461   2.37342   17.09861  1.000 439.13160 ? 118 DA A N6    1 
ATOM 361 N N1    . DA A 1 18 ? 4.58736   0.54471   18.25926  1.000 442.75572 ? 118 DA A N1    1 
ATOM 362 C C2    . DA A 1 18 ? 4.34874   -0.59787  18.91401  1.000 443.65319 ? 118 DA A C2    1 
ATOM 363 N N3    . DA A 1 18 ? 3.18435   -1.20386  19.14711  1.000 441.83455 ? 118 DA A N3    1 
ATOM 364 C C4    . DA A 1 18 ? 2.16763   -0.49765  18.62869  1.000 438.68154 ? 118 DA A C4    1 
ATOM 365 P P     . DT A 1 19 ? -1.71089  -5.17093  21.54757  1.000 507.67929 ? 119 DT A P     1 
ATOM 366 O OP1   . DT A 1 19 ? -2.30974  -5.96143  20.44902  1.000 501.90755 ? 119 DT A OP1   1 
ATOM 367 O OP2   . DT A 1 19 ? -2.50892  -4.87117  22.75687  1.000 513.69317 ? 119 DT A OP2   1 
ATOM 368 O "O5'" . DT A 1 19 ? -0.36889  -5.88673  22.03539  1.000 512.25879 ? 119 DT A "O5'" 1 
ATOM 369 C "C5'" . DT A 1 19 ? 0.88054   -5.52314  21.45423  1.000 510.13485 ? 119 DT A "C5'" 1 
ATOM 370 C "C4'" . DT A 1 19 ? 1.81266   -4.93635  22.50176  1.000 516.30664 ? 119 DT A "C4'" 1 
ATOM 371 O "O4'" . DT A 1 19 ? 2.31522   -3.66170  22.04143  1.000 513.17205 ? 119 DT A "O4'" 1 
ATOM 372 C "C3'" . DT A 1 19 ? 1.17483   -4.69032  23.86887  1.000 523.11272 ? 119 DT A "C3'" 1 
ATOM 373 O "O3'" . DT A 1 19 ? 1.77887   -5.53920  24.87755  1.000 531.32423 ? 119 DT A "O3'" 1 
ATOM 374 C "C2'" . DT A 1 19 ? 1.35863   -3.18600  24.14750  1.000 523.08640 ? 119 DT A "C2'" 1 
ATOM 375 C "C1'" . DT A 1 19 ? 2.38247   -2.73975  23.10602  1.000 517.90157 ? 119 DT A "C1'" 1 
ATOM 376 N N1    . DT A 1 19 ? 2.11918   -1.38215  22.53621  1.000 513.28523 ? 119 DT A N1    1 
ATOM 377 C C2    . DT A 1 19 ? 3.17717   -0.61860  22.10746  1.000 512.05350 ? 119 DT A C2    1 
ATOM 378 O O2    . DT A 1 19 ? 4.33517   -0.98207  22.18558  1.000 514.55117 ? 119 DT A O2    1 
ATOM 379 N N3    . DT A 1 19 ? 2.83214   0.59489   21.57844  1.000 508.38990 ? 119 DT A N3    1 
ATOM 380 C C4    . DT A 1 19 ? 1.56402   1.11248   21.43316  1.000 505.80012 ? 119 DT A C4    1 
ATOM 381 O O4    . DT A 1 19 ? 1.36058   2.22025   20.95016  1.000 503.16033 ? 119 DT A O4    1 
ATOM 382 C C5    . DT A 1 19 ? 0.49772   0.26249   21.90143  1.000 507.15554 ? 119 DT A C5    1 
ATOM 383 C C7    . DT A 1 19 ? -0.92450  0.72244   21.80289  1.000 505.20531 ? 119 DT A C7    1 
ATOM 384 C C6    . DT A 1 19 ? 0.82119   -0.93286  22.42143  1.000 510.84809 ? 119 DT A C6    1 
ATOM 385 P P     . DC A 1 20 ? 3.28103   -5.30871  25.41486  1.000 696.17821 ? 120 DC A P     1 
ATOM 386 O OP1   . DC A 1 20 ? 4.20648   -4.99280  24.30139  1.000 690.16433 ? 120 DC A OP1   1 
ATOM 387 O OP2   . DC A 1 20 ? 3.58294   -6.48315  26.25885  1.000 704.30813 ? 120 DC A OP2   1 
ATOM 388 O "O5'" . DC A 1 20 ? 3.15244   -4.04937  26.39262  1.000 700.37608 ? 120 DC A "O5'" 1 
ATOM 389 C "C5'" . DC A 1 20 ? 4.21799   -3.70637  27.26542  1.000 706.75053 ? 120 DC A "C5'" 1 
ATOM 390 C "C4'" . DC A 1 20 ? 5.37069   -3.09461  26.49533  1.000 702.33684 ? 120 DC A "C4'" 1 
ATOM 391 O "O4'" . DC A 1 20 ? 4.85304   -2.20796  25.46702  1.000 693.93320 ? 120 DC A "O4'" 1 
ATOM 392 C "C3'" . DC A 1 20 ? 6.31559   -2.23944  27.32962  1.000 707.66906 ? 120 DC A "C3'" 1 
ATOM 393 O "O3'" . DC A 1 20 ? 7.62589   -2.32130  26.78798  1.000 707.32691 ? 120 DC A "O3'" 1 
ATOM 394 C "C2'" . DC A 1 20 ? 5.72910   -0.84806  27.14157  1.000 702.97113 ? 120 DC A "C2'" 1 
ATOM 395 C "C1'" . DC A 1 20 ? 5.37356   -0.91096  25.67076  1.000 694.08848 ? 120 DC A "C1'" 1 
ATOM 396 N N1    . DC A 1 20 ? 4.36044   0.08294   25.22855  1.000 688.68520 ? 120 DC A N1    1 
ATOM 397 C C2    . DC A 1 20 ? 4.78129   1.24651   24.58523  1.000 684.80053 ? 120 DC A C2    1 
ATOM 398 O O2    . DC A 1 20 ? 5.98813   1.44148   24.42460  1.000 686.04278 ? 120 DC A O2    1 
ATOM 399 N N3    . DC A 1 20 ? 3.85365   2.13748   24.16521  1.000 680.47632 ? 120 DC A N3    1 
ATOM 400 C C4    . DC A 1 20 ? 2.55969   1.89399   24.35780  1.000 679.77098 ? 120 DC A C4    1 
ATOM 401 N N4    . DC A 1 20 ? 1.68299   2.80786   23.92643  1.000 675.93631 ? 120 DC A N4    1 
ATOM 402 C C5    . DC A 1 20 ? 2.10653   0.70873   25.00866  1.000 683.72935 ? 120 DC A C5    1 
ATOM 403 C C6    . DC A 1 20 ? 3.03306   -0.16471  25.41891  1.000 688.12461 ? 120 DC A C6    1 
ATOM 404 P P     . DA A 1 21 ? 8.83786   -2.89481  27.67308  1.000 645.06418 ? 121 DA A P     1 
ATOM 405 O OP1   . DA A 1 21 ? 9.82899   -3.48738  26.74793  1.000 642.82971 ? 121 DA A OP1   1 
ATOM 406 O OP2   . DA A 1 21 ? 8.24313   -3.72825  28.74123  1.000 652.46770 ? 121 DA A OP2   1 
ATOM 407 O "O5'" . DA A 1 21 ? 9.46279   -1.58894  28.35689  1.000 648.44090 ? 121 DA A "O5'" 1 
ATOM 408 C "C5'" . DA A 1 21 ? 8.82060   -1.00349  29.48503  1.000 653.25990 ? 121 DA A "C5'" 1 
ATOM 409 C "C4'" . DA A 1 21 ? 9.25748   0.43887   29.68047  1.000 652.87302 ? 121 DA A "C4'" 1 
ATOM 410 O "O4'" . DA A 1 21 ? 8.44831   1.31257   28.84294  1.000 644.40358 ? 121 DA A "O4'" 1 
ATOM 411 C "C3'" . DA A 1 21 ? 9.09263   0.96445   31.09989  1.000 660.98451 ? 121 DA A "C3'" 1 
ATOM 412 O "O3'" . DA A 1 21 ? 10.11358  1.90852   31.39350  1.000 663.46902 ? 121 DA A "O3'" 1 
ATOM 413 C "C2'" . DA A 1 21 ? 7.72241   1.62315   31.04905  1.000 656.90508 ? 121 DA A "C2'" 1 
ATOM 414 C "C1'" . DA A 1 21 ? 7.71773   2.21904   29.65196  1.000 646.66438 ? 121 DA A "C1'" 1 
ATOM 415 N N9    . DA A 1 21 ? 6.37883   2.35818   29.08599  1.000 640.34257 ? 121 DA A N9    1 
ATOM 416 C C8    . DA A 1 21 ? 5.29991   1.55679   29.32770  1.000 641.28478 ? 121 DA A C8    1 
ATOM 417 N N7    . DA A 1 21 ? 4.22043   1.90779   28.67147  1.000 634.93402 ? 121 DA A N7    1 
ATOM 418 C C5    . DA A 1 21 ? 4.61924   3.01851   27.94670  1.000 629.60180 ? 121 DA A C5    1 
ATOM 419 C C6    . DA A 1 21 ? 3.93385   3.85889   27.04948  1.000 622.50622 ? 121 DA A C6    1 
ATOM 420 N N6    . DA A 1 21 ? 2.65058   3.68836   26.73075  1.000 619.17424 ? 121 DA A N6    1 
ATOM 421 N N1    . DA A 1 21 ? 4.62175   4.88885   26.49821  1.000 619.74010 ? 121 DA A N1    1 
ATOM 422 C C2    . DA A 1 21 ? 5.91144   5.04105   26.82567  1.000 623.58266 ? 121 DA A C2    1 
ATOM 423 N N3    . DA A 1 21 ? 6.65986   4.31468   27.65686  1.000 630.09397 ? 121 DA A N3    1 
ATOM 424 C C4    . DA A 1 21 ? 5.94686   3.31026   28.18865  1.000 632.87588 ? 121 DA A C4    1 
ATOM 425 P P     . DC B 2 1  ? 5.37905   -7.67473  6.97980   1.000 472.31716 ? 119 DC B P     1 
ATOM 426 O OP1   . DC B 2 1  ? 5.00195   -8.61839  5.90081   1.000 464.63729 ? 119 DC B OP1   1 
ATOM 427 O OP2   . DC B 2 1  ? 6.21529   -6.49113  6.67987   1.000 474.82535 ? 119 DC B OP2   1 
ATOM 428 O "O5'" . DC B 2 1  ? 4.05441   -7.17258  7.72720   1.000 472.26715 ? 119 DC B "O5'" 1 
ATOM 429 C "C5'" . DC B 2 1  ? 3.08346   -8.11789  8.15610   1.000 471.83289 ? 119 DC B "C5'" 1 
ATOM 430 C "C4'" . DC B 2 1  ? 2.27462   -7.58586  9.32789   1.000 478.29945 ? 119 DC B "C4'" 1 
ATOM 431 O "O4'" . DC B 2 1  ? 3.07411   -6.64781  10.09425  1.000 487.10840 ? 119 DC B "O4'" 1 
ATOM 432 C "C3'" . DC B 2 1  ? 1.00865   -6.84098  8.93927   1.000 474.74113 ? 119 DC B "C3'" 1 
ATOM 433 O "O3'" . DC B 2 1  ? -0.02752  -7.08260  9.88565   1.000 476.63346 ? 119 DC B "O3'" 1 
ATOM 434 C "C2'" . DC B 2 1  ? 1.44821   -5.38106  8.93280   1.000 478.77056 ? 119 DC B "C2'" 1 
ATOM 435 C "C1'" . DC B 2 1  ? 2.52343   -5.34465  10.01527  1.000 488.18485 ? 119 DC B "C1'" 1 
ATOM 436 N N1    . DC B 2 1  ? 3.64005   -4.38458  9.71929   1.000 491.60368 ? 119 DC B N1    1 
ATOM 437 C C2    . DC B 2 1  ? 3.37480   -3.01460  9.54704   1.000 492.69592 ? 119 DC B C2    1 
ATOM 438 O O2    . DC B 2 1  ? 2.21637   -2.59321  9.63097   1.000 490.72199 ? 119 DC B O2    1 
ATOM 439 N N3    . DC B 2 1  ? 4.40347   -2.17981  9.27805   1.000 495.62521 ? 119 DC B N3    1 
ATOM 440 C C4    . DC B 2 1  ? 5.64326   -2.65386  9.18476   1.000 497.76494 ? 119 DC B C4    1 
ATOM 441 N N4    . DC B 2 1  ? 6.62499   -1.78759  8.92334   1.000 500.70477 ? 119 DC B N4    1 
ATOM 442 C C5    . DC B 2 1  ? 5.93529   -4.03449  9.36086   1.000 496.70429 ? 119 DC B C5    1 
ATOM 443 C C6    . DC B 2 1  ? 4.91600   -4.85521  9.62355   1.000 493.46969 ? 119 DC B C6    1 
ATOM 444 P P     . DC B 2 2  ? -1.50563  -7.42896  9.36269   1.000 405.27491 ? 120 DC B P     1 
ATOM 445 O OP1   . DC B 2 2  ? -2.35517  -6.23895  9.60995   1.000 408.15420 ? 120 DC B OP1   1 
ATOM 446 O OP2   . DC B 2 2  ? -1.86644  -8.76175  9.90013   1.000 408.70953 ? 120 DC B OP2   1 
ATOM 447 O "O5'" . DC B 2 2  ? -1.30599  -7.61532  7.78562   1.000 398.20301 ? 120 DC B "O5'" 1 
ATOM 448 C "C5'" . DC B 2 2  ? -2.30385  -7.17042  6.87127   1.000 396.53965 ? 120 DC B "C5'" 1 
ATOM 449 C "C4'" . DC B 2 2  ? -2.07849  -5.72011  6.46280   1.000 394.04198 ? 120 DC B "C4'" 1 
ATOM 450 O "O4'" . DC B 2 2  ? -0.70330  -5.34689  6.68340   1.000 391.92331 ? 120 DC B "O4'" 1 
ATOM 451 C "C3'" . DC B 2 2  ? -2.35721  -5.41862  4.98811   1.000 388.45973 ? 120 DC B "C3'" 1 
ATOM 452 O "O3'" . DC B 2 2  ? -3.54247  -4.65381  4.86325   1.000 390.43365 ? 120 DC B "O3'" 1 
ATOM 453 C "C2'" . DC B 2 2  ? -1.12627  -4.63085  4.50621   1.000 383.74864 ? 120 DC B "C2'" 1 
ATOM 454 C "C1'" . DC B 2 2  ? -0.38018  -4.31275  5.79405   1.000 387.49120 ? 120 DC B "C1'" 1 
ATOM 455 N N1    . DC B 2 2  ? 1.09864   -4.27579  5.62014   1.000 383.77496 ? 120 DC B N1    1 
ATOM 456 C C2    . DC B 2 2  ? 1.76188   -3.04251  5.56835   1.000 382.32742 ? 120 DC B C2    1 
ATOM 457 O O2    . DC B 2 2  ? 1.10988   -1.99625  5.67450   1.000 384.15659 ? 120 DC B O2    1 
ATOM 458 N N3    . DC B 2 2  ? 3.10630   -3.02989  5.40228   1.000 379.13230 ? 120 DC B N3    1 
ATOM 459 C C4    . DC B 2 2  ? 3.77541   -4.17988  5.29046   1.000 377.35577 ? 120 DC B C4    1 
ATOM 460 N N4    . DC B 2 2  ? 5.10013   -4.11670  5.12850   1.000 374.37120 ? 120 DC B N4    1 
ATOM 461 C C5    . DC B 2 2  ? 3.11781   -5.44239  5.33708   1.000 378.75594 ? 120 DC B C5    1 
ATOM 462 C C6    . DC B 2 2  ? 1.79235   -5.44348  5.49877   1.000 381.95106 ? 120 DC B C6    1 
ATOM 463 P P     . DG B 2 3  ? -4.92590  -5.37520  4.48183   1.000 517.15411 ? 121 DG B P     1 
ATOM 464 O OP1   . DG B 2 3  ? -5.69188  -5.53907  5.73691   1.000 524.32602 ? 121 DG B OP1   1 
ATOM 465 O OP2   . DG B 2 3  ? -4.59997  -6.56953  3.67173   1.000 513.35892 ? 121 DG B OP2   1 
ATOM 466 O "O5'" . DG B 2 3  ? -5.67130  -4.30941  3.54610   1.000 514.69855 ? 121 DG B "O5'" 1 
ATOM 467 C "C5'" . DG B 2 3  ? -6.33132  -3.18981  4.13323   1.000 518.54375 ? 121 DG B "C5'" 1 
ATOM 468 C "C4'" . DG B 2 3  ? -5.79041  -1.88113  3.58142   1.000 514.83278 ? 121 DG B "C4'" 1 
ATOM 469 O "O4'" . DG B 2 3  ? -4.34553  -1.96755  3.45060   1.000 511.09023 ? 121 DG B "O4'" 1 
ATOM 470 C "C3'" . DG B 2 3  ? -6.31236  -1.49245  2.20050   1.000 510.08747 ? 121 DG B "C3'" 1 
ATOM 471 O "O3'" . DG B 2 3  ? -6.42637  -0.07483  2.11473   1.000 509.96904 ? 121 DG B "O3'" 1 
ATOM 472 C "C2'" . DG B 2 3  ? -5.22682  -2.02975  1.27454   1.000 503.84988 ? 121 DG B "C2'" 1 
ATOM 473 C "C1'" . DG B 2 3  ? -3.97476  -1.77799  2.10065   1.000 504.62366 ? 121 DG B "C1'" 1 
ATOM 474 N N9    . DG B 2 3  ? -2.88302  -2.69080  1.78771   1.000 501.11008 ? 121 DG B N9    1 
ATOM 475 C C8    . DG B 2 3  ? -2.98321  -4.02412  1.47416   1.000 500.20734 ? 121 DG B C8    1 
ATOM 476 N N7    . DG B 2 3  ? -1.83306  -4.58828  1.23352   1.000 497.00169 ? 121 DG B N7    1 
ATOM 477 C C5    . DG B 2 3  ? -0.91074  -3.56363  1.39981   1.000 495.69364 ? 121 DG B C5    1 
ATOM 478 C C6    . DG B 2 3  ? 0.49731   -3.57717  1.27967   1.000 497.64125 ? 121 DG B C6    1 
ATOM 479 O O6    . DG B 2 3  ? 1.23561   -4.52772  0.98441   1.000 496.93590 ? 121 DG B O6    1 
ATOM 480 N N1    . DG B 2 3  ? 1.04651   -2.32356  1.53720   1.000 501.03902 ? 121 DG B N1    1 
ATOM 481 C C2    . DG B 2 3  ? 0.32437   -1.20161  1.87200   1.000 502.10757 ? 121 DG B C2    1 
ATOM 482 N N2    . DG B 2 3  ? 1.02515   -0.07955  2.08469   1.000 505.56325 ? 121 DG B N2    1 
ATOM 483 N N3    . DG B 2 3  ? -0.99496  -1.17858  1.99214   1.000 499.92573 ? 121 DG B N3    1 
ATOM 484 C C4    . DG B 2 3  ? -1.54410  -2.38983  1.74428   1.000 498.23869 ? 121 DG B C4    1 
ATOM 485 P P     . DT B 2 4  ? -6.97276  0.62831   0.77732   1.000 495.13042 ? 122 DT B P     1 
ATOM 486 O OP1   . DT B 2 4  ? -7.91193  1.68582   1.21191   1.000 499.14932 ? 122 DT B OP1   1 
ATOM 487 O OP2   . DT B 2 4  ? -7.45386  -0.41368  -0.15598  1.000 492.22217 ? 122 DT B OP2   1 
ATOM 488 O "O5'" . DT B 2 4  ? -5.66641  1.31996   0.16006   1.000 489.80346 ? 122 DT B "O5'" 1 
ATOM 489 C "C5'" . DT B 2 4  ? -5.04377  2.38345   0.86741   1.000 491.69316 ? 122 DT B "C5'" 1 
ATOM 490 C "C4'" . DT B 2 4  ? -3.72329  2.78161   0.23193   1.000 486.49254 ? 122 DT B "C4'" 1 
ATOM 491 O "O4'" . DT B 2 4  ? -2.79450  1.66289   0.26051   1.000 484.60021 ? 122 DT B "O4'" 1 
ATOM 492 C "C3'" . DT B 2 4  ? -3.79848  3.22854   -1.23482  1.000 480.63657 ? 122 DT B "C3'" 1 
ATOM 493 O "O3'" . DT B 2 4  ? -3.04975  4.44121   -1.39838  1.000 478.93900 ? 122 DT B "O3'" 1 
ATOM 494 C "C2'" . DT B 2 4  ? -3.15813  2.05747   -1.97732  1.000 476.17288 ? 122 DT B "C2'" 1 
ATOM 495 C "C1'" . DT B 2 4  ? -2.11395  1.63698   -0.96590  1.000 478.30208 ? 122 DT B "C1'" 1 
ATOM 496 N N1    . DT B 2 4  ? -1.56479  0.27780   -1.20252  1.000 476.18078 ? 122 DT B N1    1 
ATOM 497 C C2    . DT B 2 4  ? -0.19985  0.10471   -1.23558  1.000 473.62784 ? 122 DT B C2    1 
ATOM 498 O O2    . DT B 2 4  ? 0.59182   1.01119   -1.06236  1.000 473.08830 ? 122 DT B O2    1 
ATOM 499 N N3    . DT B 2 4  ? 0.20943   -1.17939  -1.47084  1.000 471.92237 ? 122 DT B N3    1 
ATOM 500 C C4    . DT B 2 4  ? -0.59733  -2.28595  -1.67787  1.000 472.57508 ? 122 DT B C4    1 
ATOM 501 O O4    . DT B 2 4  ? -0.13765  -3.40266  -1.88198  1.000 471.10385 ? 122 DT B O4    1 
ATOM 502 C C5    . DT B 2 4  ? -2.01968  -2.03164  -1.63913  1.000 475.29646 ? 122 DT B C5    1 
ATOM 503 C C7    . DT B 2 4  ? -2.99364  -3.15271  -1.85217  1.000 476.47818 ? 122 DT B C7    1 
ATOM 504 C C6    . DT B 2 4  ? -2.42830  -0.77565  -1.40935  1.000 476.90455 ? 122 DT B C6    1 
ATOM 505 P P     . DA B 2 5  ? -2.44980  4.86589   -2.83151  1.000 357.44022 ? 123 DA B P     1 
ATOM 506 O OP1   . DA B 2 5  ? -2.06595  6.29197   -2.75176  1.000 357.68762 ? 123 DA B OP1   1 
ATOM 507 O OP2   . DA B 2 5  ? -3.39733  4.45910   -3.89148  1.000 354.63989 ? 123 DA B OP2   1 
ATOM 508 O "O5'" . DA B 2 5  ? -1.12210  3.98449   -2.96757  1.000 354.38460 ? 123 DA B "O5'" 1 
ATOM 509 C "C5'" . DA B 2 5  ? 0.13646   4.52414   -2.60118  1.000 354.01087 ? 123 DA B "C5'" 1 
ATOM 510 C "C4'" . DA B 2 5  ? 1.17826   4.21599   -3.66084  1.000 348.13385 ? 123 DA B "C4'" 1 
ATOM 511 O "O4'" . DA B 2 5  ? 1.44206   2.78673   -3.68438  1.000 347.21005 ? 123 DA B "O4'" 1 
ATOM 512 C "C3'" . DA B 2 5  ? 0.77466   4.58646   -5.08522  1.000 343.34117 ? 123 DA B "C3'" 1 
ATOM 513 O "O3'" . DA B 2 5  ? 1.91442   4.99914   -5.81123  1.000 339.12224 ? 123 DA B "O3'" 1 
ATOM 514 C "C2'" . DA B 2 5  ? 0.22647   3.27317   -5.62406  1.000 341.71992 ? 123 DA B "C2'" 1 
ATOM 515 C "C1'" . DA B 2 5  ? 1.17034   2.27362   -4.97374  1.000 342.58844 ? 123 DA B "C1'" 1 
ATOM 516 N N9    . DA B 2 5  ? 0.59683   0.93720   -4.83431  1.000 343.79648 ? 123 DA B N9    1 
ATOM 517 C C8    . DA B 2 5  ? -0.72314  0.62322   -4.66984  1.000 346.49944 ? 123 DA B C8    1 
ATOM 518 N N7    . DA B 2 5  ? -0.95541  -0.66545  -4.58194  1.000 347.22584 ? 123 DA B N7    1 
ATOM 519 C C5    . DA B 2 5  ? 0.30078   -1.24037  -4.69839  1.000 344.75713 ? 123 DA B C5    1 
ATOM 520 C C6    . DA B 2 5  ? 0.73984   -2.58276  -4.68385  1.000 344.25180 ? 123 DA B C6    1 
ATOM 521 N N6    . DA B 2 5  ? -0.08655  -3.62573  -4.53720  1.000 346.36521 ? 123 DA B N6    1 
ATOM 522 N N1    . DA B 2 5  ? 2.06163   -2.81266  -4.82352  1.000 341.69097 ? 123 DA B N1    1 
ATOM 523 C C2    . DA B 2 5  ? 2.88671   -1.76717  -4.96919  1.000 339.81443 ? 123 DA B C2    1 
ATOM 524 N N3    . DA B 2 5  ? 2.59407   -0.46471  -4.99932  1.000 340.11183 ? 123 DA B N3    1 
ATOM 525 C C4    . DA B 2 5  ? 1.27179   -0.26757  -4.85676  1.000 342.61740 ? 123 DA B C4    1 
ATOM 526 P P     . DC B 2 6  ? 2.04535   6.51965   -6.30859  1.000 384.69876 ? 124 DC B P     1 
ATOM 527 O OP1   . DC B 2 6  ? 1.92055   7.38852   -5.11561  1.000 389.88622 ? 124 DC B OP1   1 
ATOM 528 O OP2   . DC B 2 6  ? 1.14238   6.69521   -7.47125  1.000 381.53785 ? 124 DC B OP2   1 
ATOM 529 O "O5'" . DC B 2 6  ? 3.54647   6.61522   -6.84957  1.000 380.84303 ? 124 DC B "O5'" 1 
ATOM 530 C "C5'" . DC B 2 6  ? 4.59166   5.89335   -6.19774  1.000 381.68261 ? 124 DC B "C5'" 1 
ATOM 531 C "C4'" . DC B 2 6  ? 5.19899   4.87004   -7.14356  1.000 377.07942 ? 124 DC B "C4'" 1 
ATOM 532 O "O4'" . DC B 2 6  ? 4.41947   3.64010   -7.10431  1.000 377.70055 ? 124 DC B "O4'" 1 
ATOM 533 C "C3'" . DC B 2 6  ? 5.23156   5.30156   -8.61174  1.000 371.94460 ? 124 DC B "C3'" 1 
ATOM 534 O "O3'" . DC B 2 6  ? 6.48032   4.96382   -9.19563  1.000 368.48629 ? 124 DC B "O3'" 1 
ATOM 535 C "C2'" . DC B 2 6  ? 4.08888   4.50726   -9.23929  1.000 370.68918 ? 124 DC B "C2'" 1 
ATOM 536 C "C1'" . DC B 2 6  ? 4.13026   3.22981   -8.42500  1.000 373.20264 ? 124 DC B "C1'" 1 
ATOM 537 N N1    . DC B 2 6  ? 2.83347   2.48634   -8.43388  1.000 374.60807 ? 124 DC B N1    1 
ATOM 538 C C2    . DC B 2 6  ? 2.80224   1.13165   -8.08368  1.000 375.75821 ? 124 DC B C2    1 
ATOM 539 O O2    . DC B 2 6  ? 3.84863   0.56245   -7.76656  1.000 375.50028 ? 124 DC B O2    1 
ATOM 540 N N3    . DC B 2 6  ? 1.62169   0.47613   -8.10640  1.000 377.24523 ? 124 DC B N3    1 
ATOM 541 C C4    . DC B 2 6  ? 0.50744   1.12053   -8.45714  1.000 377.54527 ? 124 DC B C4    1 
ATOM 542 N N4    . DC B 2 6  ? -0.63534  0.43202   -8.45799  1.000 379.23494 ? 124 DC B N4    1 
ATOM 543 C C5    . DC B 2 6  ? 0.51653   2.49604   -8.83011  1.000 376.24248 ? 124 DC B C5    1 
ATOM 544 C C6    . DC B 2 6  ? 1.68944   3.13393   -8.80293  1.000 374.84494 ? 124 DC B C6    1 
ATOM 545 P P     . DA B 2 7  ? 6.99092   5.74335   -10.50400 1.000 446.82463 ? 125 DA B P     1 
ATOM 546 O OP1   . DA B 2 7  ? 8.26063   6.41819   -10.14955 1.000 447.26152 ? 125 DA B OP1   1 
ATOM 547 O OP2   . DA B 2 7  ? 5.84832   6.54384   -11.00478 1.000 446.45879 ? 125 DA B OP2   1 
ATOM 548 O "O5'" . DA B 2 7  ? 7.30168   4.57214   -11.55312 1.000 442.57412 ? 125 DA B "O5'" 1 
ATOM 549 C "C5'" . DA B 2 7  ? 6.35240   3.52756   -11.75723 1.000 442.47674 ? 125 DA B "C5'" 1 
ATOM 550 C "C4'" . DA B 2 7  ? 6.79325   2.59877   -12.87194 1.000 438.24991 ? 125 DA B "C4'" 1 
ATOM 551 O "O4'" . DA B 2 7  ? 6.21102   1.29104   -12.66163 1.000 439.36321 ? 125 DA B "O4'" 1 
ATOM 552 C "C3'" . DA B 2 7  ? 6.33597   3.00935   -14.25860 1.000 434.20732 ? 125 DA B "C3'" 1 
ATOM 553 O "O3'" . DA B 2 7  ? 7.18489   2.43620   -15.24060 1.000 430.34897 ? 125 DA B "O3'" 1 
ATOM 554 C "C2'" . DA B 2 7  ? 4.93528   2.41175   -14.31841 1.000 435.22587 ? 125 DA B "C2'" 1 
ATOM 555 C "C1'" . DA B 2 7  ? 5.09919   1.11470   -13.52209 1.000 437.64984 ? 125 DA B "C1'" 1 
ATOM 556 N N9    . DA B 2 7  ? 3.93610   0.79855   -12.70460 1.000 441.55557 ? 125 DA B N9    1 
ATOM 557 C C8    . DA B 2 7  ? 3.22591   1.66609   -11.92456 1.000 444.94019 ? 125 DA B C8    1 
ATOM 558 N N7    . DA B 2 7  ? 2.21971   1.11093   -11.29551 1.000 448.28270 ? 125 DA B N7    1 
ATOM 559 C C5    . DA B 2 7  ? 2.27268   -0.21466  -11.68913 1.000 446.98254 ? 125 DA B C5    1 
ATOM 560 C C6    . DA B 2 7  ? 1.47479   -1.32595  -11.36865 1.000 449.29071 ? 125 DA B C6    1 
ATOM 561 N N6    . DA B 2 7  ? 0.42961   -1.25738  -10.54636 1.000 453.52280 ? 125 DA B N6    1 
ATOM 562 N N1    . DA B 2 7  ? 1.79115   -2.51246  -11.92871 1.000 447.30363 ? 125 DA B N1    1 
ATOM 563 C C2    . DA B 2 7  ? 2.84189   -2.57323  -12.75749 1.000 443.26104 ? 125 DA B C2    1 
ATOM 564 N N3    . DA B 2 7  ? 3.66915   -1.59377  -13.13398 1.000 440.78969 ? 125 DA B N3    1 
ATOM 565 C C4    . DA B 2 7  ? 3.32357   -0.42834  -12.55869 1.000 442.84783 ? 125 DA B C4    1 
ATOM 566 P P     . DG C 3 1  ? 2.79680   1.25102   -17.93178 1.000 533.19024 ? 209 DG C P     1 
ATOM 567 O OP1   . DG C 3 1  ? 1.90457   2.02272   -17.03793 1.000 537.89081 ? 209 DG C OP1   1 
ATOM 568 O OP2   . DG C 3 1  ? 2.22742   0.21914   -18.82605 1.000 544.70478 ? 209 DG C OP2   1 
ATOM 569 O "O5'" . DG C 3 1  ? 3.95664   0.57347   -17.05711 1.000 535.51684 ? 209 DG C "O5'" 1 
ATOM 570 C "C5'" . DG C 3 1  ? 5.08676   -0.01408  -17.69535 1.000 539.37520 ? 209 DG C "C5'" 1 
ATOM 571 C "C4'" . DG C 3 1  ? 5.10175   -1.52363  -17.50230 1.000 544.06523 ? 209 DG C "C4'" 1 
ATOM 572 O "O4'" . DG C 3 1  ? 4.52675   -1.84826  -16.21650 1.000 543.60465 ? 209 DG C "O4'" 1 
ATOM 573 C "C3'" . DG C 3 1  ? 4.33018   -2.31973  -18.55238 1.000 546.29445 ? 209 DG C "C3'" 1 
ATOM 574 O "O3'" . DG C 3 1  ? 5.24641   -2.84075  -19.51831 1.000 549.70801 ? 209 DG C "O3'" 1 
ATOM 575 C "C2'" . DG C 3 1  ? 3.67032   -3.44565  -17.75585 1.000 553.54005 ? 209 DG C "C2'" 1 
ATOM 576 C "C1'" . DG C 3 1  ? 3.56788   -2.87471  -16.34115 1.000 554.75599 ? 209 DG C "C1'" 1 
ATOM 577 N N9    . DG C 3 1  ? 2.25637   -2.32757  -15.99626 1.000 572.90553 ? 209 DG C N9    1 
ATOM 578 C C8    . DG C 3 1  ? 1.96484   -1.02376  -15.67396 1.000 566.49424 ? 209 DG C C8    1 
ATOM 579 N N7    . DG C 3 1  ? 0.70924   -0.82409  -15.39280 1.000 584.45165 ? 209 DG C N7    1 
ATOM 580 C C5    . DG C 3 1  ? 0.13035   -2.07819  -15.52424 1.000 606.48587 ? 209 DG C C5    1 
ATOM 581 C C6    . DG C 3 1  ? -1.20962  -2.48243  -15.34440 1.000 632.47846 ? 209 DG C C6    1 
ATOM 582 O O6    . DG C 3 1  ? -2.18086  -1.79381  -15.01648 1.000 634.57608 ? 209 DG C O6    1 
ATOM 583 N N1    . DG C 3 1  ? -1.37246  -3.84397  -15.57603 1.000 649.74896 ? 209 DG C N1    1 
ATOM 584 C C2    . DG C 3 1  ? -0.36974  -4.70626  -15.94049 1.000 638.91608 ? 209 DG C C2    1 
ATOM 585 N N2    . DG C 3 1  ? -0.72534  -5.98745  -16.11906 1.000 655.36016 ? 209 DG C N2    1 
ATOM 586 N N3    . DG C 3 1  ? 0.89369   -4.34172  -16.11427 1.000 612.72873 ? 209 DG C N3    1 
ATOM 587 C C4    . DG C 3 1  ? 1.06972   -3.01612  -15.89112 1.000 598.98761 ? 209 DG C C4    1 
ATOM 588 P P     . DG C 3 2  ? 4.76124   -3.18579  -21.01181 1.000 623.65109 ? 210 DG C P     1 
ATOM 589 O OP1   . DG C 3 2  ? 5.89914   -2.89811  -21.91126 1.000 624.27485 ? 210 DG C OP1   1 
ATOM 590 O OP2   . DG C 3 2  ? 3.45973   -2.52266  -21.23974 1.000 620.30332 ? 210 DG C OP2   1 
ATOM 591 O "O5'" . DG C 3 2  ? 4.53139   -4.77134  -20.99090 1.000 627.59367 ? 210 DG C "O5'" 1 
ATOM 592 C "C5'" . DG C 3 2  ? 3.80870   -5.40356  -22.04771 1.000 627.91739 ? 210 DG C "C5'" 1 
ATOM 593 C "C4'" . DG C 3 2  ? 2.48563   -5.96051  -21.54266 1.000 632.79166 ? 210 DG C "C4'" 1 
ATOM 594 O "O4'" . DG C 3 2  ? 1.93500   -5.06775  -20.53084 1.000 646.06167 ? 210 DG C "O4'" 1 
ATOM 595 C "C3'" . DG C 3 2  ? 1.38874   -6.11616  -22.61307 1.000 642.40860 ? 210 DG C "C3'" 1 
ATOM 596 O "O3'" . DG C 3 2  ? 0.73464   -7.41576  -22.49912 1.000 659.62382 ? 210 DG C "O3'" 1 
ATOM 597 C "C2'" . DG C 3 2  ? 0.44085   -4.95930  -22.29437 1.000 653.33360 ? 210 DG C "C2'" 1 
ATOM 598 C "C1'" . DG C 3 2  ? 0.56363   -4.91124  -20.78546 1.000 665.43242 ? 210 DG C "C1'" 1 
ATOM 599 N N9    . DG C 3 2  ? 0.07622   -3.67420  -20.18617 1.000 669.95138 ? 210 DG C N9    1 
ATOM 600 C C8    . DG C 3 2  ? 0.63629   -2.42448  -20.26878 1.000 652.57561 ? 210 DG C C8    1 
ATOM 601 N N7    . DG C 3 2  ? -0.04092  -1.51122  -19.62762 1.000 661.10821 ? 210 DG C N7    1 
ATOM 602 C C5    . DG C 3 2  ? -1.11918  -2.20534  -19.08882 1.000 685.21110 ? 210 DG C C5    1 
ATOM 603 C C6    . DG C 3 2  ? -2.19610  -1.74826  -18.29341 1.000 698.02317 ? 210 DG C C6    1 
ATOM 604 O O6    . DG C 3 2  ? -2.41866  -0.60043  -17.88972 1.000 691.44606 ? 210 DG C O6    1 
ATOM 605 N N1    . DG C 3 2  ? -3.06973  -2.78488  -17.96157 1.000 708.28755 ? 210 DG C N1    1 
ATOM 606 C C2    . DG C 3 2  ? -2.91732  -4.09334  -18.35439 1.000 716.87806 ? 210 DG C C2    1 
ATOM 607 N N2    . DG C 3 2  ? -3.85526  -4.95859  -17.94425 1.000 724.74216 ? 210 DG C N2    1 
ATOM 608 N N3    . DG C 3 2  ? -1.91450  -4.52871  -19.09917 1.000 709.51665 ? 210 DG C N3    1 
ATOM 609 C C4    . DG C 3 2  ? -1.05889  -3.53461  -19.42745 1.000 690.91705 ? 210 DG C C4    1 
ATOM 610 P P     . DC C 3 3  ? -0.87314  -7.55214  -22.57259 1.000 680.14207 ? 211 DC C P     1 
ATOM 611 O OP1   . DC C 3 3  ? -1.35035  -6.87789  -23.79962 1.000 664.65337 ? 211 DC C OP1   1 
ATOM 612 O OP2   . DC C 3 3  ? -1.39922  -7.19533  -21.23700 1.000 699.60757 ? 211 DC C OP2   1 
ATOM 613 O "O5'" . DC C 3 3  ? -1.15237  -9.11754  -22.77864 1.000 688.20883 ? 211 DC C "O5'" 1 
ATOM 614 C "C5'" . DC C 3 3  ? -2.08461  -9.81705  -21.92801 1.000 710.34570 ? 211 DC C "C5'" 1 
ATOM 615 C "C4'" . DC C 3 3  ? -3.53121  -9.37923  -22.16150 1.000 710.90629 ? 211 DC C "C4'" 1 
ATOM 616 O "O4'" . DC C 3 3  ? -3.79298  -8.15420  -21.44584 1.000 711.94326 ? 211 DC C "O4'" 1 
ATOM 617 C "C3'" . DC C 3 3  ? -3.91896  -9.11394  -23.61916 1.000 689.39055 ? 211 DC C "C3'" 1 
ATOM 618 O "O3'" . DC C 3 3  ? -4.75790  -10.18388 -24.13995 1.000 689.15368 ? 211 DC C "O3'" 1 
ATOM 619 C "C2'" . DC C 3 3  ? -4.62687  -7.74646  -23.60646 1.000 677.97339 ? 211 DC C "C2'" 1 
ATOM 620 C "C1'" . DC C 3 3  ? -4.78441  -7.42701  -22.12128 1.000 694.04900 ? 211 DC C "C1'" 1 
ATOM 621 N N1    . DC C 3 3  ? -4.61447  -5.97368  -21.79952 1.000 684.83474 ? 211 DC C N1    1 
ATOM 622 C C2    . DC C 3 3  ? -5.44135  -5.37288  -20.84287 1.000 685.25585 ? 211 DC C C2    1 
ATOM 623 O O2    . DC C 3 3  ? -6.29730  -6.05810  -20.27139 1.000 693.08047 ? 211 DC C O2    1 
ATOM 624 N N3    . DC C 3 3  ? -5.27665  -4.05523  -20.56536 1.000 675.08357 ? 211 DC C N3    1 
ATOM 625 C C4    . DC C 3 3  ? -4.34082  -3.35078  -21.20432 1.000 666.53781 ? 211 DC C C4    1 
ATOM 626 N N4    . DC C 3 3  ? -4.21584  -2.05481  -20.89651 1.000 656.76296 ? 211 DC C N4    1 
ATOM 627 C C5    . DC C 3 3  ? -3.49009  -3.94389  -22.18365 1.000 664.77444 ? 211 DC C C5    1 
ATOM 628 C C6    . DC C 3 3  ? -3.66088  -5.24389  -22.44825 1.000 673.33073 ? 211 DC C C6    1 
ATOM 629 P P     . DT C 3 4  ? -6.32995  -10.30891 -23.79049 1.000 670.97255 ? 212 DT C P     1 
ATOM 630 O OP1   . DT C 3 4  ? -6.55051  -10.01012 -22.35874 1.000 686.74287 ? 212 DT C OP1   1 
ATOM 631 O OP2   . DT C 3 4  ? -6.75519  -11.62524 -24.31273 1.000 671.63053 ? 212 DT C OP2   1 
ATOM 632 O "O5'" . DT C 3 4  ? -7.04144  -9.20518  -24.71316 1.000 648.10665 ? 212 DT C "O5'" 1 
ATOM 633 C "C5'" . DT C 3 4  ? -8.47245  -9.17390  -24.83979 1.000 639.86619 ? 212 DT C "C5'" 1 
ATOM 634 C "C4'" . DT C 3 4  ? -9.11971  -8.58850  -23.59473 1.000 645.45897 ? 212 DT C "C4'" 1 
ATOM 635 O "O4'" . DT C 3 4  ? -8.15537  -7.76649  -22.89538 1.000 650.98858 ? 212 DT C "O4'" 1 
ATOM 636 C "C3'" . DT C 3 4  ? -10.30527 -7.67028  -23.85389 1.000 639.73197 ? 212 DT C "C3'" 1 
ATOM 637 O "O3'" . DT C 3 4  ? -11.52942 -8.44645  -23.99639 1.000 646.15379 ? 212 DT C "O3'" 1 
ATOM 638 C "C2'" . DT C 3 4  ? -10.29600 -6.77126  -22.62185 1.000 636.92900 ? 212 DT C "C2'" 1 
ATOM 639 C "C1'" . DT C 3 4  ? -8.79680  -6.63523  -22.33591 1.000 639.94778 ? 212 DT C "C1'" 1 
ATOM 640 N N1    . DT C 3 4  ? -8.18757  -5.40124  -22.91300 1.000 626.81463 ? 212 DT C N1    1 
ATOM 641 C C2    . DT C 3 4  ? -8.44222  -4.19506  -22.31505 1.000 623.53792 ? 212 DT C C2    1 
ATOM 642 O O2    . DT C 3 4  ? -9.14482  -4.07599  -21.32997 1.000 624.71438 ? 212 DT C O2    1 
ATOM 643 N N3    . DT C 3 4  ? -7.84816  -3.12062  -22.91076 1.000 619.10581 ? 212 DT C N3    1 
ATOM 644 C C4    . DT C 3 4  ? -7.03420  -3.12942  -24.02564 1.000 617.88724 ? 212 DT C C4    1 
ATOM 645 O O4    . DT C 3 4  ? -6.54546  -2.10363  -24.48566 1.000 613.81570 ? 212 DT C O4    1 
ATOM 646 C C5    . DT C 3 4  ? -6.80305  -4.42992  -24.60858 1.000 621.21396 ? 212 DT C C5    1 
ATOM 647 C C7    . DT C 3 4  ? -5.93635  -4.56895  -25.82388 1.000 618.53732 ? 212 DT C C7    1 
ATOM 648 C C6    . DT C 3 4  ? -7.38473  -5.49242  -24.03011 1.000 625.39604 ? 212 DT C C6    1 
ATOM 649 P P     . DG C 3 5  ? -12.58206 -8.65547  -22.79014 1.000 724.43159 ? 213 DG C P     1 
ATOM 650 O OP1   . DG C 3 5  ? -11.87857 -9.02333  -21.54024 1.000 736.89888 ? 213 DG C OP1   1 
ATOM 651 O OP2   . DG C 3 5  ? -13.59283 -9.59887  -23.31597 1.000 731.44033 ? 213 DG C OP2   1 
ATOM 652 O "O5'" . DG C 3 5  ? -13.32973 -7.24237  -22.64649 1.000 722.26555 ? 213 DG C "O5'" 1 
ATOM 653 C "C5'" . DG C 3 5  ? -14.43820 -6.93623  -23.49572 1.000 725.43435 ? 213 DG C "C5'" 1 
ATOM 654 C "C4'" . DG C 3 5  ? -15.23846 -5.75149  -22.96798 1.000 724.96061 ? 213 DG C "C4'" 1 
ATOM 655 O "O4'" . DG C 3 5  ? -14.38836 -4.90777  -22.14696 1.000 718.57563 ? 213 DG C "O4'" 1 
ATOM 656 C "C3'" . DG C 3 5  ? -15.82822 -4.84715  -24.05011 1.000 724.70005 ? 213 DG C "C3'" 1 
ATOM 657 O "O3'" . DG C 3 5  ? -17.19691 -5.17372  -24.25837 1.000 732.13778 ? 213 DG C "O3'" 1 
ATOM 658 C "C2'" . DG C 3 5  ? -15.67001 -3.44223  -23.47146 1.000 719.64418 ? 213 DG C "C2'" 1 
ATOM 659 C "C1'" . DG C 3 5  ? -14.41016 -3.58041  -22.62734 1.000 714.47514 ? 213 DG C "C1'" 1 
ATOM 660 N N9    . DG C 3 5  ? -13.17520 -3.34976  -23.36609 1.000 709.15608 ? 213 DG C N9    1 
ATOM 661 C C8    . DG C 3 5  ? -12.27622 -4.30192  -23.77376 1.000 708.83236 ? 213 DG C C8    1 
ATOM 662 N N7    . DG C 3 5  ? -11.25202 -3.81381  -24.40662 1.000 704.16074 ? 213 DG C N7    1 
ATOM 663 C C5    . DG C 3 5  ? -11.48499 -2.44972  -24.42876 1.000 700.43661 ? 213 DG C C5    1 
ATOM 664 C C6    . DG C 3 5  ? -10.71641 -1.41470  -24.99364 1.000 693.76213 ? 213 DG C C6    1 
ATOM 665 O O6    . DG C 3 5  ? -9.64134  -1.50665  -25.60156 1.000 690.61175 ? 213 DG C O6    1 
ATOM 666 N N1    . DG C 3 5  ? -11.30469 -0.17182  -24.79827 1.000 690.85652 ? 213 DG C N1    1 
ATOM 667 C C2    . DG C 3 5  ? -12.49383 0.04113   -24.13883 1.000 694.08848 ? 213 DG C C2    1 
ATOM 668 N N2    . DG C 3 5  ? -12.89814 1.31398   -24.05080 1.000 689.96430 ? 213 DG C N2    1 
ATOM 669 N N3    . DG C 3 5  ? -13.23220 -0.92529  -23.60579 1.000 700.98141 ? 213 DG C N3    1 
ATOM 670 C C4    . DG C 3 5  ? -12.66803 -2.14283  -23.79123 1.000 703.78701 ? 213 DG C C4    1 
ATOM 671 O "O5'" . DC D 4 1  ? -10.53139 1.78991   29.91525  1.000 696.47561 ? 100 DC D "O5'" 1 
ATOM 672 C "C5'" . DC D 4 1  ? -9.63986  2.27459   30.90865  1.000 700.04446 ? 100 DC D "C5'" 1 
ATOM 673 C "C4'" . DC D 4 1  ? -9.49817  3.78608   30.81855  1.000 697.68628 ? 100 DC D "C4'" 1 
ATOM 674 O "O4'" . DC D 4 1  ? -8.70114  4.27063   31.93234  1.000 703.35275 ? 100 DC D "O4'" 1 
ATOM 675 C "C3'" . DC D 4 1  ? -8.82343  4.31089   29.54239  1.000 681.77911 ? 100 DC D "C3'" 1 
ATOM 676 O "O3'" . DC D 4 1  ? -9.67742  5.25680   28.89146  1.000 680.43948 ? 100 DC D "O3'" 1 
ATOM 677 C "C2'" . DC D 4 1  ? -7.53562  4.96929   30.04906  1.000 678.89192 ? 100 DC D "C2'" 1 
ATOM 678 C "C1'" . DC D 4 1  ? -7.88966  5.32119   31.48482  1.000 694.19902 ? 100 DC D "C1'" 1 
ATOM 679 N N1    . DC D 4 1  ? -6.69447  5.42239   32.36576  1.000 695.90975 ? 100 DC D N1    1 
ATOM 680 C C2    . DC D 4 1  ? -6.01668  6.63355   32.45048  1.000 692.83570 ? 100 DC D C2    1 
ATOM 681 O O2    . DC D 4 1  ? -6.42812  7.59797   31.79190  1.000 688.66415 ? 100 DC D O2    1 
ATOM 682 N N3    . DC D 4 1  ? -4.91723  6.72052   33.23718  1.000 696.18084 ? 100 DC D N3    1 
ATOM 683 C C4    . DC D 4 1  ? -4.50524  5.65491   33.92375  1.000 705.34773 ? 100 DC D C4    1 
ATOM 684 N N4    . DC D 4 1  ? -3.41856  5.79232   34.68939  1.000 709.54823 ? 100 DC D N4    1 
ATOM 685 C C5    . DC D 4 1  ? -5.18722  4.40497   33.85754  1.000 707.51904 ? 100 DC D C5    1 
ATOM 686 C C6    . DC D 4 1  ? -6.26847  4.33331   33.07312  1.000 700.65506 ? 100 DC D C6    1 
ATOM 687 P P     . DC D 4 2  ? -9.38321  5.73250   27.38299  1.000 545.64437 ? 101 DC D P     1 
ATOM 688 O OP1   . DC D 4 2  ? -10.46350 6.66760   26.98087  1.000 548.13414 ? 101 DC D OP1   1 
ATOM 689 O OP2   . DC D 4 2  ? -9.12135  4.51114   26.58958  1.000 537.70921 ? 101 DC D OP2   1 
ATOM 690 O "O5'" . DC D 4 2  ? -8.01348  6.55119   27.49701  1.000 538.51457 ? 101 DC D "O5'" 1 
ATOM 691 C "C5'" . DC D 4 2  ? -7.61722  7.43575   26.46778  1.000 526.82896 ? 101 DC D "C5'" 1 
ATOM 692 C "C4'" . DC D 4 2  ? -7.15410  8.75203   27.05909  1.000 529.21082 ? 101 DC D "C4'" 1 
ATOM 693 O "O4'" . DC D 4 2  ? -6.51548  8.50854   28.34501  1.000 537.41444 ? 101 DC D "O4'" 1 
ATOM 694 C "C3'" . DC D 4 2  ? -6.12469  9.51321   26.22556  1.000 515.98292 ? 101 DC D "C3'" 1 
ATOM 695 O "O3'" . DC D 4 2  ? -6.32206  10.91579  26.38996  1.000 518.38584 ? 101 DC D "O3'" 1 
ATOM 696 C "C2'" . DC D 4 2  ? -4.81411  9.06070   26.85868  1.000 514.81962 ? 101 DC D "C2'" 1 
ATOM 697 C "C1'" . DC D 4 2  ? -5.21668  9.05516   28.32230  1.000 530.18462 ? 101 DC D "C1'" 1 
ATOM 698 N N1    . DC D 4 2  ? -4.33459  8.23647   29.20047  1.000 533.82453 ? 101 DC D N1    1 
ATOM 699 C C2    . DC D 4 2  ? -3.17221  8.80380   29.73507  1.000 535.86162 ? 101 DC D C2    1 
ATOM 700 O O2    . DC D 4 2  ? -2.88130  9.97070   29.44094  1.000 528.58443 ? 101 DC D O2    1 
ATOM 701 N N3    . DC D 4 2  ? -2.38144  8.04893   30.53570  1.000 548.51313 ? 101 DC D N3    1 
ATOM 702 C C4    . DC D 4 2  ? -2.72107  6.79037   30.81563  1.000 557.70371 ? 101 DC D C4    1 
ATOM 703 N N4    . DC D 4 2  ? -1.91342  6.08541   31.61259  1.000 566.34685 ? 101 DC D N4    1 
ATOM 704 C C5    . DC D 4 2  ? -3.90381  6.19721   30.28552  1.000 554.71388 ? 101 DC D C5    1 
ATOM 705 C C6    . DC D 4 2  ? -4.67538  6.95062   29.49485  1.000 541.48334 ? 101 DC D C6    1 
ATOM 706 P P     . DG D 4 3  ? -5.89618  11.94687  25.23194  1.000 549.48167 ? 102 DG D P     1 
ATOM 707 O OP1   . DG D 4 3  ? -6.33159  13.29351  25.66174  1.000 555.83243 ? 102 DG D OP1   1 
ATOM 708 O OP2   . DG D 4 3  ? -6.35919  11.39335  23.93932  1.000 540.64377 ? 102 DG D OP2   1 
ATOM 709 O "O5'" . DG D 4 3  ? -4.29603  11.91942  25.24962  1.000 541.22279 ? 102 DG D "O5'" 1 
ATOM 710 C "C5'" . DG D 4 3  ? -3.58952  12.33714  26.41652  1.000 548.08677 ? 102 DG D "C5'" 1 
ATOM 711 C "C4'" . DG D 4 3  ? -2.08716  12.30117  26.18876  1.000 538.64090 ? 102 DG D "C4'" 1 
ATOM 712 O "O4'" . DG D 4 3  ? -1.46100  11.44147  27.18431  1.000 544.69689 ? 102 DG D "O4'" 1 
ATOM 713 C "C3'" . DG D 4 3  ? -1.64068  11.75542  24.82517  1.000 524.46551 ? 102 DG D "C3'" 1 
ATOM 714 O "O3'" . DG D 4 3  ? -0.53649  12.55402  24.30874  1.000 514.76435 ? 102 DG D "O3'" 1 
ATOM 715 C "C2'" . DG D 4 3  ? -1.21922  10.32099  25.16821  1.000 525.81831 ? 102 DG D "C2'" 1 
ATOM 716 C "C1'" . DG D 4 3  ? -0.58390  10.55424  26.52743  1.000 534.86676 ? 102 DG D "C1'" 1 
ATOM 717 N N9    . DG D 4 3  ? -0.39525  9.36647   27.35363  1.000 495.29623 ? 102 DG D N9    1 
ATOM 718 C C8    . DG D 4 3  ? -1.25390  8.31195   27.49817  1.000 503.11822 ? 102 DG D C8    1 
ATOM 719 N N7    . DG D 4 3  ? -0.82801  7.40560   28.33622  1.000 517.65680 ? 102 DG D N7    1 
ATOM 720 C C5    . DG D 4 3  ? 0.39610   7.89206   28.77502  1.000 517.04094 ? 102 DG D C5    1 
ATOM 721 C C6    . DG D 4 3  ? 1.32654   7.33601   29.68903  1.000 524.44709 ? 102 DG D C6    1 
ATOM 722 O O6    . DG D 4 3  ? 1.24468   6.27129   30.31807  1.000 534.21405 ? 102 DG D O6    1 
ATOM 723 N N1    . DG D 4 3  ? 2.44644   8.15026   29.84578  1.000 515.01964 ? 102 DG D N1    1 
ATOM 724 C C2    . DG D 4 3  ? 2.63951   9.34863   29.19926  1.000 500.98375 ? 102 DG D C2    1 
ATOM 725 N N2    . DG D 4 3  ? 3.78202   9.99408   29.47695  1.000 497.13592 ? 102 DG D N2    1 
ATOM 726 N N3    . DG D 4 3  ? 1.77665   9.88010   28.34156  1.000 494.74879 ? 102 DG D N3    1 
ATOM 727 C C4    . DG D 4 3  ? 0.68129   9.09826   28.17917  1.000 502.51815 ? 102 DG D C4    1 
ATOM 728 P P     . DT D 4 4  ? 0.76430   11.85182  23.66895  1.000 513.07731 ? 103 DT D P     1 
ATOM 729 O OP1   . DT D 4 4  ? 0.32763   10.98086  22.55646  1.000 505.82117 ? 103 DT D OP1   1 
ATOM 730 O OP2   . DT D 4 4  ? 1.57457   11.32700  24.78461  1.000 519.41754 ? 103 DT D OP2   1 
ATOM 731 O "O5'" . DT D 4 4  ? 1.65400   13.04583  23.08674  1.000 504.06833 ? 103 DT D "O5'" 1 
ATOM 732 C "C5'" . DT D 4 4  ? 2.90580   13.37923  23.72102  1.000 504.35784 ? 103 DT D "C5'" 1 
ATOM 733 C "C4'" . DT D 4 4  ? 4.03903   12.43180  23.30628  1.000 496.67008 ? 103 DT D "C4'" 1 
ATOM 734 O "O4'" . DT D 4 4  ? 4.09973   11.27381  24.19778  1.000 505.31848 ? 103 DT D "O4'" 1 
ATOM 735 C "C3'" . DT D 4 4  ? 3.95067   11.86382  21.88785  1.000 485.34503 ? 103 DT D "C3'" 1 
ATOM 736 O "O3'" . DT D 4 4  ? 5.24475   11.80677  21.26076  1.000 475.54123 ? 103 DT D "O3'" 1 
ATOM 737 C "C2'" . DT D 4 4  ? 3.40335   10.46073  22.12227  1.000 495.49362 ? 103 DT D "C2'" 1 
ATOM 738 C "C1'" . DT D 4 4  ? 4.08937   10.08532  23.42651  1.000 512.19825 ? 103 DT D "C1'" 1 
ATOM 739 N N1    . DT D 4 4  ? 3.37556   9.00085   24.19362  1.000 469.26679 ? 103 DT D N1    1 
ATOM 740 C C2    . DT D 4 4  ? 3.97809   8.42938   25.29504  1.000 482.20255 ? 103 DT D C2    1 
ATOM 741 O O2    . DT D 4 4  ? 5.07247   8.76608   25.70161  1.000 476.32290 ? 103 DT D O2    1 
ATOM 742 N N3    . DT D 4 4  ? 3.23957   7.44610   25.91103  1.000 497.70967 ? 103 DT D N3    1 
ATOM 743 C C4    . DT D 4 4  ? 1.98921   6.99367   25.53972  1.000 500.38894 ? 103 DT D C4    1 
ATOM 744 O O4    . DT D 4 4  ? 1.39724   6.11295   26.15091  1.000 511.19287 ? 103 DT D O4    1 
ATOM 745 C C5    . DT D 4 4  ? 1.42478   7.62774   24.37722  1.000 484.51072 ? 103 DT D C5    1 
ATOM 746 C C7    . DT D 4 4  ? 0.07738   7.21234   23.88033  1.000 478.81267 ? 103 DT D C7    1 
ATOM 747 C C6    . DT D 4 4  ? 2.13690   8.58235   23.76498  1.000 470.38798 ? 103 DT D C6    1 
ATOM 748 P P     . DG D 4 5  ? 6.58253   12.31476  21.99706  1.000 486.33989 ? 104 DG D P     1 
ATOM 749 O OP1   . DG D 4 5  ? 6.84886   11.54395  23.23283  1.000 496.10948 ? 104 DG D OP1   1 
ATOM 750 O OP2   . DG D 4 5  ? 6.53916   13.79278  22.02593  1.000 486.15303 ? 104 DG D OP2   1 
ATOM 751 O "O5'" . DG D 4 5  ? 7.73896   11.87142  20.99358  1.000 474.68586 ? 104 DG D "O5'" 1 
ATOM 752 C "C5'" . DG D 4 5  ? 8.99358   11.48179  21.51705  1.000 475.39910 ? 104 DG D "C5'" 1 
ATOM 753 C "C4'" . DG D 4 5  ? 9.18481   9.97417   21.44388  1.000 478.04942 ? 104 DG D "C4'" 1 
ATOM 754 O "O4'" . DG D 4 5  ? 8.01231   9.27389   21.95656  1.000 501.15482 ? 104 DG D "O4'" 1 
ATOM 755 C "C3'" . DG D 4 5  ? 9.41618   9.41146   20.03196  1.000 471.10122 ? 104 DG D "C3'" 1 
ATOM 756 O "O3'" . DG D 4 5  ? 10.40261  8.37937   20.07818  1.000 474.07000 ? 104 DG D "O3'" 1 
ATOM 757 C "C2'" . DG D 4 5  ? 8.05260   8.80672   19.71526  1.000 487.68479 ? 104 DG D "C2'" 1 
ATOM 758 C "C1'" . DG D 4 5  ? 7.75530   8.21375   21.07269  1.000 509.41371 ? 104 DG D "C1'" 1 
ATOM 759 N N9    . DG D 4 5  ? 6.39738   7.71690   21.25217  1.000 524.31023 ? 104 DG D N9    1 
ATOM 760 C C8    . DG D 4 5  ? 5.24221   8.21913   20.71083  1.000 516.85671 ? 104 DG D C8    1 
ATOM 761 N N7    . DG D 4 5  ? 4.17649   7.54167   21.04787  1.000 528.05015 ? 104 DG D N7    1 
ATOM 762 C C5    . DG D 4 5  ? 4.66281   6.52334   21.85605  1.000 545.58910 ? 104 DG D C5    1 
ATOM 763 C C6    . DG D 4 5  ? 3.98392   5.46953   22.52253  1.000 559.39339 ? 104 DG D C6    1 
ATOM 764 O O6    . DG D 4 5  ? 2.77289   5.21604   22.52875  1.000 559.29601 ? 104 DG D O6    1 
ATOM 765 N N1    . DG D 4 5  ? 4.86081   4.65930   23.23209  1.000 568.84715 ? 104 DG D N1    1 
ATOM 766 C C2    . DG D 4 5  ? 6.21810   4.84093   23.29729  1.000 563.72285 ? 104 DG D C2    1 
ATOM 767 N N2    . DG D 4 5  ? 6.90411   3.95562   24.03098  1.000 567.52857 ? 104 DG D N2    1 
ATOM 768 N N3    . DG D 4 5  ? 6.86453   5.81800   22.68266  1.000 550.23703 ? 104 DG D N3    1 
ATOM 769 C C4    . DG D 4 5  ? 6.02545   6.61538   21.98609  1.000 542.87562 ? 104 DG D C4    1 
ATOM 770 P P     . DA D 4 6  ? 11.96163  8.67986   20.35515  1.000 407.27778 ? 105 DA D P     1 
ATOM 771 O OP1   . DA D 4 6  ? 12.14414  9.87876   21.20167  1.000 412.30733 ? 105 DA D OP1   1 
ATOM 772 O OP2   . DA D 4 6  ? 12.65774  8.61489   19.05281  1.000 395.85273 ? 105 DA D OP2   1 
ATOM 773 O "O5'" . DA D 4 6  ? 12.40195  7.40287   21.20313  1.000 414.24440 ? 105 DA D "O5'" 1 
ATOM 774 C "C5'" . DA D 4 6  ? 11.40749  6.67391   21.91469  1.000 437.17084 ? 105 DA D "C5'" 1 
ATOM 775 C "C4'" . DA D 4 6  ? 11.31453  5.23805   21.42397  1.000 450.31452 ? 105 DA D "C4'" 1 
ATOM 776 O "O4'" . DA D 4 6  ? 9.92497   4.80431   21.43885  1.000 472.68299 ? 105 DA D "O4'" 1 
ATOM 777 C "C3'" . DA D 4 6  ? 11.81013  4.99028   19.99518  1.000 440.72653 ? 105 DA D "C3'" 1 
ATOM 778 O "O3'" . DA D 4 6  ? 12.48054  3.73782   19.94420  1.000 441.80560 ? 105 DA D "O3'" 1 
ATOM 779 C "C2'" . DA D 4 6  ? 10.50998  4.94171   19.20049  1.000 456.09679 ? 105 DA D "C2'" 1 
ATOM 780 C "C1'" . DA D 4 6  ? 9.61890   4.22212   20.19135  1.000 477.65464 ? 105 DA D "C1'" 1 
ATOM 781 N N9    . DA D 4 6  ? 8.19101   4.37650   19.93114  1.000 487.28737 ? 105 DA D N9    1 
ATOM 782 C C8    . DA D 4 6  ? 7.58618   5.35086   19.18814  1.000 476.33343 ? 105 DA D C8    1 
ATOM 783 N N7    . DA D 4 6  ? 6.28080   5.23359   19.12277  1.000 478.97585 ? 105 DA D N7    1 
ATOM 784 C C5    . DA D 4 6  ? 6.01260   4.10031   19.87144  1.000 493.91185 ? 105 DA D C5    1 
ATOM 785 C C6    . DA D 4 6  ? 4.81421   3.43414   20.19345  1.000 497.33595 ? 105 DA D C6    1 
ATOM 786 N N6    . DA D 4 6  ? 3.60950   3.84192   19.78080  1.000 485.69771 ? 105 DA D N6    1 
ATOM 787 N N1    . DA D 4 6  ? 4.90281   2.33028   20.96461  1.000 507.75035 ? 105 DA D N1    1 
ATOM 788 C C2    . DA D 4 6  ? 6.10774   1.92604   21.37664  1.000 512.40881 ? 105 DA D C2    1 
ATOM 789 N N3    . DA D 4 6  ? 7.29949   2.46645   21.14027  1.000 507.88984 ? 105 DA D N3    1 
ATOM 790 C C4    . DA D 4 6  ? 7.18128   3.56038   20.37555  1.000 499.76782 ? 105 DA D C4    1 
ATOM 791 P P     . DT D 4 7  ? 13.82446  3.55179   19.08298  1.000 511.10075 ? 106 DT D P     1 
ATOM 792 O OP1   . DT D 4 7  ? 14.85772  4.45712   19.63149  1.000 497.68336 ? 106 DT D OP1   1 
ATOM 793 O OP2   . DT D 4 7  ? 13.45444  3.63391   17.65413  1.000 504.00253 ? 106 DT D OP2   1 
ATOM 794 O "O5'" . DT D 4 7  ? 14.24783  2.03985   19.37967  1.000 520.50451 ? 106 DT D "O5'" 1 
ATOM 795 C "C5'" . DT D 4 7  ? 13.67318  1.35268   20.48566  1.000 535.73002 ? 106 DT D "C5'" 1 
ATOM 796 C "C4'" . DT D 4 7  ? 12.67127  0.31519   20.01333  1.000 558.52749 ? 106 DT D "C4'" 1 
ATOM 797 O "O4'" . DT D 4 7  ? 11.37137  0.91277   19.86820  1.000 575.14527 ? 106 DT D "O4'" 1 
ATOM 798 C "C3'" . DT D 4 7  ? 12.98391  -0.29734  18.65405  1.000 556.87466 ? 106 DT D "C3'" 1 
ATOM 799 O "O3'" . DT D 4 7  ? 13.64731  -1.54918  18.83418  1.000 549.38956 ? 106 DT D "O3'" 1 
ATOM 800 C "C2'" . DT D 4 7  ? 11.60478  -0.45644  17.97890  1.000 577.86139 ? 106 DT D "C2'" 1 
ATOM 801 C "C1'" . DT D 4 7  ? 10.61951  0.09546   19.01235  1.000 585.73865 ? 106 DT D "C1'" 1 
ATOM 802 N N1    . DT D 4 7  ? 9.51824   0.90769   18.41803  1.000 589.36540 ? 106 DT D N1    1 
ATOM 803 C C2    . DT D 4 7  ? 8.21703   0.62202   18.75332  1.000 591.03139 ? 106 DT D C2    1 
ATOM 804 O O2    . DT D 4 7  ? 7.90632   -0.26458  19.52607  1.000 593.98701 ? 106 DT D O2    1 
ATOM 805 N N3    . DT D 4 7  ? 7.28274   1.42416   18.15038  1.000 584.70432 ? 106 DT D N3    1 
ATOM 806 C C4    . DT D 4 7  ? 7.51769   2.45760   17.26469  1.000 576.62966 ? 106 DT D C4    1 
ATOM 807 O O4    . DT D 4 7  ? 6.61243   3.12426   16.77399  1.000 564.18343 ? 106 DT D O4    1 
ATOM 808 C C5    . DT D 4 7  ? 8.90463   2.70019   16.95331  1.000 578.27197 ? 106 DT D C5    1 
ATOM 809 C C7    . DT D 4 7  ? 9.28018   3.79481   16.00093  1.000 533.76926 ? 106 DT D C7    1 
ATOM 810 C C6    . DT D 4 7  ? 9.82743   1.92030   17.53585  1.000 583.28836 ? 106 DT D C6    1 
ATOM 811 P P     . DG D 4 8  ? 14.06981  -2.44502  17.56945  1.000 567.85493 ? 107 DG D P     1 
ATOM 812 O OP1   . DG D 4 8  ? 15.12157  -3.39156  18.00789  1.000 550.90553 ? 107 DG D OP1   1 
ATOM 813 O OP2   . DG D 4 8  ? 14.33827  -1.52695  16.44394  1.000 549.12900 ? 107 DG D OP2   1 
ATOM 814 O "O5'" . DG D 4 8  ? 12.74165  -3.26958  17.23593  1.000 580.72489 ? 107 DG D "O5'" 1 
ATOM 815 C "C5'" . DG D 4 8  ? 12.10665  -4.01600  18.26767  1.000 585.49125 ? 107 DG D "C5'" 1 
ATOM 816 C "C4'" . DG D 4 8  ? 10.68611  -4.38533  17.88260  1.000 578.16932 ? 107 DG D "C4'" 1 
ATOM 817 O "O4'" . DG D 4 8  ? 9.89164   -3.18331  17.69040  1.000 584.71748 ? 107 DG D "O4'" 1 
ATOM 818 C "C3'" . DG D 4 8  ? 10.55361  -5.19257  16.58522  1.000 554.54017 ? 107 DG D "C3'" 1 
ATOM 819 O "O3'" . DG D 4 8  ? 9.73458   -6.33355  16.80879  1.000 546.84451 ? 107 DG D "O3'" 1 
ATOM 820 C "C2'" . DG D 4 8  ? 9.88781   -4.20813  15.62266  1.000 547.68672 ? 107 DG D "C2'" 1 
ATOM 821 C "C1'" . DG D 4 8  ? 9.05117   -3.39370  16.58499  1.000 567.46014 ? 107 DG D "C1'" 1 
ATOM 822 N N9    . DG D 4 8  ? 8.61500   -2.10638  16.04587  1.000 568.87610 ? 107 DG D N9    1 
ATOM 823 C C8    . DG D 4 8  ? 9.40413   -1.08674  15.57346  1.000 570.87371 ? 107 DG D C8    1 
ATOM 824 N N7    . DG D 4 8  ? 8.72394   -0.05616  15.14613  1.000 569.34721 ? 107 DG D N7    1 
ATOM 825 C C5    . DG D 4 8  ? 7.39836   -0.41971  15.34575  1.000 564.78087 ? 107 DG D C5    1 
ATOM 826 C C6    . DG D 4 8  ? 6.20165   0.29045   15.07444  1.000 556.52462 ? 107 DG D C6    1 
ATOM 827 O O6    . DG D 4 8  ? 6.06765   1.42356   14.58623  1.000 551.11345 ? 107 DG D O6    1 
ATOM 828 N N1    . DG D 4 8  ? 5.07662   -0.44628  15.42957  1.000 551.68194 ? 107 DG D N1    1 
ATOM 829 C C2    . DG D 4 8  ? 5.10263   -1.70810  15.97689  1.000 556.15352 ? 107 DG D C2    1 
ATOM 830 N N2    . DG D 4 8  ? 3.91447   -2.26083  16.25481  1.000 550.87131 ? 107 DG D N2    1 
ATOM 831 N N3    . DG D 4 8  ? 6.21103   -2.38162  16.23637  1.000 562.34374 ? 107 DG D N3    1 
ATOM 832 C C4    . DG D 4 8  ? 7.31568   -1.68027  15.89702  1.000 565.68361 ? 107 DG D C4    1 
ATOM 833 P P     . DT D 4 9  ? 9.35826   -7.31521  15.59260  1.000 486.05301 ? 108 DT D P     1 
ATOM 834 O OP1   . DT D 4 9  ? 9.00645   -8.62924  16.16736  1.000 494.16451 ? 108 DT D OP1   1 
ATOM 835 O OP2   . DT D 4 9  ? 10.44664  -7.22913  14.59380  1.000 477.34934 ? 108 DT D OP2   1 
ATOM 836 O "O5'" . DT D 4 9  ? 8.02942   -6.67218  14.97338  1.000 483.56324 ? 108 DT D "O5'" 1 
ATOM 837 C "C5'" . DT D 4 9  ? 7.17674   -7.45051  14.13813  1.000 482.79210 ? 108 DT D "C5'" 1 
ATOM 838 C "C4'" . DT D 4 9  ? 5.72579   -7.08962  14.39276  1.000 487.24000 ? 108 DT D "C4'" 1 
ATOM 839 O "O4'" . DT D 4 9  ? 5.66851   -5.76025  14.96802  1.000 487.40318 ? 108 DT D "O4'" 1 
ATOM 840 C "C3'" . DT D 4 9  ? 4.84561   -7.03345  13.15274  1.000 482.14728 ? 108 DT D "C3'" 1 
ATOM 841 O "O3'" . DT D 4 9  ? 4.25727   -8.30286  12.91428  1.000 486.11092 ? 108 DT D "O3'" 1 
ATOM 842 C "C2'" . DT D 4 9  ? 3.79190   -6.00579  13.54599  1.000 484.91867 ? 108 DT D "C2'" 1 
ATOM 843 C "C1'" . DT D 4 9  ? 4.60065   -5.02874  14.39702  1.000 485.12395 ? 108 DT D "C1'" 1 
ATOM 844 N N1    . DT D 4 9  ? 5.16554   -3.88152  13.62533  1.000 475.76494 ? 108 DT D N1    1 
ATOM 845 C C2    . DT D 4 9  ? 4.31899   -2.90774  13.16087  1.000 473.11725 ? 108 DT D C2    1 
ATOM 846 O O2    . DT D 4 9  ? 3.11728   -2.92710  13.34264  1.000 478.18365 ? 108 DT D O2    1 
ATOM 847 N N3    . DT D 4 9  ? 4.92883   -1.89800  12.47371  1.000 464.62150 ? 108 DT D N3    1 
ATOM 848 C C4    . DT D 4 9  ? 6.27333   -1.76170  12.20634  1.000 458.70763 ? 108 DT D C4    1 
ATOM 849 O O4    . DT D 4 9  ? 6.71955   -0.81042  11.57372  1.000 451.39623 ? 108 DT D O4    1 
ATOM 850 C C5    . DT D 4 9  ? 7.11212   -2.81761  12.72042  1.000 462.08172 ? 108 DT D C5    1 
ATOM 851 C C7    . DT D 4 9  ? 8.59213   -2.78347  12.49304  1.000 456.83372 ? 108 DT D C7    1 
ATOM 852 C C6    . DT D 4 9  ? 6.52391   -3.81520  13.39806  1.000 470.30376 ? 108 DT D C6    1 
# 
loop_
_atom_site_anisotrop.id 
_atom_site_anisotrop.type_symbol 
_atom_site_anisotrop.pdbx_label_atom_id 
_atom_site_anisotrop.pdbx_label_alt_id 
_atom_site_anisotrop.pdbx_label_comp_id 
_atom_site_anisotrop.pdbx_label_asym_id 
_atom_site_anisotrop.pdbx_label_seq_id 
_atom_site_anisotrop.pdbx_PDB_ins_code 
_atom_site_anisotrop.U[1][1] 
_atom_site_anisotrop.U[2][2] 
_atom_site_anisotrop.U[3][3] 
_atom_site_anisotrop.U[1][2] 
_atom_site_anisotrop.U[1][3] 
_atom_site_anisotrop.U[2][3] 
_atom_site_anisotrop.pdbx_auth_seq_id 
_atom_site_anisotrop.pdbx_auth_comp_id 
_atom_site_anisotrop.pdbx_auth_asym_id 
_atom_site_anisotrop.pdbx_auth_atom_id 
1   O "O5'" . DC A 1  ? 13.35492 4.93779  8.16520 0.93109  0.85581  0.23486  101 DC A "O5'" 
2   C "C5'" . DC A 1  ? 13.55315 4.93566  8.11939 0.96769  0.94308  0.26191  101 DC A "C5'" 
3   C "C4'" . DC A 1  ? 13.75963 5.01097  8.10800 1.04368  0.81694  0.23546  101 DC A "C4'" 
4   O "O4'" . DC A 1  ? 13.97520 5.11994  8.09995 1.08859  0.64832  0.18593  101 DC A "O4'" 
5   C "C3'" . DC A 1  ? 13.56202 4.98477  8.14751 1.04725  0.74630  0.21985  101 DC A "C3'" 
6   O "O3'" . DC A 1  ? 13.54634 4.92981  8.14235 1.05629  0.84749  0.25334  101 DC A "O3'" 
7   C "C2'" . DC A 1  ? 13.73528 5.08660  8.14012 1.11676  0.53487  0.16264  101 DC A "C2'" 
8   C "C1'" . DC A 1  ? 14.03424 5.16968  8.10308 1.14824  0.49509  0.14915  101 DC A "C1'" 
9   N N1    . DC A 1  ? 13.59382 4.74863  7.61604 1.16940  0.30545  0.08642  101 DC A N1    
10  C C2    . DC A 1  ? 13.64805 4.80536  7.61819 1.23302  0.12155  0.03484  101 DC A C2    
11  O O2    . DC A 1  ? 13.65265 4.79242  7.60963 1.27191  0.12055  0.04533  101 DC A O2    
12  N N3    . DC A 1  ? 13.67778 4.87842  7.63130 1.24790  -0.05256 -0.02892 101 DC A N3    
13  C C4    . DC A 1  ? 13.65110 4.91004  7.64326 1.19543  -0.04420 -0.03953 101 DC A C4    
14  N N4    . DC A 1  ? 13.59775 5.05013  7.65632 1.18715  -0.21756 -0.10567 101 DC A N4    
15  C C5    . DC A 1  ? 13.64108 4.82608  7.64364 1.14065  0.14408  0.01586  101 DC A C5    
16  C C6    . DC A 1  ? 13.59159 4.76251  7.62850 1.12712  0.31136  0.07620  101 DC A C6    
17  P P     . DC A 2  ? 12.85578 4.42707  7.74525 1.04376  0.83169  0.24838  102 DC A P     
18  O OP1   . DC A 2  ? 12.78556 4.34331  7.75513 1.01738  1.00243  0.29476  102 DC A OP1   
19  O OP2   . DC A 2  ? 12.61624 4.42113  7.80193 0.99760  0.77515  0.22523  102 DC A OP2   
20  O "O5'" . DC A 2  ? 13.02712 4.48878  7.71000 1.12834  0.66491  0.20943  102 DC A "O5'" 
21  C "C5'" . DC A 2  ? 12.97252 4.46141  7.73607 1.14977  0.66796  0.21263  102 DC A "C5'" 
22  C "C4'" . DC A 2  ? 12.99246 4.51506  7.72988 1.21102  0.47013  0.15720  102 DC A "C4'" 
23  O "O4'" . DC A 2  ? 13.12802 4.59629  7.69799 1.24188  0.32836  0.11642  102 DC A "O4'" 
24  C "C3'" . DC A 2  ? 12.70559 4.48164  7.79627 1.17912  0.42381  0.13025  102 DC A "C3'" 
25  O "O3'" . DC A 2  ? 12.71812 4.49396  7.80913 1.23367  0.33971  0.10569  102 DC A "O3'" 
26  C "C2'" . DC A 2  ? 12.67281 4.53460  7.79290 1.17803  0.28659  0.08395  102 DC A "C2'" 
27  C "C1'" . DC A 2  ? 12.97749 4.61881  7.73160 1.25031  0.18076  0.06329  102 DC A "C1'" 
28  N N1    . DC A 2  ? 12.50204 4.19712  7.22273 1.24397  0.06355  0.02181  102 DC A N1    
29  C C2    . DC A 2  ? 12.43577 4.35006  7.22997 1.27004  -0.13838 -0.04568 102 DC A C2    
30  O O2    . DC A 2  ? 12.41059 4.37684  7.23827 1.31566  -0.21475 -0.06787 102 DC A O2    
31  N N3    . DC A 2  ? 12.40200 4.46100  7.23040 1.24515  -0.24261 -0.08665 102 DC A N3    
32  C C4    . DC A 2  ? 12.43806 4.42666  7.22558 1.19721  -0.15399 -0.06165 102 DC A C4    
33  N N4    . DC A 2  ? 12.40567 4.53591  7.23101 1.17152  -0.26043 -0.10513 102 DC A N4    
34  C C5    . DC A 2  ? 12.50139 4.27397  7.21834 1.17244  0.05112  0.00727  102 DC A C5    
35  C C6    . DC A 2  ? 12.52577 4.16281  7.21632 1.19590  0.15441  0.04657  102 DC A C6    
36  P P     . DG A 3  ? 11.63452 3.58443  6.86844 1.26655  0.14711  0.03677  103 DG A P     
37  O OP1   . DG A 3  ? 11.28744 3.61291  6.91195 1.17546  0.16487  0.02626  103 DG A OP1   
38  O OP2   . DG A 3  ? 11.84816 3.70476  6.82439 1.33511  -0.01814 -0.00395 103 DG A OP2   
39  O "O5'" . DG A 3  ? 11.60382 3.55139  6.90158 1.30382  0.14143  0.03084  103 DG A "O5'" 
40  C "C5'" . DG A 3  ? 11.66554 3.66354  6.90082 1.37598  -0.03464 -0.02178 103 DG A "C5'" 
41  C "C4'" . DG A 3  ? 11.38908 3.80960  6.91862 1.34299  -0.18804 -0.08605 103 DG A "C4'" 
42  O "O4'" . DG A 3  ? 11.45493 3.89933  6.88074 1.34094  -0.27550 -0.10808 103 DG A "O4'" 
43  C "C3'" . DG A 3  ? 11.03670 3.79659  6.96681 1.24671  -0.12061 -0.08472 103 DG A "C3'" 
44  O "O3'" . DG A 3  ? 10.87029 3.79619  7.01742 1.24680  -0.13339 -0.10549 103 DG A "O3'" 
45  C "C2'" . DG A 3  ? 10.87307 3.92869  6.95274 1.21090  -0.24422 -0.12955 103 DG A "C2'" 
46  C "C1'" . DG A 3  ? 11.15267 3.99498  6.90215 1.27887  -0.35259 -0.14918 103 DG A "C1'" 
47  N N9    . DG A 3  ? 10.98509 3.84445  6.70136 1.23511  -0.34497 -0.14393 103 DG A N9    
48  C C8    . DG A 3  ? 11.06764 3.74169  6.68667 1.19717  -0.19428 -0.08885 103 DG A C8    
49  N N7    . DG A 3  ? 11.05495 3.79776  6.67359 1.16190  -0.22608 -0.10009 103 DG A N7    
50  C C5    . DG A 3  ? 10.95030 3.94545  6.68134 1.17357  -0.40712 -0.16676 103 DG A C5    
51  C C6    . DG A 3  ? 10.88811 4.05641  6.67848 1.14482  -0.51345 -0.20823 103 DG A C6    
52  O O6    . DG A 3  ? 10.92436 4.04916  6.67029 1.10335  -0.46947 -0.19344 103 DG A O6    
53  N N1    . DG A 3  ? 10.77056 4.18159  6.68955 1.16791  -0.68317 -0.27441 103 DG A N1    
54  C C2    . DG A 3  ? 10.72375 4.20045  6.70200 1.21629  -0.74433 -0.29789 103 DG A C2    
55  N N2    . DG A 3  ? 10.60198 4.32536  6.71236 1.23409  -0.90760 -0.36516 103 DG A N2    
56  N N3    . DG A 3  ? 10.79054 4.10022  6.70724 1.24467  -0.64846 -0.25959 103 DG A N3    
57  C C4    . DG A 3  ? 10.90178 3.97507  6.69656 1.21958  -0.48133 -0.19461 103 DG A C4    
58  P P     . DC A 4  ? 11.37324 4.49553  7.59393 1.30117  -0.32134 -0.17573 104 DC A P     
59  O OP1   . DC A 4  ? 11.51198 4.60636  7.54557 1.35407  -0.47595 -0.21385 104 DC A OP1   
60  O OP2   . DC A 4  ? 11.47727 4.42854  7.63179 1.34900  -0.27830 -0.16473 104 DC A OP2   
61  O "O5'" . DC A 4  ? 10.99278 4.56256  7.63236 1.22446  -0.35091 -0.21047 104 DC A "O5'" 
62  C "C5'" . DC A 4  ? 10.82866 4.65019  7.61055 1.17349  -0.41268 -0.23224 104 DC A "C5'" 
63  C "C4'" . DC A 4  ? 10.80183 4.78930  7.58487 1.21812  -0.60454 -0.30027 104 DC A "C4'" 
64  O "O4'" . DC A 4  ? 10.93571 4.84687  7.55102 1.22174  -0.65930 -0.30440 104 DC A "O4'" 
65  C "C3'" . DC A 4  ? 10.46590 4.87595  7.59705 1.16898  -0.67770 -0.34750 104 DC A "C3'" 
66  O "O3'" . DC A 4  ? 10.45232 4.98115  7.59113 1.22811  -0.83869 -0.41218 104 DC A "O3'" 
67  C "C2'" . DC A 4  ? 10.38451 4.91834  7.57865 1.10643  -0.67500 -0.34009 104 DC A "C2'" 
68  C "C1'" . DC A 4  ? 10.68921 4.93669  7.54860 1.16155  -0.72386 -0.33757 104 DC A "C1'" 
69  N N1    . DC A 4  ? 10.73604 4.91374  7.53542 1.10906  -0.65201 -0.30187 104 DC A N1    
70  C C2    . DC A 4  ? 10.62708 5.01135  7.52387 1.07212  -0.73880 -0.33541 104 DC A C2    
71  O O2    . DC A 4  ? 10.49141 5.11447  7.52302 1.08406  -0.87304 -0.39465 104 DC A O2    
72  N N3    . DC A 4  ? 10.67190 4.98671  7.51739 1.02365  -0.66868 -0.30277 104 DC A N3    
73  C C4    . DC A 4  ? 10.81464 4.87244  7.52093 1.01385  -0.51871 -0.24051 104 DC A C4    
74  N N4    . DC A 4  ? 10.85777 4.85263  7.51781 0.96845  -0.45264 -0.21182 104 DC A N4    
75  C C5    . DC A 4  ? 10.91573 4.76877  7.53050 1.04888  -0.42454 -0.20572 104 DC A C5    
76  C C6    . DC A 4  ? 10.87433 4.79312  7.53846 1.09448  -0.49569 -0.23753 104 DC A C6    
77  P P     . DA A 5  ? 9.81917  4.76858  7.29945 1.19506  -0.92220 -0.46915 105 DA A P     
78  O OP1   . DA A 5  ? 9.87432  4.84375  7.30724 1.27656  -1.05861 -0.52675 105 DA A OP1   
79  O OP2   . DA A 5  ? 9.62046  4.69291  7.32543 1.13074  -0.79976 -0.43999 105 DA A OP2   
80  O "O5'" . DA A 5  ? 9.69337  4.85912  7.27620 1.14107  -0.98115 -0.48818 105 DA A "O5'" 
81  C "C5'" . DA A 5  ? 9.38571  4.89906  7.28164 1.06552  -0.96989 -0.50047 105 DA A "C5'" 
82  C "C4'" . DA A 5  ? 9.29137  5.01648  7.26585 1.04291  -1.07835 -0.54245 105 DA A "C4'" 
83  O "O4'" . DA A 5  ? 9.44403  4.99388  7.24709 1.02269  -1.04569 -0.50998 105 DA A "O4'" 
84  C "C3'" . DA A 5  ? 8.98349  5.06400  7.26901 0.96470  -1.06519 -0.55194 105 DA A "C3'" 
85  O "O3'" . DA A 5  ? 8.89530  5.17878  7.25762 0.95904  -1.18577 -0.60496 105 DA A "O3'" 
86  C "C2'" . DA A 5  ? 8.99735  4.98556  7.26699 0.90005  -0.93447 -0.48552 105 DA A "C2'" 
87  C "C1'" . DA A 5  ? 9.26777  4.97655  7.24848 0.93516  -0.96038 -0.47674 105 DA A "C1'" 
88  N N9    . DA A 5  ? 9.43214  4.86900  7.25266 0.91906  -0.82582 -0.40979 105 DA A N9    
89  C C8    . DA A 5  ? 9.57644  4.76488  7.26589 0.94909  -0.72921 -0.36992 105 DA A C8    
90  N N7    . DA A 5  ? 9.71023  4.68096  7.26882 0.92635  -0.61133 -0.31341 105 DA A N7    
91  C C5    . DA A 5  ? 9.65760  4.73681  7.25809 0.88004  -0.63690 -0.31695 105 DA A C5    
92  C C6    . DA A 5  ? 9.74527  4.69690  7.25942 0.84012  -0.55194 -0.27406 105 DA A C6    
93  N N6    . DA A 5  ? 9.90581  4.58559  7.26921 0.84164  -0.41602 -0.21699 105 DA A N6    
94  N N1    . DA A 5  ? 9.65968  4.77157  7.25235 0.79778  -0.60737 -0.29294 105 DA A N1    
95  C C2    . DA A 5  ? 9.49101  4.87567  7.24192 0.79379  -0.73524 -0.35023 105 DA A C2    
96  N N3    . DA A 5  ? 9.39110  4.92372  7.23858 0.82971  -0.82224 -0.39518 105 DA A N3    
97  C C4    . DA A 5  ? 9.48628  4.85074  7.24788 0.87344  -0.76836 -0.37561 105 DA A C4    
98  P P     . DG A 6  ? 9.29196  5.96845  7.95829 0.92844  -1.24740 -0.65512 106 DG A P     
99  O OP1   . DG A 6  ? 9.28675  6.07149  7.94957 0.95940  -1.39122 -0.72049 106 DG A OP1   
100 O OP2   . DG A 6  ? 9.21902  5.94002  7.98046 0.94958  -1.21395 -0.65899 106 DG A OP2   
101 O "O5'" . DG A 6  ? 9.10317  5.95580  7.94582 0.83217  -1.16187 -0.61573 106 DG A "O5'" 
102 C "C5'" . DG A 6  ? 9.08693  5.98658  7.92029 0.79222  -1.19080 -0.61749 106 DG A "C5'" 
103 C "C4'" . DG A 6  ? 9.00959  5.93506  7.92175 0.71446  -1.07064 -0.55501 106 DG A "C4'" 
104 O "O4'" . DG A 6  ? 9.21795  5.83784  7.94051 0.72620  -0.96867 -0.49773 106 DG A "O4'" 
105 C "C3'" . DG A 6  ? 8.76482  5.93904  7.93125 0.66679  -1.00992 -0.53990 106 DG A "C3'" 
106 O "O3'" . DG A 6  ? 8.55082  5.99190  7.90398 0.60341  -1.02589 -0.54682 106 DG A "O3'" 
107 C "C2'" . DG A 6  ? 8.84248  5.84020  7.96362 0.64562  -0.86997 -0.46997 106 DG A "C2'" 
108 C "C1'" . DG A 6  ? 9.10352  5.78662  7.96076 0.66718  -0.84789 -0.44359 106 DG A "C1'" 
109 N N9    . DG A 6  ? 9.26839  5.67948  7.98343 0.68925  -0.74362 -0.39619 106 DG A N9    
110 C C8    . DG A 6  ? 9.28714  5.63048  8.00098 0.72597  -0.71542 -0.39704 106 DG A C8    
111 N N7    . DG A 6  ? 9.44890  5.52668  8.02122 0.73544  -0.60891 -0.34814 106 DG A N7    
112 C C5    . DG A 6  ? 9.54568  5.50934  8.01537 0.70551  -0.56438 -0.31314 106 DG A C5    
113 C C6    . DG A 6  ? 9.72924  5.41261  8.03115 0.70070  -0.44680 -0.25619 106 DG A C6    
114 O O6    . DG A 6  ? 9.84248  5.31739  8.05393 0.72076  -0.35270 -0.22299 106 DG A O6    
115 N N1    . DG A 6  ? 9.77872  5.43239  8.02169 0.66766  -0.43928 -0.23992 106 DG A N1    
116 C C2    . DG A 6  ? 9.66271  5.52901  8.00178 0.63940  -0.53239 -0.27369 106 DG A C2    
117 N N2    . DG A 6  ? 9.73859  5.53007  8.00114 0.60756  -0.50696 -0.25269 106 DG A N2    
118 N N3    . DG A 6  ? 9.48569  5.61642  7.98659 0.64141  -0.63849 -0.32567 106 DG A N3    
119 C C4    . DG A 6  ? 9.43874  5.60256  7.99330 0.67680  -0.64879 -0.34286 106 DG A C4    
120 P P     . DC A 7  ? 7.46448  4.86895  6.76238 0.55715  -1.02255 -0.52860 107 DC A P     
121 O OP1   . DC A 7  ? 7.58130  4.91110  6.74510 0.59657  -1.13686 -0.58160 107 DC A OP1   
122 O OP2   . DC A 7  ? 7.20573  4.88787  6.73300 0.48806  -0.99532 -0.51657 107 DC A OP2   
123 O "O5'" . DC A 7  ? 7.65450  4.78163  6.79887 0.54524  -0.90056 -0.45690 107 DC A "O5'" 
124 C "C5'" . DC A 7  ? 7.80442  4.76905  6.80463 0.52578  -0.88494 -0.43631 107 DC A "C5'" 
125 C "C4'" . DC A 7  ? 7.79342  4.70771  6.83187 0.47154  -0.75241 -0.36486 107 DC A "C4'" 
126 O "O4'" . DC A 7  ? 7.94226  4.61486  6.85608 0.50050  -0.65822 -0.32273 107 DC A "O4'" 
127 C "C3'" . DC A 7  ? 7.52537  4.72347  6.83036 0.41654  -0.70890 -0.34440 107 DC A "C3'" 
128 O "O3'" . DC A 7  ? 7.47935  4.70547  6.82958 0.35748  -0.65177 -0.30374 107 DC A "O3'" 
129 C "C2'" . DC A 7  ? 7.53388  4.65882  6.86510 0.43109  -0.61843 -0.30836 107 DC A "C2'" 
130 C "C1'" . DC A 7  ? 7.79667  4.57654  6.88299 0.45819  -0.55683 -0.27601 107 DC A "C1'" 
131 N N1    . DC A 7  ? 7.87400  4.49113  6.90547 0.49162  -0.48285 -0.25282 107 DC A N1    
132 C C2    . DC A 7  ? 8.01873  4.38875  6.93022 0.48698  -0.36350 -0.19662 107 DC A C2    
133 O O2    . DC A 7  ? 8.08684  4.37484  6.93263 0.45852  -0.32474 -0.16808 107 DC A O2    
134 N N3    . DC A 7  ? 8.07935  4.30324  6.95241 0.51339  -0.28989 -0.17654 107 DC A N3    
135 C C4    . DC A 7  ? 8.00654  4.31973  6.95323 0.54305  -0.33487 -0.21075 107 DC A C4    
136 N N4    . DC A 7  ? 8.07049  4.22851  6.98120 0.56477  -0.25590 -0.19032 107 DC A N4    
137 C C5    . DC A 7  ? 7.86278  4.42682  6.92790 0.55086  -0.45840 -0.26877 107 DC A C5    
138 C C6    . DC A 7  ? 7.79834  4.50846  6.90371 0.52451  -0.52659 -0.28746 107 DC A C6    
139 P P     . DC A 8  ? 6.92153  4.46184  6.52592 0.29621  -0.64181 -0.29228 108 DC A P     
140 O OP1   . DC A 8  ? 6.80017  4.51865  6.46378 0.28803  -0.75166 -0.35046 108 DC A OP1   
141 O OP2   . DC A 8  ? 6.77534  4.43527  6.52579 0.29803  -0.59390 -0.27439 108 DC A OP2   
142 O "O5'" . DC A 8  ? 6.93264  4.38252  6.51724 0.24599  -0.54847 -0.23031 108 DC A "O5'" 
143 C "C5'" . DC A 8  ? 6.80438  4.31524  6.51678 0.21442  -0.44686 -0.17129 108 DC A "C5'" 
144 C "C4'" . DC A 8  ? 7.00130  4.26165  6.58675 0.20626  -0.34345 -0.11508 108 DC A "C4'" 
145 O "O4'" . DC A 8  ? 7.30097  4.29210  6.68113 0.25827  -0.33248 -0.12383 108 DC A "O4'" 
146 C "C3'" . DC A 8  ? 6.86141  4.16223  6.57826 0.18147  -0.23287 -0.05323 108 DC A "C3'" 
147 O "O3'" . DC A 8  ? 6.68317  4.09918  6.50164 0.13003  -0.20475 -0.01925 108 DC A "O3'" 
148 C "C2'" . DC A 8  ? 7.13908  4.13306  6.68356 0.20657  -0.14285 -0.01993 108 DC A "C2'" 
149 C "C1'" . DC A 8  ? 7.36143  4.21094  6.73053 0.26056  -0.21352 -0.07016 108 DC A "C1'" 
150 N N1    . DC A 8  ? 7.32811  4.20601  6.74908 0.29513  -0.21420 -0.08544 108 DC A N1    
151 C C2    . DC A 8  ? 7.35657  4.10782  6.78502 0.30192  -0.10491 -0.04385 108 DC A C2    
152 O O2    . DC A 8  ? 7.40260  4.02408  6.79812 0.28154  -0.00667 0.00635  108 DC A O2    
153 N N3    . DC A 8  ? 7.31984  4.09364  6.79812 0.33032  -0.10776 -0.06208 108 DC A N3    
154 C C4    . DC A 8  ? 7.26312  4.17427  6.77571 0.35483  -0.21335 -0.11787 108 DC A C4    
155 N N4    . DC A 8  ? 7.23032  4.15075  6.78993 0.38239  -0.21043 -0.13544 108 DC A N4    
156 C C5    . DC A 8  ? 7.22765  4.27176  6.73489 0.35145  -0.32378 -0.16027 108 DC A C5    
157 C C6    . DC A 8  ? 7.25856  4.28144  6.72210 0.32005  -0.32014 -0.14285 108 DC A C6    
158 P P     . DT A 9  ? 9.11734  6.53398  9.04308 0.10218  -0.08624 0.05303  109 DT A P     
159 O OP1   . DT A 9  ? 9.34453  6.48085  9.10422 0.10588  -0.00598 0.08737  109 DT A OP1   
160 O OP2   . DT A 9  ? 8.83530  6.50209  8.93731 0.05846  -0.10228 0.06869  109 DT A OP2   
161 O "O5'" . DT A 9  ? 9.05818  6.51786  9.07946 0.12807  -0.05309 0.05664  109 DT A "O5'" 
162 C "C5'" . DT A 9  ? 8.90739  6.41373  9.06698 0.11134  0.03739  0.10920  109 DT A "C5'" 
163 C "C4'" . DT A 9  ? 9.09870  6.33404  9.14665 0.12709  0.14396  0.14618  109 DT A "C4'" 
164 O "O4'" . DT A 9  ? 9.35925  6.40918  9.24086 0.16942  0.12402  0.11064  109 DT A "O4'" 
165 C "C3'" . DT A 9  ? 8.96091  6.24038  9.16751 0.12198  0.23304  0.18675  109 DT A "C3'" 
166 O "O3'" . DT A 9  ? 8.86061  6.11491  9.11397 0.09471  0.31081  0.24302  109 DT A "O3'" 
167 C "C2'" . DT A 9  ? 9.18386  6.22467  9.27217 0.15628  0.29387  0.18349  109 DT A "C2'" 
168 C "C1'" . DT A 9  ? 9.39869  6.35426  9.31075 0.18742  0.20364  0.12877  109 DT A "C1'" 
169 N N1    . DT A 9  ? 9.36446  6.44462  9.34852 0.21087  0.13737  0.08231  109 DT A N1    
170 C C2    . DT A 9  ? 9.44965  6.41152  9.42553 0.23543  0.19296  0.08255  109 DT A C2    
171 O O2    . DT A 9  ? 9.53079  6.29468  9.44923 0.23817  0.29856  0.11998  109 DT A O2    
172 N N3    . DT A 9  ? 9.41045  6.49311  9.45224 0.25589  0.12472  0.03605  109 DT A N3    
173 C C4    . DT A 9  ? 9.28558  6.59251  9.39751 0.25654  0.01036  -0.01039 109 DT A C4    
174 O O4    . DT A 9  ? 9.24759  6.64537  9.41433 0.27795  -0.04179 -0.05227 109 DT A O4    
175 C C5    . DT A 9  ? 9.17740  6.60061  9.29640 0.22941  -0.03837 -0.00723 109 DT A C5    
176 C C7    . DT A 9  ? 8.99831  6.66616  9.19834 0.22545  -0.15209 -0.05527 109 DT A C7    
177 C C6    . DT A 9  ? 9.23027  6.53384  9.28548 0.20721  0.02563  0.03847  109 DT A C6    
178 P P     . DG A 10 ? 5.94028  3.45919  6.39682 0.05985  0.29564  0.27130  110 DG A P     
179 O OP1   . DG A 10 ? 5.94566  3.40656  6.48438 0.05072  0.40394  0.33126  110 DG A OP1   
180 O OP2   . DG A 10 ? 5.93154  3.51561  6.32955 0.03837  0.22431  0.25533  110 DG A OP2   
181 O "O5'" . DG A 10 ? 5.77179  3.52965  6.39516 0.06804  0.23556  0.23916  110 DG A "O5'" 
182 C "C5'" . DG A 10 ? 5.66307  3.53538  6.47155 0.06471  0.28331  0.26689  110 DG A "C5'" 
183 C "C4'" . DG A 10 ? 5.73359  3.47393  6.53628 0.09006  0.33568  0.25538  110 DG A "C4'" 
184 O "O4'" . DG A 10 ? 5.79720  3.47870  6.47980 0.11469  0.27123  0.19979  110 DG A "O4'" 
185 C "C3'" . DG A 10 ? 5.59723  3.50918  6.61450 0.08982  0.34753  0.25641  110 DG A "C3'" 
186 O "O3'" . DG A 10 ? 5.64150  3.44789  6.72680 0.08713  0.45692  0.30198  110 DG A "O3'" 
187 C "C2'" . DG A 10 ? 5.61082  3.51550  6.60608 0.11433  0.30287  0.19909  110 DG A "C2'" 
188 C "C1'" . DG A 10 ? 5.77959  3.46777  6.53854 0.13264  0.28714  0.17860  110 DG A "C1'" 
189 N N9    . DG A 10 ? 5.77312  3.51295  6.47483 0.15474  0.19208  0.11752  110 DG A N9    
190 C C8    . DG A 10 ? 5.76698  3.56814  6.38138 0.15718  0.09964  0.08493  110 DG A C8    
191 N N7    . DG A 10 ? 5.76895  3.60325  6.35160 0.18346  0.02809  0.03042  110 DG A N7    
192 C C5    . DG A 10 ? 5.78217  3.56468  6.42695 0.19788  0.07743  0.02719  110 DG A C5    
193 C C6    . DG A 10 ? 5.79706  3.57718  6.44146 0.22737  0.03985  -0.02131 110 DG A C6    
194 O O6    . DG A 10 ? 5.80076  3.62657  6.38676 0.25101  -0.04832 -0.07169 110 DG A O6    
195 N N1    . DG A 10 ? 5.81292  3.52882  6.54187 0.22830  0.11753  -0.00867 110 DG A N1    
196 C C2    . DG A 10 ? 5.81053  3.47964  6.62382 0.20539  0.21798  0.04292  110 DG A C2    
197 N N2    . DG A 10 ? 5.82786  3.44528  6.73346 0.20757  0.28342  0.04313  110 DG A N2    
198 N N3    . DG A 10 ? 5.79589  3.46849  6.61021 0.18186  0.25296  0.08965  110 DG A N3    
199 C C4    . DG A 10 ? 5.78386  3.51060  6.50724 0.17891  0.17895  0.07927  110 DG A C4    
200 P P     . DT A 11 ? 5.84321  3.74680  7.05939 0.06616  0.50115  0.36099  111 DT A P     
201 O OP1   . DT A 11 ? 5.93875  3.64208  7.00107 0.05960  0.55775  0.39648  111 DT A OP1   
202 O OP2   . DT A 11 ? 5.67250  3.85271  7.01069 0.05402  0.41264  0.35240  111 DT A OP2   
203 O "O5'" . DT A 11 ? 5.77567  3.66857  7.15816 0.07169  0.58691  0.38122  111 DT A "O5'" 
204 C "C5'" . DT A 11 ? 5.61386  3.73972  7.20962 0.07036  0.54842  0.36832  111 DT A "C5'" 
205 C "C4'" . DT A 11 ? 5.67542  3.81953  7.28884 0.08333  0.51211  0.31026  111 DT A "C4'" 
206 O "O4'" . DT A 11 ? 5.76438  3.91828  7.23065 0.09004  0.42371  0.26753  111 DT A "O4'" 
207 C "C3'" . DT A 11 ? 5.51537  3.90476  7.35007 0.08203  0.46420  0.28687  111 DT A "C3'" 
208 O "O3'" . DT A 11 ? 5.57004  3.88839  7.49087 0.08877  0.51660  0.26352  111 DT A "O3'" 
209 C "C2'" . DT A 11 ? 5.48654  4.03383  7.27493 0.08536  0.34592  0.23881  111 DT A "C2'" 
210 C "C1'" . DT A 11 ? 5.69110  4.02499  7.26051 0.09645  0.34898  0.21776  111 DT A "C1'" 
211 N N1    . DT A 11 ? 5.70246  4.12325  7.17049 0.10111  0.24621  0.17741  111 DT A N1    
212 C C2    . DT A 11 ? 5.78629  4.19472  7.20799 0.12047  0.19653  0.11973  111 DT A C2    
213 O O2    . DT A 11 ? 5.85853  4.18531  7.31407 0.13201  0.23292  0.10114  111 DT A O2    
214 N N3    . DT A 11 ? 5.77864  4.27372  7.11964 0.12604  0.10474  0.08330  111 DT A N3    
215 C C4    . DT A 11 ? 5.69944  4.29031  7.00575 0.11006  0.06197  0.09808  111 DT A C4    
216 O O4    . DT A 11 ? 5.68962  4.35985  6.93703 0.11502  -0.01748 0.05955  111 DT A O4    
217 C C5    . DT A 11 ? 5.62655  4.21602  6.97723 0.08730  0.12027  0.16106  111 DT A C5    
218 C C7    . DT A 11 ? 5.54672  4.22569  6.86569 0.06578  0.08661  0.18329  111 DT A C7    
219 C C6    . DT A 11 ? 5.62833  4.13602  7.05695 0.08611  0.20661  0.19753  111 DT A C6    
220 P P     . DA A 12 ? 7.03576  5.48399  9.03775 0.09653  0.44378  0.19606  112 DA A P     
221 O OP1   . DA A 12 ? 6.83891  5.57206  8.99703 0.09144  0.35950  0.18419  112 DA A OP1   
222 O OP2   . DA A 12 ? 7.21301  5.52013  9.01366 0.11086  0.41345  0.16102  112 DA A OP2   
223 O "O5'" . DA A 12 ? 7.06225  5.43049  9.20156 0.09499  0.52779  0.18759  112 DA A "O5'" 
224 C "C5'" . DA A 12 ? 6.95337  5.50382  9.28500 0.09291  0.48139  0.14150  112 DA A "C5'" 
225 C "C4'" . DA A 12 ? 7.04225  5.58409  9.29816 0.10494  0.41829  0.07644  112 DA A "C4'" 
226 O "O4'" . DA A 12 ? 7.11907  5.62654  9.17149 0.11681  0.35619  0.06981  112 DA A "O4'" 
227 C "C3'" . DA A 12 ? 6.89306  5.68212  9.31772 0.10424  0.32977  0.02244  112 DA A "C3'" 
228 O "O3'" . DA A 12 ? 6.95510  5.68071  9.45619 0.10440  0.35679  -0.02416 112 DA A "O3'" 
229 C "C2'" . DA A 12 ? 6.86186  5.76989  9.17015 0.11579  0.21993  -0.00597 112 DA A "C2'" 
230 C "C1'" . DA A 12 ? 7.04555  5.72953  9.11832 0.12556  0.24861  0.01342  112 DA A "C1'" 
231 N N9    . DA A 12 ? 7.00821  5.76712  8.96327 0.12792  0.18006  0.02193  112 DA A N9    
232 C C8    . DA A 12 ? 6.94963  5.72825  8.87742 0.11551  0.19531  0.07540  112 DA A C8    
233 N N7    . DA A 12 ? 6.93143  5.77299  8.75348 0.11661  0.12843  0.06890  112 DA A N7    
234 C C5    . DA A 12 ? 6.97660  5.84384  8.75207 0.13408  0.06312  0.00652  112 DA A C5    
235 C C6    . DA A 12 ? 6.97200  5.91125  8.65095 0.14454  -0.02294 -0.03178 112 DA A C6    
236 N N6    . DA A 12 ? 6.92299  5.92225  8.53566 0.13385  -0.05567 -0.01154 112 DA A N6    
237 N N1    . DA A 12 ? 7.01621  5.96394  8.67735 0.16590  -0.07185 -0.09290 112 DA A N1    
238 C C2    . DA A 12 ? 7.07124  5.95260  8.80266 0.17332  -0.03509 -0.11360 112 DA A C2    
239 N N3    . DA A 12 ? 7.08319  5.89485  8.91436 0.16063  0.04780  -0.08295 112 DA A N3    
240 C C4    . DA A 12 ? 7.02890  5.84083  8.87908 0.14226  0.09316  -0.02262 112 DA A C4    
241 P P     . DC A 13 ? 6.91023  5.49304  9.25714 0.12201  0.33607  -0.07401 113 DC A P     
242 O OP1   . DC A 13 ? 7.07962  5.46408  9.17959 0.13689  0.35362  -0.04708 113 DC A OP1   
243 O OP2   . DC A 13 ? 6.96630  5.45064  9.42366 0.11379  0.40611  -0.09777 113 DC A OP2   
244 O "O5'" . DC A 13 ? 6.78471  5.60634  9.17665 0.13141  0.20660  -0.13428 113 DC A "O5'" 
245 C "C5'" . DC A 13 ? 6.84045  5.65972  9.05953 0.15169  0.13228  -0.15847 113 DC A "C5'" 
246 C "C4'" . DC A 13 ? 6.65459  5.74943  8.95978 0.15436  0.02260  -0.19947 113 DC A "C4'" 
247 O "O4'" . DC A 13 ? 6.60768  5.77435  8.80227 0.15767  -0.02718 -0.17586 113 DC A "O4'" 
248 C "C3'" . DC A 13 ? 6.47793  5.77321  9.00426 0.13687  0.01451  -0.19613 113 DC A "C3'" 
249 O "O3'" . DC A 13 ? 6.40522  5.84381  9.04088 0.14185  -0.04970 -0.26508 113 DC A "O3'" 
250 C "C2'" . DC A 13 ? 6.35465  5.80536  8.86339 0.13281  -0.02963 -0.15664 113 DC A "C2'" 
251 C "C1'" . DC A 13 ? 6.41685  5.83110  8.73664 0.14779  -0.08084 -0.17285 113 DC A "C1'" 
252 N N1    . DC A 13 ? 6.38407  5.82256  8.61448 0.14056  -0.08616 -0.12068 113 DC A N1    
253 C C2    . DC A 13 ? 6.36692  5.86695  8.47973 0.14934  -0.15477 -0.14099 113 DC A C2    
254 O O2    . DC A 13 ? 6.37321  5.91035  8.45854 0.16671  -0.21128 -0.20150 113 DC A O2    
255 N N3    . DC A 13 ? 6.34167  5.85869  8.38184 0.13818  -0.15522 -0.09526 113 DC A N3    
256 C C4    . DC A 13 ? 6.33530  5.80476  8.40804 0.12191  -0.09178 -0.03070 113 DC A C4    
257 N N4    . DC A 13 ? 6.31445  5.79520  8.31255 0.10987  -0.09296 0.01160  113 DC A N4    
258 C C5    . DC A 13 ? 6.34700  5.75506  8.53804 0.11698  -0.02225 -0.00863 113 DC A C5    
259 C C6    . DC A 13 ? 6.37058  5.76827  8.64085 0.12512  -0.02161 -0.05558 113 DC A C6    
260 P P     . DG A 14 ? 5.94595  5.25653  8.63912 0.14192  -0.00992 -0.31354 114 DG A P     
261 O OP1   . DG A 14 ? 6.05621  5.16289  8.76360 0.12761  0.10802  -0.26533 114 DG A OP1   
262 O OP2   . DG A 14 ? 5.81562  5.33070  8.68788 0.13764  -0.07323 -0.37364 114 DG A OP2   
263 O "O5'" . DG A 14 ? 6.08814  5.27009  8.58407 0.16817  -0.04183 -0.34788 114 DG A "O5'" 
264 C "C5'" . DG A 14 ? 6.07195  5.32920  8.59445 0.18301  -0.10892 -0.42316 114 DG A "C5'" 
265 C "C4'" . DG A 14 ? 5.91961  5.41196  8.43403 0.19472  -0.21633 -0.45271 114 DG A "C4'" 
266 O "O4'" . DG A 14 ? 5.83400  5.40588  8.31982 0.18484  -0.21838 -0.39340 114 DG A "O4'" 
267 C "C3'" . DG A 14 ? 5.76611  5.48474  8.45695 0.18921  -0.27840 -0.50849 114 DG A "C3'" 
268 O "O3'" . DG A 14 ? 5.79717  5.53242  8.45391 0.21148  -0.33669 -0.58396 114 DG A "O3'" 
269 C "C2'" . DG A 14 ? 5.60182  5.54006  8.31852 0.18468  -0.33271 -0.48168 114 DG A "C2'" 
270 C "C1'" . DG A 14 ? 5.66414  5.49108  8.22168 0.18560  -0.30053 -0.41678 114 DG A "C1'" 
271 N N9    . DG A 14 ? 5.57534  5.48508  8.17698 0.16831  -0.28135 -0.35158 114 DG A N9    
272 C C8    . DG A 14 ? 5.53614  5.46084  8.27852 0.15061  -0.23190 -0.31609 114 DG A C8    
273 N N7    . DG A 14 ? 5.47022  5.46153  8.21375 0.14223  -0.22422 -0.25669 114 DG A N7    
274 C C5    . DG A 14 ? 5.46515  5.48745  8.06150 0.15058  -0.26841 -0.25292 114 DG A C5    
275 C C6    . DG A 14 ? 5.41288  5.50144  7.94638 0.14413  -0.27813 -0.20057 114 DG A C6    
276 O O6    . DG A 14 ? 5.36497  5.49329  7.95334 0.13279  -0.24976 -0.14302 114 DG A O6    
277 N N1    . DG A 14 ? 5.42368  5.52997  7.82215 0.15282  -0.32516 -0.22100 114 DG A N1    
278 C C2    . DG A 14 ? 5.47722  5.54384  7.80834 0.17068  -0.36217 -0.28361 114 DG A C2    
279 N N2    . DG A 14 ? 5.47308  5.57472  7.68950 0.17849  -0.40728 -0.29713 114 DG A N2    
280 N N3    . DG A 14 ? 5.53427  5.53070  7.91322 0.18047  -0.35442 -0.33062 114 DG A N3    
281 C C4    . DG A 14 ? 5.52532  5.50222  8.03726 0.16729  -0.30507 -0.31195 114 DG A C4    
282 P P     . DG A 15 ? 5.20555  5.19134  7.89441 0.22656  -0.44513 -0.64513 115 DG A P     
283 O OP1   . DG A 15 ? 5.28624  5.20923  7.94924 0.24815  -0.47208 -0.71786 115 DG A OP1   
284 O OP2   . DG A 15 ? 5.05477  5.25125  7.90709 0.20906  -0.47438 -0.64820 115 DG A OP2   
285 O "O5'" . DG A 15 ? 5.17490  5.19705  7.70615 0.24099  -0.48025 -0.61501 115 DG A "O5'" 
286 C "C5'" . DG A 15 ? 5.09939  5.27103  7.58708 0.26334  -0.56408 -0.66841 115 DG A "C5'" 
287 C "C4'" . DG A 15 ? 5.12157  5.26198  7.45385 0.27537  -0.57870 -0.63963 115 DG A "C4'" 
288 O "O4'" . DG A 15 ? 5.10892  5.22573  7.42355 0.25155  -0.53278 -0.56014 115 DG A "O4'" 
289 C "C3'" . DG A 15 ? 4.99804  5.35095  7.31592 0.28818  -0.65677 -0.67533 115 DG A "C3'" 
290 O "O3'" . DG A 15 ? 5.04570  5.33788  7.22342 0.30243  -0.67069 -0.66407 115 DG A "O3'" 
291 C "C2'" . DG A 15 ? 4.88086  5.39069  7.27985 0.26181  -0.65196 -0.62775 115 DG A "C2'" 
292 C "C1'" . DG A 15 ? 4.96178  5.29932  7.31870 0.24231  -0.57591 -0.54877 115 DG A "C1'" 
293 N N9    . DG A 15 ? 4.90915  5.29568  7.38067 0.21826  -0.53929 -0.50197 115 DG A N9    
294 C C8    . DG A 15 ? 4.92761  5.27279  7.52220 0.20915  -0.50545 -0.50963 115 DG A C8    
295 N N7    . DG A 15 ? 4.87142  5.27724  7.55925 0.19085  -0.47930 -0.46090 115 DG A N7    
296 C C5    . DG A 15 ? 4.82015  5.30432  7.43253 0.18740  -0.49436 -0.41508 115 DG A C5    
297 C C6    . DG A 15 ? 4.76025  5.32317  7.41378 0.17295  -0.47803 -0.35020 115 DG A C6    
298 O O6    . DG A 15 ? 4.73410  5.32180  7.50659 0.16328  -0.45101 -0.32117 115 DG A O6    
299 N N1    . DG A 15 ? 4.73376  5.35062  7.28113 0.17115  -0.49664 -0.31968 115 DG A N1    
300 C C2    . DG A 15 ? 4.75326  5.35963  7.18191 0.18140  -0.52923 -0.35131 115 DG A C2    
301 N N2    . DG A 15 ? 4.72031  5.38992  7.07377 0.17329  -0.53992 -0.31667 115 DG A N2    
302 N N3    . DG A 15 ? 4.80580  5.34328  7.19772 0.19908  -0.54942 -0.41324 115 DG A N3    
303 C C4    . DG A 15 ? 4.84109  5.31502  7.32379 0.20140  -0.52917 -0.44029 115 DG A C4    
304 P P     . DA A 16 ? 6.54460  7.03091  8.69069 0.30236  -0.72295 -0.66486 116 DA A P     
305 O OP1   . DA A 16 ? 6.51984  7.00884  8.65572 0.27194  -0.68237 -0.58538 116 DA A OP1   
306 O OP2   . DA A 16 ? 6.59976  7.03551  8.64243 0.33280  -0.76197 -0.70638 116 DA A OP2   
307 O "O5'" . DA A 16 ? 6.41645  7.13628  8.67438 0.30590  -0.77424 -0.71775 116 DA A "O5'" 
308 C "C5'" . DA A 16 ? 6.31616  7.23753  8.56631 0.30951  -0.82246 -0.73590 116 DA A "C5'" 
309 C "C4'" . DA A 16 ? 6.26010  7.26330  8.51340 0.27970  -0.79870 -0.66275 116 DA A "C4'" 
310 O "O4'" . DA A 16 ? 6.28223  7.20154  8.59224 0.25819  -0.74689 -0.60697 116 DA A "O4'" 
311 C "C3'" . DA A 16 ? 6.15515  7.39864  8.45561 0.27662  -0.83705 -0.67582 116 DA A "C3'" 
312 O "O3'" . DA A 16 ? 6.13036  7.43793  8.36911 0.26325  -0.83348 -0.63804 116 DA A "O3'" 
313 C "C2'" . DA A 16 ? 6.12788  7.40798  8.52054 0.25929  -0.81581 -0.63674 116 DA A "C2'" 
314 C "C1'" . DA A 16 ? 6.19924  7.27886  8.56880 0.24185  -0.75181 -0.57183 116 DA A "C1'" 
315 N N9    . DA A 16 ? 6.20401  7.24428  8.67291 0.22994  -0.71926 -0.54410 116 DA A N9    
316 C C8    . DA A 16 ? 6.24933  7.19280  8.78607 0.23486  -0.70515 -0.57711 116 DA A C8    
317 N N7    . DA A 16 ? 6.23901  7.17517  8.87662 0.21979  -0.67387 -0.54271 116 DA A N7    
318 C C5    . DA A 16 ? 6.18739  7.21813  8.81449 0.20781  -0.66989 -0.48074 116 DA A C5    
319 C C6    . DA A 16 ? 6.15847  7.23034  8.86459 0.19420  -0.64543 -0.42149 116 DA A C6    
320 N N6    . DA A 16 ? 6.16721  7.19796  8.99593 0.18873  -0.61994 -0.41853 116 DA A N6    
321 N N1    . DA A 16 ? 6.12495  7.28150  8.78545 0.18710  -0.64688 -0.36560 116 DA A N1    
322 C C2    . DA A 16 ? 6.11599  7.31702  8.66799 0.18880  -0.66782 -0.37094 116 DA A C2    
323 N N3    . DA A 16 ? 6.13138  7.31169  8.61343 0.20035  -0.69326 -0.42700 116 DA A N3    
324 C C4    . DA A 16 ? 6.16904  7.26019  8.68977 0.21173  -0.69465 -0.47962 116 DA A C4    
325 P P     . DC A 17 ? 4.25632  5.79780  6.50378 0.26488  -0.87061 -0.65950 117 DC A P     
326 O OP1   . DC A 17 ? 4.25941  5.81430  6.43588 0.26130  -0.87354 -0.65810 117 DC A OP1   
327 O OP2   . DC A 17 ? 4.23027  5.87580  6.53173 0.29022  -0.91598 -0.73637 117 DC A OP2   
328 O "O5'" . DC A 17 ? 4.22666  5.84007  6.50757 0.23932  -0.84334 -0.58455 117 DC A "O5'" 
329 C "C5'" . DC A 17 ? 4.24941  5.77463  6.49166 0.21253  -0.79544 -0.50391 117 DC A "C5'" 
330 C "C4'" . DC A 17 ? 4.22304  5.83848  6.50278 0.19666  -0.77850 -0.44073 117 DC A "C4'" 
331 O "O4'" . DC A 17 ? 4.23435  5.78315  6.59090 0.19871  -0.76436 -0.42447 117 DC A "O4'" 
332 C "C3'" . DC A 17 ? 4.18445  6.01221  6.48004 0.20646  -0.81728 -0.46486 117 DC A "C3'" 
333 O "O3'" . DC A 17 ? 4.18585  6.07196  6.46239 0.18730  -0.79142 -0.38970 117 DC A "O3'" 
334 C "C2'" . DC A 17 ? 4.17605  6.03469  6.55646 0.22474  -0.84640 -0.50188 117 DC A "C2'" 
335 C "C1'" . DC A 17 ? 4.20002  5.90783  6.62005 0.20971  -0.80027 -0.44042 117 DC A "C1'" 
336 N N1    . DC A 17 ? 4.20445  5.86131  6.71945 0.22002  -0.80903 -0.47412 117 DC A N1    
337 C C2    . DC A 17 ? 4.20274  5.86473  6.80033 0.21435  -0.79467 -0.42887 117 DC A C2    
338 O O2    . DC A 17 ? 4.20241  5.90815  6.78284 0.20466  -0.77742 -0.36018 117 DC A O2    
339 N N3    . DC A 17 ? 4.20556  5.82420  6.90594 0.21984  -0.79959 -0.46254 117 DC A N3    
340 C C4    . DC A 17 ? 4.21728  5.77834  6.92898 0.22975  -0.81441 -0.53498 117 DC A C4    
341 N N4    . DC A 17 ? 4.22519  5.74140  7.04661 0.23068  -0.81357 -0.56663 117 DC A N4    
342 C C5    . DC A 17 ? 4.22617  5.77318  6.84355 0.23971  -0.83042 -0.57903 117 DC A C5    
343 C C6    . DC A 17 ? 4.21577  5.81591  6.74192 0.23477  -0.82845 -0.54776 117 DC A C6    
344 P P     . DA A 18 ? 3.96212  6.03860  6.19988 0.18753  -0.80848 -0.39057 118 DA A P     
345 O OP1   . DA A 18 ? 3.96862  6.02848  6.14370 0.16686  -0.78340 -0.37741 118 DA A OP1   
346 O OP2   . DA A 18 ? 3.95433  6.15650  6.21907 0.21629  -0.86180 -0.47030 118 DA A OP2   
347 O "O5'" . DA A 18 ? 3.97272  6.08558  6.22039 0.17832  -0.78744 -0.30658 118 DA A "O5'" 
348 C "C5'" . DA A 18 ? 3.97232  6.01257  6.28901 0.18358  -0.78275 -0.27735 118 DA A "C5'" 
349 C "C4'" . DA A 18 ? 3.97775  6.15729  6.33166 0.20446  -0.82206 -0.27839 118 DA A "C4'" 
350 O "O4'" . DA A 18 ? 3.96739  6.10761  6.41990 0.21902  -0.84562 -0.31079 118 DA A "O4'" 
351 C "C3'" . DA A 18 ? 3.98292  6.32691  6.30047 0.22334  -0.86864 -0.34316 118 DA A "C3'" 
352 O "O3'" . DA A 18 ? 4.01164  6.47795  6.31752 0.23746  -0.89111 -0.31315 118 DA A "O3'" 
353 C "C2'" . DA A 18 ? 3.96660  6.29522  6.35158 0.24256  -0.90978 -0.43037 118 DA A "C2'" 
354 C "C1'" . DA A 18 ? 3.96487  6.22360  6.43873 0.24278  -0.90502 -0.39389 118 DA A "C1'" 
355 N N9    . DA A 18 ? 3.95331  6.12844  6.51045 0.24903  -0.91822 -0.45323 118 DA A N9    
356 C C8    . DA A 18 ? 3.94946  6.05777  6.49567 0.25172  -0.92144 -0.51842 118 DA A C8    
357 N N7    . DA A 18 ? 3.95138  5.98087  6.58116 0.25628  -0.92795 -0.55861 118 DA A N7    
358 C C5    . DA A 18 ? 3.94979  6.00568  6.66232 0.25517  -0.93067 -0.52077 118 DA A C5    
359 C C6    . DA A 18 ? 3.95117  5.96120  6.78813 0.25567  -0.93466 -0.53776 118 DA A C6    
360 N N6    . DA A 18 ? 3.96001  5.87429  6.85070 0.25515  -0.93103 -0.59706 118 DA A N6    
361 N N1    . DA A 18 ? 3.94977  6.01496  6.85798 0.25726  -0.94152 -0.49161 118 DA A N1    
362 C C2    . DA A 18 ? 3.95405  6.10425  6.79850 0.26039  -0.94362 -0.42903 118 DA A C2    
363 N N3    . DA A 18 ? 3.95844  6.14970  6.67956 0.25750  -0.93413 -0.40430 118 DA A N3    
364 C C4    . DA A 18 ? 3.95217  6.09737  6.61837 0.25367  -0.92813 -0.45517 118 DA A C4    
365 P P     . DT A 19 ? 4.85021  7.37086  7.06843 0.22408  -0.85561 -0.23168 119 DT A P     
366 O OP1   . DT A 19 ? 4.82664  7.22720  7.01636 0.19058  -0.79552 -0.18266 119 DT A OP1   
367 O OP2   . DT A 19 ? 4.89591  7.57324  7.04885 0.23992  -0.88329 -0.27383 119 DT A OP2   
368 O "O5'" . DT A 19 ? 4.89449  7.42102  7.14799 0.23749  -0.86449 -0.16435 119 DT A "O5'" 
369 C "C5'" . DT A 19 ? 4.85918  7.30453  7.21909 0.24425  -0.87589 -0.16685 119 DT A "C5'" 
370 C "C4'" . DT A 19 ? 4.88219  7.43827  7.29684 0.27753  -0.94359 -0.20390 119 DT A "C4'" 
371 O "O4'" . DT A 19 ? 4.82181  7.34203  7.33436 0.28302  -0.97281 -0.28281 119 DT A "O4'" 
372 C "C3'" . DT A 19 ? 4.94259  7.65973  7.27359 0.29929  -0.98771 -0.24130 119 DT A "C3'" 
373 O "O3'" . DT A 19 ? 5.03288  7.82547  7.32955 0.32036  -1.00796 -0.18105 119 DT A "O3'" 
374 C "C2'" . DT A 19 ? 4.90426  7.67574  7.29490 0.31841  -1.04807 -0.35025 119 DT A "C2'" 
375 C "C1'" . DT A 19 ? 4.83540  7.48679  7.35571 0.30958  -1.04147 -0.35913 119 DT A "C1'" 
376 N N1    . DT A 19 ? 4.77547  7.38327  7.34376 0.30714  -1.05484 -0.45097 119 DT A N1    
377 C C2    . DT A 19 ? 4.73735  7.28839  7.42996 0.30904  -1.07256 -0.48792 119 DT A C2    
378 O O2    . DT A 19 ? 4.74265  7.28830  7.51964 0.31304  -1.08070 -0.45341 119 DT A O2    
379 N N3    . DT A 19 ? 4.69893  7.19838  7.41919 0.30687  -1.07875 -0.56769 119 DT A N3    
380 C C4    . DT A 19 ? 4.69155  7.19420  7.33235 0.30698  -1.07421 -0.61403 119 DT A C4    
381 O O4    . DT A 19 ? 4.66634  7.11407  7.33739 0.30952  -1.08261 -0.68392 119 DT A O4    
382 C C5    . DT A 19 ? 4.72358  7.29808  7.24794 0.30488  -1.05731 -0.57511 119 DT A C5    
383 C C7    . DT A 19 ? 4.71702  7.31261  7.16587 0.30569  -1.05139 -0.62366 119 DT A C7    
384 C C6    . DT A 19 ? 4.76573  7.38589  7.25828 0.30295  -1.04570 -0.49556 119 DT A C6    
385 P P     . DC A 20 ? 7.07438  9.90940  9.46781 0.35174  -1.07095 -0.18721 120 DC A P     
386 O OP1   . DC A 20 ? 6.98995  9.71015  9.52299 0.33880  -1.05610 -0.19168 120 DC A OP1   
387 O OP2   . DC A 20 ? 7.18408  10.06919 9.50724 0.37050  -1.07419 -0.10324 120 DC A OP2   
388 O "O5'" . DC A 20 ? 7.08697  10.04963 9.47450 0.37831  -1.14666 -0.29270 120 DC A "O5'" 
389 C "C5'" . DC A 20 ? 7.12063  10.16902 9.56365 0.41185  -1.22288 -0.32059 120 DC A "C5'" 
390 C "C4'" . DC A 20 ? 7.02985  10.00982 9.64592 0.40608  -1.23850 -0.35130 120 DC A "C4'" 
391 O "O4'" . DC A 20 ? 6.93929  9.83012  9.59689 0.37920  -1.20432 -0.40791 120 DC A "O4'" 
392 C "C3'" . DC A 20 ? 7.03598  10.11491 9.73731 0.43573  -1.32927 -0.42460 120 DC A "C3'" 
393 O "O3'" . DC A 20 ? 6.99577  10.02144 9.85800 0.43350  -1.33464 -0.40601 120 DC A "O3'" 
394 C "C2'" . DC A 20 ? 6.96990  10.05154 9.68827 0.42656  -1.34379 -0.53255 120 DC A "C2'" 
395 C "C1'" . DC A 20 ? 6.89690  9.82507  9.65023 0.38992  -1.26221 -0.50581 120 DC A "C1'" 
396 N N1    . DC A 20 ? 6.85017  9.74595  9.57079 0.37734  -1.24704 -0.57915 120 DC A N1    
397 C C2    . DC A 20 ? 6.78527  9.61565  9.61838 0.36883  -1.25641 -0.65203 120 DC A C2    
398 O O2    . DC A 20 ? 6.76425  9.57269  9.72957 0.36848  -1.27510 -0.65758 120 DC A O2    
399 N N3    . DC A 20 ? 6.75477  9.54728  9.55295 0.36221  -1.24379 -0.71546 120 DC A N3    
400 C C4    . DC A 20 ? 6.77695  9.60381  9.44744 0.36323  -1.22397 -0.71062 120 DC A C4    
401 N N4    . DC A 20 ? 6.74756  9.53864  9.39630 0.36107  -1.21639 -0.77638 120 DC A N4    
402 C C5    . DC A 20 ? 6.83882  9.73714  9.40263 0.36714  -1.20948 -0.63859 120 DC A C5    
403 C C6    . DC A 20 ? 6.87794  9.80266  9.46500 0.37417  -1.22055 -0.57287 120 DC A C6    
404 P P     . DA A 21 ? 6.15961  9.27202  9.07787 0.46986  -1.40105 -0.37224 121 DA A P     
405 O OP1   . DA A 21 ? 6.11797  9.13326  9.17337 0.45747  -1.35889 -0.31082 121 DA A OP1   
406 O OP2   . DA A 21 ? 6.28403  9.47876  9.02801 0.49626  -1.41774 -0.32139 121 DA A OP2   
407 O "O5'" . DA A 21 ? 6.13698  9.34819  9.15263 0.48836  -1.49544 -0.48768 121 DA A "O5'" 
408 C "C5'" . DA A 21 ? 6.19872  9.52464  9.09754 0.51174  -1.55668 -0.55439 121 DA A "C5'" 
409 C "C4'" . DA A 21 ? 6.14132  9.51191  9.15298 0.51323  -1.62170 -0.67687 121 DA A "C4'" 
410 O "O4'" . DA A 21 ? 6.06036  9.34933  9.07472 0.48167  -1.57000 -0.73053 121 DA A "O4'" 
411 C "C3'" . DA A 21 ? 6.22708  9.73975  9.14757 0.55028  -1.71426 -0.74848 121 DA A "C3'" 
412 O "O3'" . DA A 21 ? 6.19003  9.75485  9.26392 0.55887  -1.79478 -0.83774 121 DA A "O3'" 
413 C "C2'" . DA A 21 ? 6.21856  9.72125  9.01959 0.53751  -1.67912 -0.80010 121 DA A "C2'" 
414 C "C1'" . DA A 21 ? 6.09048  9.46323  9.01659 0.49691  -1.61675 -0.82036 121 DA A "C1'" 
415 N N9    . DA A 21 ? 6.06510  9.37660  8.88840 0.47705  -1.54813 -0.82013 121 DA A N9    
416 C C8    . DA A 21 ? 6.12558  9.45365  8.78667 0.47911  -1.50527 -0.76241 121 DA A C8    
417 N N7    . DA A 21 ? 6.08027  9.34909  8.69524 0.45894  -1.45110 -0.78140 121 DA A N7    
418 C C5    . DA A 21 ? 5.99308  9.19301  8.73591 0.44522  -1.45847 -0.85315 121 DA A C5    
419 C C6    . DA A 21 ? 5.92713  9.03767  8.68760 0.42670  -1.42099 -0.90227 121 DA A C6    
420 N N6    . DA A 21 ? 5.92813  9.01504  8.58263 0.41924  -1.37252 -0.88921 121 DA A N6    
421 N N1    . DA A 21 ? 5.86907  8.91467  8.76356 0.41734  -1.43617 -0.96643 121 DA A N1    
422 C C2    . DA A 21 ? 5.86629  8.94393  8.88308 0.42232  -1.48469 -0.98247 121 DA A C2    
423 N N3    . DA A 21 ? 5.91555  9.08538  8.93977 0.44056  -1.52941 -0.94435 121 DA A N3    
424 C C4    . DA A 21 ? 5.98263  9.20640  8.85737 0.45329  -1.51381 -0.87779 121 DA A C4    
425 P P     . DC B 1  ? 3.98376  7.68595  6.27619 -0.67428 1.73133  -0.36642 119 DC B P     
426 O OP1   . DC B 1  ? 3.87119  7.53310  6.24981 -0.67748 1.70822  -0.32498 119 DC B OP1   
427 O OP2   . DC B 1  ? 4.04389  7.71522  6.28209 -0.67330 1.71371  -0.43304 119 DC B OP2   
428 O "O5'" . DC B 1  ? 3.96405  7.70891  6.27105 -0.65912 1.77176  -0.37627 119 DC B "O5'" 
429 C "C5'" . DC B 1  ? 3.92683  7.71323  6.28743 -0.65882 1.79487  -0.31528 119 DC B "C5'" 
430 C "C4'" . DC B 1  ? 3.99638  7.84710  6.32972 -0.64417 1.83895  -0.32532 119 DC B "C4'" 
431 O "O4'" . DC B 1  ? 4.13381  8.00460  6.36950 -0.64062 1.84745  -0.37814 119 DC B "O4'" 
432 C "C3'" . DC B 1  ? 3.93766  7.77788  6.32247 -0.62520 1.85223  -0.35332 119 DC B "C3'" 
433 O "O3'" . DC B 1  ? 3.93317  7.84241  6.33432 -0.61427 1.89283  -0.31962 119 DC B "O3'" 
434 C "C2'" . DC B 1  ? 4.01763  7.83547  6.33801 -0.61467 1.84912  -0.43726 119 DC B "C2'" 
435 C "C1'" . DC B 1  ? 4.15403  8.01530  6.37947 -0.62252 1.85813  -0.44341 119 DC B "C1'" 
436 N N1    . DC B 1  ? 4.23037  8.05499  6.39334 -0.62832 1.83382  -0.50793 119 DC B N1    
437 C C2    . DC B 1  ? 4.25647  8.06241  6.40132 -0.61504 1.83650  -0.58203 119 DC B C2    
438 O O2    . DC B 1  ? 4.21670  8.03471  6.39379 -0.59602 1.85931  -0.59521 119 DC B O2    
439 N N3    . DC B 1  ? 4.32039  8.09680  6.41431 -0.62387 1.81319  -0.63717 119 DC B N3    
440 C C4    . DC B 1  ? 4.36157  8.12934  6.42189 -0.64355 1.78876  -0.61887 119 DC B C4    
441 N N4    . DC B 1  ? 4.42194  8.16652  6.43605 -0.65313 1.76615  -0.67168 119 DC B N4    
442 C C5    . DC B 1  ? 4.33769  8.12324  6.41157 -0.65456 1.78608  -0.54501 119 DC B C5    
443 C C6    . DC B 1  ? 4.27057  8.08289  6.39614 -0.64724 1.80862  -0.49308 119 DC B C6    
444 P P     . DC B 2  ? 2.99424  6.90573  5.49863 -0.60627 1.90194  -0.28414 120 DC B P     
445 O OP1   . DC B 2  ? 3.02941  6.95643  5.52216 -0.58066 1.92704  -0.33486 120 DC B OP1   
446 O OP2   . DC B 2  ? 3.00628  6.96892  5.55390 -0.61914 1.91670  -0.20126 120 DC B OP2   
447 O "O5'" . DC B 2  ? 2.91361  6.73853  5.47776 -0.61644 1.85553  -0.29096 120 DC B "O5'" 
448 C "C5'" . DC B 2  ? 2.88314  6.66981  5.51375 -0.60504 1.84749  -0.30894 120 DC B "C5'" 
449 C "C4'" . DC B 2  ? 2.88178  6.62104  5.46898 -0.59054 1.83884  -0.39451 120 DC B "C4'" 
450 O "O4'" . DC B 2  ? 2.88671  6.61169  5.39291 -0.59895 1.82515  -0.43066 120 DC B "O4'" 
451 C "C3'" . DC B 2  ? 2.81962  6.47521  5.46487 -0.58878 1.80348  -0.42020 120 DC B "C3'" 
452 O "O3'" . DC B 2  ? 2.83398  6.49030  5.51043 -0.56940 1.82020  -0.44674 120 DC B "O3'" 
453 C "C2'" . DC B 2  ? 2.79858  6.39726  5.38486 -0.59260 1.77535  -0.48140 120 DC B "C2'" 
454 C "C1'" . DC B 2  ? 2.85660  6.51388  5.35242 -0.59413 1.79974  -0.49717 120 DC B "C1'" 
455 N N1    . DC B 2  ? 2.83725  6.46742  5.27703 -0.60917 1.77257  -0.51549 120 DC B N1    
456 C C2    . DC B 2  ? 2.84637  6.45267  5.22766 -0.60665 1.76375  -0.58761 120 DC B C2    
457 O O2    . DC B 2  ? 2.87168  6.47724  5.24728 -0.59130 1.77881  -0.63834 120 DC B O2    
458 N N3    . DC B 2  ? 2.82782  6.41540  5.16208 -0.62151 1.73843  -0.59918 120 DC B N3    
459 C C4    . DC B 2  ? 2.80245  6.39251  5.14284 -0.63563 1.72295  -0.54394 120 DC B C4    
460 N N4    . DC B 2  ? 2.78581  6.36095  5.07764 -0.64847 1.69844  -0.55575 120 DC B N4    
461 C C5    . DC B 2  ? 2.79396  6.40488  5.19216 -0.63789 1.73149  -0.47368 120 DC B C5    
462 C C6    . DC B 2  ? 2.81121  6.44212  5.25907 -0.62578 1.75577  -0.46122 120 DC B C6    
463 P P     . DG B 3  ? 4.40137  8.07259  7.17553 -0.56728 1.82581  -0.39085 121 DG B P     
464 O OP1   . DG B 3  ? 4.46239  8.22761  7.23200 -0.55746 1.87234  -0.35637 121 DG B OP1   
465 O OP2   . DG B 3  ? 4.34674  7.98347  7.17509 -0.58805 1.79177  -0.33994 121 DG B OP2   
466 O "O5'" . DG B 3  ? 4.38082  7.99172  7.18367 -0.55027 1.81411  -0.44745 121 DG B "O5'" 
467 C "C5'" . DG B 3  ? 4.42953  8.07029  7.20248 -0.52717 1.84561  -0.49374 121 DG B "C5'" 
468 C "C4'" . DG B 3  ? 4.42008  7.99334  7.14788 -0.51916 1.82713  -0.58009 121 DG B "C4'" 
469 O "O4'" . DG B 3  ? 4.39987  7.94210  7.07713 -0.53616 1.80204  -0.59572 121 DG B "O4'" 
470 C "C3'" . DG B 3  ? 4.36891  7.85811  7.15398 -0.51505 1.79620  -0.60614 121 DG B "C3'" 
471 O "O3'" . DG B 3  ? 4.38866  7.84957  7.13828 -0.49832 1.80036  -0.68438 121 DG B "O3'" 
472 C "C2'" . DG B 3  ? 4.31037  7.73311  7.10052 -0.53464 1.75230  -0.59867 121 DG B "C2'" 
473 C "C1'" . DG B 3  ? 4.33882  7.79033  7.04425 -0.54212 1.75927  -0.62088 121 DG B "C1'" 
474 N N9    . DG B 3  ? 4.30243  7.73537  7.00211 -0.56197 1.73215  -0.58631 121 DG B N9    
475 C C8    . DG B 3  ? 4.27185  7.70864  7.02511 -0.57423 1.71980  -0.51758 121 DG B C8    
476 N N7    . DG B 3  ? 4.24490  7.66275  6.97615 -0.58871 1.69567  -0.50298 121 DG B N7    
477 C C5    . DG B 3  ? 4.25713  7.65989  6.91708 -0.58717 1.69146  -0.56325 121 DG B C5    
478 C C6    . DG B 3  ? 4.30449  7.68972  6.91389 -0.59895 1.66891  -0.57518 121 DG B C6    
479 O O6    . DG B 3  ? 4.29608  7.67372  6.91150 -0.61092 1.64833  -0.53503 121 DG B O6    
480 N N1    . DG B 3  ? 4.37004  7.74955  6.91761 -0.59589 1.67105  -0.64175 121 DG B N1    
481 C C2    . DG B 3  ? 4.38503  7.77263  6.92014 -0.58197 1.69269  -0.69340 121 DG B C2    
482 N N2    . DG B 3  ? 4.45060  7.83246  6.92604 -0.58317 1.68979  -0.75677 121 DG B N2    
483 N N3    . DG B 3  ? 4.33742  7.74083  6.91665 -0.56785 1.71516  -0.68375 121 DG B N3    
484 C C4    . DG B 3  ? 4.29295  7.70420  6.93364 -0.57196 1.71320  -0.61607 121 DG B C4    
485 P P     . DT B 4  ? 4.21509  7.58677  7.01085 -0.49049 1.77181  -0.72640 122 DT B P     
486 O OP1   . DT B 4  ? 4.26139  7.65775  7.04626 -0.46630 1.80115  -0.77050 122 DT B OP1   
487 O OP2   . DT B 4  ? 4.16317  7.50098  7.03805 -0.50011 1.74752  -0.67004 122 DT B OP2   
488 O "O5'" . DT B 4  ? 4.18606  7.48799  6.93624 -0.50056 1.73754  -0.78420 122 DT B "O5'" 
489 C "C5'" . DT B 4  ? 4.22828  7.54989  6.90393 -0.49617 1.75094  -0.84626 122 DT B "C5'" 
490 C "C4'" . DT B 4  ? 4.19257  7.45577  6.83616 -0.51161 1.71443  -0.88369 122 DT B "C4'" 
491 O "O4'" . DT B 4  ? 4.16707  7.44125  6.80429 -0.53040 1.69986  -0.83010 122 DT B "O4'" 
492 C "C3'" . DT B 4  ? 4.13570  7.30272  6.82359 -0.51106 1.67548  -0.91273 122 DT B "C3'" 
493 O "O3'" . DT B 4  ? 4.13939  7.27475  6.78336 -0.51354 1.66142  -0.98504 122 DT B "O3'" 
494 C "C2'" . DT B 4  ? 4.07974  7.21486  6.79780 -0.52623 1.64380  -0.85737 122 DT B "C2'" 
495 C "C1'" . DT B 4  ? 4.10625  7.30284  6.76421 -0.53959 1.65627  -0.83863 122 DT B "C1'" 
496 N N1    . DT B 4  ? 4.07183  7.27104  6.74983 -0.55313 1.63958  -0.77196 122 DT B N1    
497 C C2    . DT B 4  ? 4.05520  7.24973  6.69077 -0.56741 1.61947  -0.77162 122 DT B C2    
498 O O2    . DT B 4  ? 4.06682  7.25804  6.65034 -0.57172 1.61429  -0.82181 122 DT B O2    
499 N N3    . DT B 4  ? 4.02521  7.22266  6.68303 -0.57716 1.60511  -0.70991 122 DT B N3    
500 C C4    . DT B 4  ? 4.01061  7.21466  6.73043 -0.57619 1.60748  -0.65107 122 DT B C4    
501 O O4    . DT B 4  ? 3.98525  7.19210  6.72245 -0.58598 1.59285  -0.60067 122 DT B O4    
502 C C5    . DT B 4  ? 4.02808  7.23836  6.79266 -0.56351 1.62773  -0.65313 122 DT B C5    
503 C C7    . DT B 4  ? 4.01472  7.23724  6.85204 -0.56472 1.63026  -0.59029 122 DT B C7    
504 C C6    . DT B 4  ? 4.05742  7.26485  6.79793 -0.55158 1.64316  -0.71222 122 DT B C6    
505 P P     . DA B 5  ? 2.62408  5.66541  5.29161 -0.52075 1.61358  -1.01383 123 DA B P     
506 O OP1   . DA B 5  ? 2.64480  5.67225  5.27345 -0.52032 1.61063  -1.09312 123 DA B OP1   
507 O OP2   . DA B 5  ? 2.58374  5.56824  5.32273 -0.51167 1.59743  -0.98857 123 DA B OP2   
508 O "O5'" . DA B 5  ? 2.59094  5.63493  5.23913 -0.53993 1.59036  -0.97324 123 DA B "O5'" 
509 C "C5'" . DA B 5  ? 2.60061  5.66099  5.18920 -0.55384 1.58233  -1.00612 123 DA B "C5'" 
510 C "C4'" . DA B 5  ? 2.54011  5.54751  5.13988 -0.56499 1.53896  -0.99225 123 DA B "C4'" 
511 O "O4'" . DA B 5  ? 2.51801  5.54146  5.13294 -0.56979 1.53418  -0.91981 123 DA B "O4'" 
512 C "C3'" . DA B 5  ? 2.49044  5.41111  5.14385 -0.55607 1.50672  -1.01014 123 DA B "C3'" 
513 O "O3'" . DA B 5  ? 2.45373  5.33786  5.09351 -0.56586 1.47137  -1.03044 123 DA B "O3'" 
514 C "C2'" . DA B 5  ? 2.45834  5.36093  5.16453 -0.54996 1.49941  -0.94363 123 DA B "C2'" 
515 C "C1'" . DA B 5  ? 2.46231  5.41852  5.13597 -0.56296 1.50334  -0.89531 123 DA B "C1'" 
516 N N9    . DA B 5  ? 2.45783  5.43618  5.16869 -0.56114 1.51335  -0.82865 123 DA B N9    
517 C C8    . DA B 5  ? 2.47380  5.46323  5.22837 -0.55178 1.53449  -0.80841 123 DA B C8    
518 N N7    . DA B 5  ? 2.46447  5.47721  5.25132 -0.55554 1.53719  -0.74448 123 DA B N7    
519 C C5    . DA B 5  ? 2.44140  5.45620  5.20160 -0.56641 1.51702  -0.72313 123 DA B C5    
520 C C6    . DA B 5  ? 2.42362  5.45863  5.19775 -0.57480 1.50899  -0.66211 123 DA B C6    
521 N N6    . DA B 5  ? 2.42599  5.48424  5.25008 -0.57614 1.51986  -0.60926 123 DA B N6    
522 N N1    . DA B 5  ? 2.40384  5.43772  5.14114 -0.58252 1.48879  -0.65684 123 DA B N1    
523 C C2    . DA B 5  ? 2.40121  5.41715  5.09304 -0.58373 1.47668  -0.70687 123 DA B C2    
524 N N3    . DA B 5  ? 2.41632  5.41254  5.09384 -0.57899 1.48132  -0.76650 123 DA B N3    
525 C C4    . DA B 5  ? 2.43673  5.43186  5.14932 -0.56952 1.50237  -0.77278 123 DA B C4    
526 P P     . DC B 6  ? 3.04617  5.88906  5.68157 -0.56671 1.45538  -1.10579 124 DC B P     
527 O OP1   . DC B 6  ? 3.10796  6.00762  5.69831 -0.57016 1.48796  -1.15462 124 DC B OP1   
528 O OP2   . DC B 6  ? 3.01220  5.77927  5.70524 -0.55170 1.43713  -1.11269 124 DC B OP2   
529 O "O5'" . DC B 6  ? 3.00834  5.83936  5.62260 -0.58209 1.41946  -1.10520 124 DC B "O5'" 
530 C "C5'" . DC B 6  ? 3.01441  5.90069  5.58710 -0.59580 1.42217  -1.06815 124 DC B "C5'" 
531 C "C4'" . DC B 6  ? 2.95887  5.81336  5.55506 -0.59299 1.39044  -1.01288 124 DC B "C4'" 
532 O "O4'" . DC B 6  ? 2.95557  5.81190  5.58344 -0.58197 1.40341  -0.95792 124 DC B "O4'" 
533 C "C3'" . DC B 6  ? 2.90628  5.68238  5.54354 -0.58374 1.35164  -1.02806 124 DC B "C3'" 
534 O "O3'" . DC B 6  ? 2.86733  5.64015  5.49331 -0.58897 1.31990  -1.00274 124 DC B "O3'" 
535 C "C2'" . DC B 6  ? 2.88702  5.61889  5.57859 -0.56498 1.35199  -0.99513 124 DC B "C2'" 
536 C "C1'" . DC B 6  ? 2.90388  5.69174  5.58438 -0.56831 1.37340  -0.93809 124 DC B "C1'" 
537 N N1    . DC B 6  ? 2.90961  5.68795  5.63584 -0.55648 1.39021  -0.90774 124 DC B N1    
538 C C2    . DC B 6  ? 2.90925  5.72173  5.64612 -0.55791 1.39932  -0.84638 124 DC B C2    
539 O O2    . DC B 6  ? 2.90481  5.75248  5.61001 -0.56733 1.39420  -0.81901 124 DC B O2    
540 N N3    . DC B 6  ? 2.91377  5.72188  5.69795 -0.55006 1.41279  -0.81770 124 DC B N3    
541 C C4    . DC B 6  ? 2.91889  5.69053  5.73558 -0.53975 1.41782  -0.84726 124 DC B C4    
542 N N4    . DC B 6  ? 2.92362  5.69718  5.78840 -0.53368 1.43051  -0.81447 124 DC B N4    
543 C C5    . DC B 6  ? 2.91960  5.65270  5.72319 -0.53628 1.40910  -0.91074 124 DC B C5    
544 C C6    . DC B 6  ? 2.91473  5.65290  5.67477 -0.54549 1.39527  -0.93928 124 DC B C6    
545 P P     . DA B 7  ? 3.87234  6.58538  6.51959 -0.58526 1.27813  -1.02791 125 DA B P     
546 O OP1   . DA B 7  ? 3.87786  6.63309  6.48295 -0.60598 1.26733  -1.04843 125 DA B OP1   
547 O OP2   . DA B 7  ? 3.87425  6.53126  6.55789 -0.57458 1.27951  -1.07039 125 DA B OP2   
548 O "O5'" . DA B 7  ? 3.82038  6.49951  6.49591 -0.56881 1.25011  -0.96977 125 DA B "O5'" 
549 C "C5'" . DA B 7  ? 3.81420  6.47146  6.52644 -0.55336 1.25921  -0.93289 125 DA B "C5'" 
550 C "C4'" . DA B 7  ? 3.76329  6.38630  6.50190 -0.53722 1.22712  -0.88924 125 DA B "C4'" 
551 O "O4'" . DA B 7  ? 3.76584  6.39950  6.52846 -0.53032 1.24083  -0.84218 125 DA B "O4'" 
552 C "C3'" . DA B 7  ? 3.72518  6.26728  6.50544 -0.51898 1.19755  -0.90647 125 DA B "C3'" 
553 O "O3'" . DA B 7  ? 3.67982  6.20363  6.46785 -0.50543 1.16404  -0.87519 125 DA B "O3'" 
554 C "C2'" . DA B 7  ? 3.73351  6.24645  6.55665 -0.50834 1.21322  -0.89397 125 DA B "C2'" 
555 C "C1'" . DA B 7  ? 3.74753  6.31758  6.56358 -0.51361 1.23213  -0.84249 125 DA B "C1'" 
556 N N9    . DA B 7  ? 3.78417  6.37615  6.61678 -0.51796 1.26617  -0.83555 125 DA B N9    
557 C C8    . DA B 7  ? 3.82521  6.43490  6.64559 -0.52560 1.29454  -0.87296 125 DA B C8    
558 N N7    . DA B 7  ? 3.85235  6.48679  6.69356 -0.52588 1.32244  -0.85198 125 DA B N7    
559 C C5    . DA B 7  ? 3.82687  6.45774  6.69869 -0.52084 1.31042  -0.79802 125 DA B C5    
560 C C6    . DA B 7  ? 3.83652  6.48897  6.74551 -0.52130 1.32608  -0.75268 125 DA B C6    
561 N N6    . DA B 7  ? 3.87539  6.56141  6.79500 -0.52563 1.35915  -0.75169 125 DA B N6    
562 N N1    . DA B 7  ? 3.80536  6.44713  6.74302 -0.51691 1.30588  -0.70790 125 DA B N1    
563 C C2    . DA B 7  ? 3.76728  6.38071  6.69391 -0.50895 1.27362  -0.70845 125 DA B C2    
564 N N3    . DA B 7  ? 3.75398  6.34889  6.64513 -0.50676 1.25679  -0.74486 125 DA B N3    
565 C C4    . DA B 7  ? 3.78534  6.38932  6.65154 -0.51471 1.27618  -0.78916 125 DA B C4    
566 P P     . DG C 1  ? 10.96168 4.42843  4.86870 2.74344  0.89694  1.02829  209 DG C P     
567 O OP1   . DG C 1  ? 11.03295 4.58642  4.81803 2.76161  0.80767  1.01756  209 DG C OP1   
568 O OP2   . DG C 1  ? 11.18818 4.52247  4.98565 2.76312  0.98554  0.99578  209 DG C OP2   
569 O "O5'" . DG C 1  ? 10.88976 4.38872  5.06873 2.67941  0.88270  1.09460  209 DG C "O5'" 
570 C "C5'" . DG C 1  ? 10.89810 4.35036  5.24535 2.66075  0.94505  1.10995  209 DG C "C5'" 
571 C "C4'" . DG C 1  ? 10.96908 4.33150  5.37141 2.63297  0.98719  1.12623  209 DG C "C4'" 
572 O "O4'" . DG C 1  ? 10.97083 4.34443  5.33924 2.60859  0.92631  1.14964  209 DG C "O4'" 
573 C "C3'" . DG C 1  ? 11.09027 4.32996  5.33647 2.65211  1.07847  1.08453  209 DG C "C3'" 
574 O "O3'" . DG C 1  ? 11.10542 4.30183  5.47915 2.64453  1.15085  1.08090  209 DG C "O3'" 
575 C "C2'" . DG C 1  ? 11.23205 4.38945  5.41050 2.62322  1.07992  1.09832  209 DG C "C2'" 
576 C "C1'" . DG C 1  ? 11.20832 4.45614  5.41374 2.60513  0.97865  1.13071  209 DG C "C1'" 
577 N N9    . DG C 1  ? 11.50868 4.76585  5.49328 2.63086  0.94538  1.10546  209 DG C N9    
578 C C8    . DG C 1  ? 11.40141 4.78118  5.34161 2.65822  0.87127  1.09617  209 DG C C8    
579 N N7    . DG C 1  ? 11.70600 5.07091  5.42959 2.68564  0.84882  1.06780  209 DG C N7    
580 C C5    . DG C 1  ? 12.07608 5.28343  5.68419 2.67088  0.91936  1.06126  209 DG C C5    
581 C C6    . DG C 1  ? 12.51890 5.63767  5.87473 2.68234  0.93718  1.03100  209 DG C C6    
582 O O6    . DG C 1  ? 12.53446 5.79794  5.77860 2.68720  0.88281  0.97574  209 DG C O6    
583 N N1    . DG C 1  ? 12.75293 5.80948  6.12509 2.60673  1.02184  0.99917  209 DG C N1    
584 C C2    . DG C 1  ? 12.63240 5.53002  6.11348 2.60187  1.08042  1.05093  209 DG C C2    
585 N N2    . DG C 1  ? 12.86749 5.71164  6.32157 2.52480  1.15620  1.01048  209 DG C N2    
586 N N3    . DG C 1  ? 12.19368 5.17796  5.90926 2.60418  1.05660  1.08150  209 DG C N3    
587 C C4    . DG C 1  ? 11.95004 5.09014  5.71862 2.63371  0.97919  1.08350  209 DG C C4    
588 P P     . DG C 2  ? 12.11402 5.21808  6.36379 2.66962  1.25032  1.02757  210 DG C P     
589 O OP1   . DG C 2  ? 12.05990 5.19030  6.46940 2.66086  1.28757  1.02396  210 DG C OP1   
590 O OP2   . DG C 2  ? 12.15887 5.24907  6.16077 2.71678  1.23798  0.98095  210 DG C OP2   
591 O "O5'" . DG C 2  ? 12.19017 5.19809  6.45744 2.63513  1.30280  1.03286  210 DG C "O5'" 
592 C "C5'" . DG C 2  ? 12.25657 5.18435  6.41707 2.64067  1.38263  0.98595  210 DG C "C5'" 
593 C "C4'" . DG C 2  ? 12.42630 5.25340  6.36350 2.64693  1.39267  0.96945  210 DG C "C4'" 
594 O "O4'" . DG C 2  ? 12.61962 5.48957  6.43820 2.67363  1.31277  0.98062  210 DG C "O4'" 
595 C "C3'" . DG C 2  ? 12.63799 5.38562  6.38499 2.68485  1.46262  0.89784  210 DG C "C3'" 
596 O "O3'" . DG C 2  ? 12.86151 5.61060  6.59058 2.60532  1.50744  0.86494  210 DG C "O3'" 
597 C "C2'" . DG C 2  ? 12.81576 5.63695  6.37099 2.73651  1.40374  0.85420  210 DG C "C2'" 
598 C "C1'" . DG C 2  ? 12.95746 5.78751  6.53844 2.71141  1.32720  0.92160  210 DG C "C1'" 
599 N N9    . DG C 2  ? 13.00895 5.94483  6.50132 2.74898  1.23612  0.91347  210 DG C N9    
600 C C8    . DG C 2  ? 12.74345 5.76609  6.28536 2.78523  1.17872  0.92592  210 DG C C8    
601 N N7    . DG C 2  ? 12.87123 5.96159  6.28628 2.82051  1.09771  0.91641  210 DG C N7    
602 C C5    . DG C 2  ? 13.19492 6.32204  6.51794 2.77892  1.10006  0.87629  210 DG C C5    
603 C C6    . DG C 2  ? 13.34607 6.61839  6.55724 2.76653  1.02969  0.82858  210 DG C C6    
604 O O6    . DG C 2  ? 13.26595 6.60748  6.39837 2.81978  0.94403  0.83256  210 DG C O6    
605 N N1    . DG C 2  ? 13.46363 6.79902  6.64906 2.67825  1.06904  0.76762  210 DG C N1    
606 C C2    . DG C 2  ? 13.58096 6.83314  6.82400 2.61306  1.16215  0.75992  210 DG C C2    
607 N N2    . DG C 2  ? 13.67854 6.99549  6.86287 2.52090  1.19501  0.69320  210 DG C N2    
608 N N3    . DG C 2  ? 13.50096 6.61387  6.84356 2.63327  1.22096  0.80999  210 DG C N3    
609 C C4    . DG C 2  ? 13.26706 6.33207  6.65257 2.71631  1.18627  0.86390  210 DG C C4    
610 P P     . DC C 3  ? 13.13450 6.01561  6.69219 2.56318  1.52256  0.75315  211 DC C P     
611 O OP1   . DC C 3  ? 12.93437 5.88839  6.43104 2.61689  1.54414  0.66969  211 DC C OP1   
612 O OP2   . DC C 3  ? 13.40460 6.31938  6.85792 2.55059  1.45600  0.76561  211 DC C OP2   
613 O "O5'" . DC C 3  ? 13.22375 6.09550  6.82955 2.45863  1.59337  0.72516  211 DC C "O5'" 
614 C "C5'" . DC C 3  ? 13.51740 6.44080  7.03170 2.36472  1.59528  0.68405  211 DC C "C5'" 
615 C "C4'" . DC C 3  ? 13.52259 6.61040  6.87821 2.35881  1.60256  0.55819  211 DC C "C4'" 
616 O "O4'" . DC C 3  ? 13.55213 6.68846  6.81001 2.42515  1.52247  0.56239  211 DC C "O4'" 
617 C "C3'" . DC C 3  ? 13.22924 6.39120  6.57325 2.40714  1.64628  0.47186  211 DC C "C3'" 
618 O "O3'" . DC C 3  ? 13.20788 6.44471  6.53211 2.31880  1.72002  0.38010  211 DC C "O3'" 
619 C "C2'" . DC C 3  ? 13.09029 6.36738  6.30223 2.49229  1.58170  0.40463  211 DC C "C2'" 
620 C "C1'" . DC C 3  ? 13.30212 6.60243  6.46615 2.46719  1.51137  0.44574  211 DC C "C1'" 
621 N N1    . DC C 3  ? 13.17350 6.53032  6.31678 2.55643  1.41227  0.46988  211 DC C N1    
622 C C2    . DC C 3  ? 13.15527 6.66136  6.21997 2.54357  1.33583  0.42768  211 DC C C2    
623 O O2    . DC C 3  ? 13.24024 6.83345  6.26021 2.45183  1.35667  0.36568  211 DC C O2    
624 N N3    . DC C 3  ? 13.02468 6.57057  6.05485 2.62795  1.24316  0.45350  211 DC C N3    
625 C C4    . DC C 3  ? 12.94218 6.37859  6.00464 2.71340  1.23208  0.51424  211 DC C C4    
626 N N4    . DC C 3  ? 12.82894 6.29353  5.83153 2.78922  1.14215  0.53738  211 DC C N4    
627 C C5    . DC C 3  ? 12.94091 6.22891  6.08858 2.72038  1.31567  0.55098  211 DC C C5    
628 C C6    . DC C 3  ? 13.04545 6.30286  6.23519 2.64520  1.40025  0.52904  211 DC C C6    
629 P P     . DT C 4  ? 12.96579 6.38454  6.14357 2.25327  1.72927  0.24059  212 DT C P     
630 O OP1   . DT C 4  ? 13.18574 6.61563  6.29173 2.22176  1.67153  0.26811  212 DT C OP1   
631 O OP2   . DT C 4  ? 12.95524 6.40122  6.16244 2.14757  1.81524  0.18332  212 DT C OP2   
632 O "O5'" . DT C 4  ? 12.65929 6.21212  5.75369 2.35863  1.70265  0.12946  212 DT C "O5'" 
633 C "C5'" . DT C 4  ? 12.52604 6.27931  5.50665 2.33324  1.70980  -0.03194 212 DT C "C5'" 
634 C "C4'" . DT C 4  ? 12.59348 6.45550  5.47552 2.31872  1.64106  -0.06265 212 DT C "C4'" 
635 O "O4'" . DT C 4  ? 12.68176 6.44335  5.60949 2.37916  1.56166  0.06976  212 DT C "O4'" 
636 C "C3'" . DT C 4  ? 12.47062 6.57535  5.26093 2.37644  1.58229  -0.22165 212 DT C "C3'" 
637 O "O3'" . DT C 4  ? 12.51095 6.78776  5.25219 2.28436  1.64295  -0.37741 212 DT C "O3'" 
638 C "C2'" . DT C 4  ? 12.42090 6.58845  5.19104 2.39182  1.48002  -0.17755 212 DT C "C2'" 
639 C "C1'" . DT C 4  ? 12.50890 6.43807  5.36813 2.42670  1.46455  0.01290  212 DT C "C1'" 
640 N N1    . DT C 4  ? 12.36350 6.24014  5.21246 2.56386  1.39993  0.05348  212 DT C N1    
641 C C2    . DT C 4  ? 12.31189 6.28579  5.09392 2.62800  1.29373  0.04402  212 DT C C2    
642 O O2    . DT C 4  ? 12.29246 6.40621  5.03763 2.58132  1.24741  0.00433  212 DT C O2    
643 N N3    . DT C 4  ? 12.29497 6.18743  5.04079 2.74568  1.24506  0.08044  212 DT C N3    
644 C C4    . DT C 4  ? 12.32519 6.05217  5.09954 2.79929  1.29628  0.12064  212 DT C C4    
645 O O4    . DT C 4  ? 12.30720 5.97163  5.04337 2.88701  1.24988  0.14422  212 DT C O4    
646 C C5    . DT C 4  ? 12.36463 6.01031  5.22837 2.72981  1.40646  0.12892  212 DT C C5    
647 C C7    . DT C 4  ? 12.33906 5.86017  5.30237 2.75567  1.46073  0.16557  212 DT C C7    
648 C C6    . DT C 4  ? 12.38297 6.10420  5.27504 2.61945  1.45023  0.09754  212 DT C C6    
649 P P     . DG C 5  ? 13.45508 7.92648  6.14354 2.16797  1.62962  -0.47059 213 DG C P     
650 O OP1   . DG C 5  ? 13.65473 7.97295  6.37112 2.08833  1.62426  -0.32792 213 DG C OP1   
651 O OP2   . DG C 5  ? 13.51197 8.11286  6.16657 2.07597  1.72113  -0.62395 213 DG C OP2   
652 O "O5'" . DG C 5  ? 13.37446 8.07055  5.99779 2.27276  1.51272  -0.57649 213 DG C "O5'" 
653 C "C5'" . DG C 5  ? 13.36294 8.27737  5.92290 2.32621  1.50392  -0.77142 213 DG C "C5'" 
654 C "C4'" . DG C 5  ? 13.29309 8.44840  5.80370 2.38900  1.38111  -0.87106 213 DG C "C4'" 
655 O "O4'" . DG C 5  ? 13.26405 8.28468  5.75386 2.44898  1.30112  -0.72021 213 DG C "O4'" 
656 C "C3'" . DG C 5  ? 13.16172 8.55877  5.81481 2.47281  1.27110  -0.96551 213 DG C "C3'" 
657 O "O3'" . DG C 5  ? 13.09490 8.85050  5.87249 2.38282  1.26190  -1.15314 213 DG C "O3'" 
658 C "C2'" . DG C 5  ? 13.09108 8.53214  5.71998 2.56971  1.13001  -0.91625 213 DG C "C2'" 
659 C "C1'" . DG C 5  ? 13.19641 8.28402  5.66637 2.59209  1.18417  -0.73931 213 DG C "C1'" 
660 N N9    . DG C 5  ? 13.24064 8.03178  5.67227 2.69135  1.20928  -0.61044 213 DG C N9    
661 C C8    . DG C 5  ? 13.27251 7.85644  5.80345 2.63509  1.30828  -0.49786 213 DG C C8    
662 N N7    . DG C 5  ? 13.27701 7.66146  5.81644 2.72471  1.29939  -0.39353 213 DG C N7    
663 C C5    . DG C 5  ? 13.23545 7.69871  5.67924 2.83650  1.18701  -0.43704 213 DG C C5    
664 C C6    . DG C 5  ? 13.19049 7.54300  5.62630 2.93246  1.13056  -0.37487 213 DG C C6    
665 O O6    . DG C 5  ? 13.19222 7.34683  5.70105 2.94446  1.17539  -0.26959 213 DG C O6    
666 N N1    . DG C 5  ? 13.07498 7.64246  5.53197 2.97025  0.98600  -0.42490 213 DG C N1    
667 C C2    . DG C 5  ? 13.00154 7.86869  5.50197 2.92862  0.90625  -0.52896 213 DG C C2    
668 N N2    . DG C 5  ? 12.86368 7.92394  5.42788 2.96281  0.76457  -0.55925 213 DG C N2    
669 N N3    . DG C 5  ? 13.05652 8.02927  5.54831 2.84700  0.96635  -0.60212 213 DG C N3    
670 C C4    . DG C 5  ? 13.19161 7.92900  5.62009 2.80955  1.11282  -0.55350 213 DG C C4    
671 O "O5'" . DC D 1  ? 6.42220  10.52843 9.51227 0.44434  3.24323  -1.02513 100 DC D "O5'" 
672 C "C5'" . DC D 1  ? 6.58644  10.75080 9.26126 0.33905  3.32972  -0.94965 100 DC D "C5'" 
673 C "C4'" . DC D 1  ? 6.76573  10.73762 9.00554 0.31852  3.32434  -1.13704 100 DC D "C4'" 
674 O "O4'" . DC D 1  ? 6.97834  10.98716 8.75870 0.20677  3.40175  -1.04724 100 DC D "O4'" 
675 C "C3'" . DC D 1  ? 6.64494  10.48391 8.77566 0.31157  3.17421  -1.28210 100 DC D "C3'" 
676 O "O3'" . DC D 1  ? 6.70363  10.33486 8.81511 0.39609  3.12384  -1.50027 100 DC D "O3'" 
677 C "C2'" . DC D 1  ? 6.78320  10.62755 8.38405 0.18094  3.16996  -1.24115 100 DC D "C2'" 
678 C "C1'" . DC D 1  ? 7.05093  10.91705 8.40842 0.14730  3.31352  -1.16703 100 DC D "C1'" 
679 N N1    . DC D 1  ? 7.19007  11.12050 8.13083 0.01217  3.32782  -1.01051 100 DC D N1    
680 C C2    . DC D 1  ? 7.38645  11.15802 7.78013 -0.06025 3.26306  -1.09060 100 DC D C2    
681 O O2    . DC D 1  ? 7.43721  11.02303 7.70586 -0.00846 3.20321  -1.29624 100 DC D O2    
682 N N3    . DC D 1  ? 7.54688  11.34620 7.55862 -0.18194 3.24703  -0.93033 100 DC D N3    
683 C C4    . DC D 1  ? 7.55094  11.52826 7.72080 -0.22906 3.30129  -0.70574 100 DC D C4    
684 N N4    . DC D 1  ? 7.73540  11.69874 7.52546 -0.34480 3.26696  -0.54972 100 DC D N4    
685 C C5    . DC D 1  ? 7.33706  11.48424 8.06120 -0.15527 3.37630  -0.62471 100 DC D C5    
686 C C6    . DC D 1  ? 7.13781  11.25684 8.22705 -0.03676 3.38277  -0.77903 100 DC D C6    
687 P P     . DC D 2  ? 5.05302  8.51592  7.16306 0.42974  2.94664  -1.67593 101 DC D P     
688 O OP1   . DC D 2  ? 5.15895  8.40884  7.25881 0.52058  2.91138  -1.86613 101 DC D OP1   
689 O OP2   . DC D 2  ? 4.78709  8.34594  7.29747 0.45077  2.86781  -1.58290 101 DC D OP2   
690 O "O5'" . DC D 2  ? 5.16429  8.57757  6.71924 0.31384  2.88486  -1.68107 101 DC D "O5'" 
691 C "C5'" . DC D 2  ? 5.16898  8.36471  6.48341 0.32055  2.71052  -1.82874 101 DC D "C5'" 
692 C "C4'" . DC D 2  ? 5.44642  8.49803  6.16315 0.24899  2.69945  -1.88343 101 DC D "C4'" 
693 O "O4'" . DC D 2  ? 5.57788  8.78307  6.05835 0.14502  2.81181  -1.70087 101 DC D "O4'" 
694 C "C3'" . DC D 2  ? 5.45729  8.34060  5.80712 0.19737  2.50940  -1.94774 101 DC D "C3'" 
695 O "O3'" . DC D 2  ? 5.69945  8.37138  5.62547 0.19219  2.48452  -2.09857 101 DC D "O3'" 
696 C "C2'" . DC D 2  ? 5.46854  8.50175  5.59051 0.07231  2.51326  -1.73855 101 DC D "C2'" 
697 C "C1'" . DC D 2  ? 5.66150  8.80325  5.67984 0.03779  2.70077  -1.65225 101 DC D "C1'" 
698 N N1    . DC D 2  ? 5.65100  9.00946  5.62244 -0.06469 2.76871  -1.41650 101 DC D N1    
699 C C2    . DC D 2  ? 5.85407  9.18855  5.31768 -0.19027 2.72249  -1.32993 101 DC D C2    
700 O O2    . DC D 2  ? 5.96413  9.09487  5.02480 -0.21379 2.62271  -1.45249 101 DC D O2    
701 N N3    . DC D 2  ? 5.95803  9.49254  5.39043 -0.28509 2.78143  -1.11009 101 DC D N3    
702 C C4    . DC D 2  ? 5.85472  9.60295  5.73254 -0.25643 2.88481  -0.98242 101 DC D C4    
703 N N4    . DC D 2  ? 5.92466  9.83810  5.75584 -0.34830 2.92382  -0.75659 101 DC D N4    
704 C C5    . DC D 2  ? 5.63610  9.41003  6.03047 -0.12916 2.93404  -1.06930 101 DC D C5    
705 C C6    . DC D 2  ? 5.52483  9.10183  5.94724 -0.03805 2.87345  -1.28387 101 DC D C6    
706 P P     . DG D 3  ? 6.26689  8.69140  5.91950 0.19612  2.28334  -2.26395 102 DG D P     
707 O OP1   . DG D 3  ? 6.54678  8.75721  5.81511 0.20106  2.28613  -2.38518 102 DG D OP1   
708 O OP2   . DG D 3  ? 6.01702  8.41262  6.11236 0.29029  2.18942  -2.34713 102 DG D OP2   
709 O "O5'" . DG D 3  ? 6.26495  8.73165  5.56740 0.06840  2.18315  -2.12391 102 DG D "O5'" 
710 C "C5'" . DG D 3  ? 6.48591  8.99265  5.34625 -0.04450 2.24546  -2.01196 102 DG D "C5'" 
711 C "C4'" . DG D 3  ? 6.44962  8.98591  5.03037 -0.15549 2.12176  -1.89115 102 DG D "C4'" 
712 O "O4'" . DG D 3  ? 6.44461  9.21185  5.03955 -0.24015 2.22308  -1.66246 102 DG D "O4'" 
713 C "C3'" . DG D 3  ? 6.18450  8.71742  5.02538 -0.12091 1.97472  -1.90462 102 DG D "C3'" 
714 O "O3'" . DG D 3  ? 6.24516  8.64715  4.66639 -0.19757 1.81317  -1.92603 102 DG D "O3'" 
715 C "C2'" . DG D 3  ? 6.00335  8.80103  5.17432 -0.14710 2.05003  -1.69007 102 DG D "C2'" 
716 C "C1'" . DG D 3  ? 6.21474  9.10226  5.00549 -0.26519 2.13754  -1.54204 102 DG D "C1'" 
717 N N9    . DG D 3  ? 5.54809  8.69254  4.57837 -0.30160 2.26295  -1.33146 102 DG D N9    
718 C C8    . DG D 3  ? 5.43137  8.72551  4.95931 -0.22528 2.38070  -1.28965 102 DG D C8    
719 N N7    . DG D 3  ? 5.50940  9.02326  5.13595 -0.28665 2.47671  -1.08382 102 DG D N7    
720 C C5    . DG D 3  ? 5.65671  9.16688  4.82161 -0.41281 2.41757  -0.98082 102 DG D C5    
721 C C6    . DG D 3  ? 5.72892  9.42610  4.77157 -0.52577 2.46817  -0.75254 102 DG D C6    
722 O O6    . DG D 3  ? 5.69232  9.58695  5.01843 -0.53292 2.57437  -0.59065 102 DG D O6    
723 N N1    . DG D 3  ? 5.81673  9.38237  4.36930 -0.62579 2.34264  -0.70048 102 DG D N1    
724 C C2    . DG D 3  ? 5.82935  9.16307  4.04268 -0.62724 2.21031  -0.85924 102 DG D C2    
725 N N2    . DG D 3  ? 5.96457  9.15484  3.76949 -0.71918 2.07352  -0.76040 102 DG D N2    
726 N N3    . DG D 3  ? 5.76302  8.97271  4.06247 -0.53408 2.19046  -1.08986 102 DG D N3    
727 C C4    . DG D 3  ? 5.67195  8.95637  4.46507 -0.42433 2.28542  -1.13019 102 DG D C4    
728 P P     . DT D 4  ? 6.17426  8.68220  4.63813 -0.25777 1.70173  -1.78330 103 DT D P     
729 O OP1   . DT D 4  ? 5.90748  8.44158  4.86984 -0.15709 1.65970  -1.82961 103 DT D OP1   
730 O OP2   . DT D 4  ? 6.23126  8.93903  4.56521 -0.36426 1.78753  -1.55850 103 DT D OP2   
731 O "O5'" . DT D 4  ? 6.28938  8.59713  4.26579 -0.32261 1.52760  -1.86414 103 DT D "O5'" 
732 C "C5'" . DT D 4  ? 6.42472  8.70797  4.03060 -0.44219 1.45532  -1.67238 103 DT D "C5'" 
733 C "C4'" . DT D 4  ? 6.22169  8.71954  3.92997 -0.50173 1.42287  -1.53090 103 DT D "C4'" 
734 O "O4'" . DT D 4  ? 6.16093  8.93520  4.10367 -0.53099 1.57648  -1.34769 103 DT D "O4'" 
735 C "C3'" . DT D 4  ? 5.96349  8.45676  4.02066 -0.41835 1.33885  -1.61730 103 DT D "C3'" 
736 O "O3'" . DT D 4  ? 5.88282  8.39383  3.79175 -0.48433 1.21006  -1.53105 103 DT D "O3'" 
737 C "C2'" . DT D 4  ? 5.84860  8.54798  4.42992 -0.35729 1.46675  -1.51399 103 DT D "C2'" 
738 C "C1'" . DT D 4  ? 6.04789  8.94252  4.47079 -0.46482 1.56809  -1.29543 103 DT D "C1'" 
739 N N1    . DT D 4  ? 5.30854  8.39851  4.12295 -0.42626 1.73712  -1.19327 103 DT D N1    
740 C C2    . DT D 4  ? 5.42498  8.71659  4.17992 -0.51641 1.83123  -0.97896 103 DT D C2    
741 O O2    . DT D 4  ? 5.46011  8.78123  3.85676 -0.62873 1.78370  -0.86361 103 DT D O2    
742 N N3    . DT D 4  ? 5.43890  8.89772  4.57409 -0.47252 1.98173  -0.90052 103 DT D N3    
743 C C4    . DT D 4  ? 5.33508  8.78091  4.89651 -0.35072 2.04433  -1.01143 103 DT D C4    
744 O O4    . DT D 4  ? 5.31086  8.91674  5.19540 -0.32173 2.17886  -0.92562 103 DT D O4    
745 C C5    . DT D 4  ? 5.19148  8.42290  4.79483 -0.26266 1.93662  -1.23168 103 DT D C5    
746 C C7    . DT D 4  ? 4.97910  8.17845  5.03515 -0.13221 1.98532  -1.36030 103 DT D C7    
747 C C6    . DT D 4  ? 5.19144  8.25693  4.42423 -0.30374 1.79052  -1.31142 103 DT D C6    
748 P P     . DG D 5  ? 6.16704  8.63885  3.67281 -0.61291 1.13129  -1.32942 104 DG D P     
749 O OP1   . DG D 5  ? 6.19802  8.91159  3.74029 -0.68099 1.27275  -1.13439 104 DG D OP1   
750 O OP2   . DG D 5  ? 6.38844  8.50045  3.58271 -0.60522 0.99845  -1.38912 104 DG D OP2   
751 O "O5'" . DG D 5  ? 5.98391  8.51362  3.53837 -0.64038 1.01018  -1.25421 104 DG D "O5'" 
752 C "C5'" . DG D 5  ? 5.98395  8.63349  3.44556 -0.73546 0.98813  -1.02031 104 DG D "C5'" 
753 C "C4'" . DG D 5  ? 5.78697  8.79342  3.58331 -0.73783 1.11027  -0.90961 104 DG D "C4'" 
754 O "O4'" . DG D 5  ? 5.93138  9.01813  4.09209 -0.66003 1.25787  -0.92643 104 DG D "O4'" 
755 C "C3'" . DG D 5  ? 5.60981  8.58996  3.69993 -0.66304 1.01544  -0.95441 104 DG D "C3'" 
756 O "O3'" . DG D 5  ? 5.52193  8.71091  3.77966 -0.70436 1.02979  -0.74036 104 DG D "O3'" 
757 C "C2'" . DG D 5  ? 5.67669  8.63578  4.21734 -0.53275 1.09415  -1.07501 104 DG D "C2'" 
758 C "C1'" . DG D 5  ? 5.85555  9.00446  4.49539 -0.56599 1.25710  -0.92952 104 DG D "C1'" 
759 N N9    . DG D 5  ? 5.91549  9.07910  4.92681 -0.46613 1.37097  -1.01070 104 DG D N9    
760 C C8    . DG D 5  ? 5.84701  8.83285  4.95834 -0.36978 1.35653  -1.22788 104 DG D C8    
761 N N7    . DG D 5  ? 5.83997  8.90138  5.32215 -0.29528 1.47776  -1.24073 104 DG D N7    
762 C C5    . DG D 5  ? 5.93186  9.23363  5.56441 -0.34585 1.57784  -1.02002 104 DG D C5    
763 C C6    . DG D 5  ? 5.91867  9.39820  5.93753 -0.30821 1.72634  -0.92521 104 DG D C6    
764 O O6    . DG D 5  ? 5.82294  9.28542  6.14235 -0.21915 1.80270  -1.01946 104 DG D O6    
765 N N1    . DG D 5  ? 5.95676  9.65490  6.00194 -0.38728 1.78361  -0.69202 104 DG D N1    
766 C C2    . DG D 5  ? 5.97675  9.72076  5.72139 -0.48930 1.70782  -0.56331 104 DG D C2    
767 N N2    . DG D 5  ? 5.92045  9.88863  5.75443 -0.55517 1.77822  -0.33579 104 DG D N2    
768 N N3    . DG D 5  ? 5.97842  9.56260  5.36548 -0.52569 1.57036  -0.64692 104 DG D N3    
769 C C4    . DG D 5  ? 5.97020  9.33685  5.31975 -0.45018 1.51301  -0.87668 104 DG D C4    
770 P P     . DA D 6  ? 4.77267  8.02248  2.67955 -0.83408 0.94648  -0.56082 105 DA D P     
771 O OP1   . DA D 6  ? 5.03419  8.02611  2.60550 -0.88420 0.86884  -0.54500 105 DA D OP1   
772 O OP2   . DA D 6  ? 4.63171  7.83934  2.56954 -0.81267 0.82429  -0.59436 105 DA D OP2   
773 O "O5'" . DA D 6  ? 4.68028  8.22435  2.83478 -0.87534 1.06935  -0.31242 105 DA D "O5'" 
774 C "C5'" . DA D 6  ? 4.83212  8.48479  3.29358 -0.82525 1.22081  -0.29416 105 DA D "C5'" 
775 C "C4'" . DA D 6  ? 4.77316  8.57414  3.76260 -0.74603 1.27169  -0.21195 105 DA D "C4'" 
776 O "O4'" . DA D 6  ? 4.94715  8.72442  4.28823 -0.63968 1.36680  -0.32673 105 DA D "O4'" 
777 C "C3'" . DA D 6  ? 4.62718  8.35812  3.76030 -0.68987 1.15476  -0.26405 105 DA D "C3'" 
778 O "O3'" . DA D 6  ? 4.47158  8.40508  3.90994 -0.69027 1.19355  -0.07225 105 DA D "O3'" 
779 C "C2'" . DA D 6  ? 4.77731  8.35568  4.19660 -0.55854 1.15742  -0.48147 105 DA D "C2'" 
780 C "C1'" . DA D 6  ? 4.91255  8.62920  4.60694 -0.53280 1.31645  -0.42028 105 DA D "C1'" 
781 N N9    . DA D 6  ? 5.00944  8.59790  4.90736 -0.42964 1.35331  -0.61513 105 DA D N9    
782 C C8    . DA D 6  ? 4.99528  8.34818  4.75504 -0.37819 1.26665  -0.84124 105 DA D C8    
783 N N7    . DA D 6  ? 4.96153  8.25320  4.98417 -0.28590 1.32718  -0.97294 105 DA D N7    
784 C C5    . DA D 6  ? 4.97033  8.47210  5.32397 -0.27697 1.46333  -0.82336 105 DA D C5    
785 C C6    . DA D 6  ? 4.86508  8.42695  5.60447 -0.19892 1.58017  -0.85134 105 DA D C6    
786 N N6    . DA D 6  ? 4.72676  8.13631  5.59123 -0.11027 1.57805  -1.04770 105 DA D N6    
787 N N1    . DA D 6  ? 4.83573  8.62375  5.83271 -0.21720 1.69828  -0.66415 105 DA D N1    
788 C C2    . DA D 6  ? 4.88277  8.82454  5.76189 -0.30623 1.69784  -0.46365 105 DA D C2    
789 N N3    . DA D 6  ? 4.95159  8.86128  5.48462 -0.38425 1.59515  -0.41394 105 DA D N3    
790 C C4    . DA D 6  ? 5.00836  8.69269  5.28784 -0.36496 1.48033  -0.60327 105 DA D C4    
791 P P     . DT D 7  ? 5.35794  9.32052  4.74104 -0.72017 1.08334  0.02155  106 DT D P     
792 O OP1   . DT D 7  ? 5.34511  9.31732  4.24727 -0.85098 1.01977  0.11321  106 DT D OP1   
793 O OP2   . DT D 7  ? 5.27951  9.06088  4.80942 -0.61764 0.99363  -0.16587 106 DT D OP2   
794 O "O5'" . DT D 7  ? 5.26162  9.47393  5.04125 -0.71183 1.17637  0.24214  106 DT D "O5'" 
795 C "C5'" . DT D 7  ? 5.33426  9.70530  5.31574 -0.71863 1.31773  0.34560  106 DT D "C5'" 
796 C "C4'" . DT D 7  ? 5.44885  9.83246  5.94019 -0.59379 1.38744  0.28070  106 DT D "C4'" 
797 O "O4'" . DT D 7  ? 5.71318  9.92439  6.21534 -0.52498 1.39841  0.06103  106 DT D "O4'" 
798 C "C3'" . DT D 7  ? 5.35892  9.69070  6.10908 -0.51220 1.31438  0.24200  106 DT D "C3'" 
799 O "O3'" . DT D 7  ? 5.09782  9.64079  6.13569 -0.51875 1.37296  0.45395  106 DT D "O3'" 
800 C "C2'" . DT D 7  ? 5.57491  9.75913  6.62206 -0.38755 1.32802  0.03391  106 DT D "C2'" 
801 C "C1'" . DT D 7  ? 5.71455  9.88609  6.65476 -0.40524 1.41132  -0.02799 106 DT D "C1'" 
802 N N1    . DT D 7  ? 5.84989  9.79190  6.75141 -0.33131 1.36560  -0.28250 106 DT D N1    
803 C C2    . DT D 7  ? 5.78408  9.72127  6.95115 -0.26287 1.45893  -0.36321 106 DT D C2    
804 O O2    . DT D 7  ? 5.67600  9.78761  7.10519 -0.26072 1.57917  -0.23788 106 DT D O2    
805 N N3    . DT D 7  ? 5.79206  9.51385  6.91019 -0.19768 1.40531  -0.59430 106 DT D N3    
806 C C4    . DT D 7  ? 5.85532  9.36710  6.68688 -0.19547 1.26848  -0.75049 106 DT D C4    
807 O O4    . DT D 7  ? 5.76488  9.09127  6.58025 -0.13475 1.22721  -0.95224 106 DT D O4    
808 C C5    . DT D 7  ? 5.96175  9.49007  6.51988 -0.27052 1.17650  -0.65566 106 DT D C5    
809 C C7    . DT D 7  ? 5.57755  8.89098  5.81227 -0.27764 1.02503  -0.80605 106 DT D C7    
810 C C6    . DT D 7  ? 5.93696  9.67897  6.54637 -0.33318 1.22968  -0.42795 106 DT D C6    
811 P P     . DG D 8  ? 5.23143  9.76120  6.58328 -0.43626 1.32410  0.46077  107 DG D P     
812 O OP1   . DG D 8  ? 4.94745  9.59127  6.39318 -0.47523 1.34077  0.69817  107 DG D OP1   
813 O OP2   . DG D 8  ? 5.14679  9.46316  6.25445 -0.41796 1.18684  0.29542  107 DG D OP2   
814 O "O5'" . DG D 8  ? 5.25586  9.74475  7.06429 -0.31561 1.39303  0.35108  107 DG D "O5'" 
815 C "C5'" . DG D 8  ? 5.18373  9.82447  7.23780 -0.31551 1.52423  0.45081  107 DG D "C5'" 
816 C "C4'" . DG D 8  ? 5.00590  9.55831  7.40359 -0.20554 1.56659  0.29084  107 DG D "C4'" 
817 O "O4'" . DG D 8  ? 5.23599  9.58574  7.39487 -0.18908 1.51590  0.07281  107 DG D "O4'" 
818 C "C3'" . DG D 8  ? 4.61958  9.08713  7.36329 -0.10052 1.51965  0.22213  107 DG D "C3'" 
819 O "O3'" . DG D 8  ? 4.37998  8.85914  7.53847 -0.03861 1.60110  0.25064  107 DG D "O3'" 
820 C "C2'" . DG D 8  ? 4.66909  8.87157  7.26895 -0.04506 1.41698  -0.03620 107 DG D "C2'" 
821 C "C1'" . DG D 8  ? 4.98426  9.17107  7.40557 -0.07754 1.47128  -0.10558 107 DG D "C1'" 
822 N N9    . DG D 8  ? 5.17521  9.13124  7.30825 -0.06424 1.37638  -0.32387 107 DG D N9    
823 C C8    . DG D 8  ? 5.37396  9.20908  7.10756 -0.11353 1.26024  -0.38098 107 DG D C8    
824 N N7    . DG D 8  ? 5.48306  9.11169  7.03784 -0.08560 1.19284  -0.58901 107 DG D N7    
825 C C5    . DG D 8  ? 5.32734  8.94266  7.18910 -0.01151 1.27083  -0.67366 107 DG D C5    
826 C C6    . DG D 8  ? 5.28228  8.71869  7.14444 0.04827  1.24972  -0.88627 107 DG D C6    
827 O O6    . DG D 8  ? 5.37329  8.61594  6.95056 0.04784  1.15356  -1.05075 107 DG D O6    
828 N N1    . DG D 8  ? 5.07016  8.57194  7.31931 0.11363  1.35389  -0.89491 107 DG D N1    
829 C C2    . DG D 8  ? 4.94515  8.65453  7.53162 0.11889  1.46236  -0.72225 107 DG D C2    
830 N N2    . DG D 8  ? 4.74979  8.49441  7.68640 0.18405  1.55103  -0.75765 107 DG D N2    
831 N N3    . DG D 8  ? 4.96874  8.84197  7.55579 0.06388  1.48207  -0.52497 107 DG D N3    
832 C C4    . DG D 8  ? 5.15281  8.96900  7.37158 0.00147  1.38368  -0.51191 107 DG D C4    
833 P P     . DT D 9  ? 3.52127  7.88108  7.06546 0.06841  1.56089  0.16440  108 DT D P     
834 O OP1   . DT D 9  ? 3.55669  7.90393  7.31537 0.06579  1.59415  0.22705  108 DT D OP1   
835 O OP2   . DT D 9  ? 3.45131  7.79062  6.89517 0.07392  1.47301  0.18511  108 DT D OP2   
836 O "O5'" . DT D 9  ? 3.49196  7.74087  7.14037 0.15601  1.54448  -0.06601 108 DT D "O5'" 
837 C "C5'" . DT D 9  ? 3.43386  7.53532  7.37473 0.26068  1.49883  -0.15061 108 DT D "C5'" 
838 C "C4'" . DT D 9  ? 3.50098  7.49594  7.51598 0.30635  1.52177  -0.28454 108 DT D "C4'" 
839 O "O4'" . DT D 9  ? 3.57997  7.60725  7.33188 0.24493  1.55933  -0.38501 108 DT D "O4'" 
840 C "C3'" . DT D 9  ? 3.48941  7.21282  7.61717 0.39979  1.42071  -0.47588 108 DT D "C3'" 
841 O "O3'" . DT D 9  ? 3.49667  7.14154  7.83179 0.45496  1.39344  -0.40984 108 DT D "O3'" 
842 C "C2'" . DT D 9  ? 3.56452  7.23025  7.62993 0.40548  1.45195  -0.63939 108 DT D "C2'" 
843 C "C1'" . DT D 9  ? 3.62240  7.44468  7.36542 0.30535  1.50463  -0.61092 108 DT D "C1'" 
844 N N1    . DT D 9  ? 3.69676  7.33115  7.04899 0.28342  1.37045  -0.73840 108 DT D N1    
845 C C2    . DT D 9  ? 3.77049  7.20092  7.00489 0.32125  1.30471  -0.95309 108 DT D C2    
846 O O2    . DT D 9  ? 3.77779  7.17433  7.21668 0.37402  1.35194  -1.04522 108 DT D O2    
847 N N3    . DT D 9  ? 3.83784  7.10662  6.70904 0.29453  1.18047  -1.05374 108 DT D N3    
848 C C4    . DT D 9  ? 3.83837  7.13175  6.45869 0.23481  1.11793  -0.96190 108 DT D C4    
849 O O4    . DT D 9  ? 3.90396  7.04257  6.20447 0.21355  1.00463  -1.06468 108 DT D O4    
850 C C5    . DT D 9  ? 3.75774  7.27354  6.52573 0.19928  1.19434  -0.73361 108 DT D C5    
851 C C7    . DT D 9  ? 3.75009  7.32095  6.28656 0.13555  1.13874  -0.60933 108 DT D C7    
852 C C6    . DT D 9  ? 3.69201  7.36391  6.81348 0.22494  1.31474  -0.63472 108 DT D C6    
# 
loop_
_pdbx_poly_seq_scheme.asym_id 
_pdbx_poly_seq_scheme.entity_id 
_pdbx_poly_seq_scheme.seq_id 
_pdbx_poly_seq_scheme.mon_id 
_pdbx_poly_seq_scheme.ndb_seq_num 
_pdbx_poly_seq_scheme.pdb_seq_num 
_pdbx_poly_seq_scheme.auth_seq_num 
_pdbx_poly_seq_scheme.pdb_mon_id 
_pdbx_poly_seq_scheme.auth_mon_id 
_pdbx_poly_seq_scheme.pdb_strand_id 
_pdbx_poly_seq_scheme.pdb_ins_code 
_pdbx_poly_seq_scheme.hetero 
A 1 1  DC 1  101 101 DC DC A . n 
A 1 2  DC 2  102 102 DC DC A . n 
A 1 3  DG 3  103 103 DG DG A . n 
A 1 4  DC 4  104 104 DC DC A . n 
A 1 5  DA 5  105 105 DA DA A . n 
A 1 6  DG 6  106 106 DG DG A . n 
A 1 7  DC 7  107 107 DC DC A . n 
A 1 8  DC 8  108 108 DC DC A . n 
A 1 9  DT 9  109 109 DT DT A . n 
A 1 10 DG 10 110 110 DG DG A . n 
A 1 11 DT 11 111 111 DT DT A . n 
A 1 12 DA 12 112 112 DA DA A . n 
A 1 13 DC 13 113 113 DC DC A . n 
A 1 14 DG 14 114 114 DG DG A . n 
A 1 15 DG 15 115 115 DG DG A . n 
A 1 16 DA 16 116 116 DA DA A . n 
A 1 17 DC 17 117 117 DC DC A . n 
A 1 18 DA 18 118 118 DA DA A . n 
A 1 19 DT 19 119 119 DT DT A . n 
A 1 20 DC 20 120 120 DC DC A . n 
A 1 21 DA 21 121 121 DA DA A . n 
B 2 1  DC 1  119 119 DC DC B . n 
B 2 2  DC 2  120 120 DC DC B . n 
B 2 3  DG 3  121 121 DG DG B . n 
B 2 4  DT 4  122 122 DT DT B . n 
B 2 5  DA 5  123 123 DA DA B . n 
B 2 6  DC 6  124 124 DC DC B . n 
B 2 7  DA 7  125 125 DA DA B . n 
C 3 1  DG 1  209 209 DG DG C . n 
C 3 2  DG 2  210 210 DG DG C . n 
C 3 3  DC 3  211 211 DC DC C . n 
C 3 4  DT 4  212 212 DT DT C . n 
C 3 5  DG 5  213 213 DG DG C . n 
D 4 1  DC 1  100 100 DC DC D . n 
D 4 2  DC 2  101 101 DC DC D . n 
D 4 3  DG 3  102 102 DG DG D . n 
D 4 4  DT 4  103 103 DT DT D . n 
D 4 5  DG 5  104 104 DG DG D . n 
D 4 6  DA 6  105 105 DA DA D . n 
D 4 7  DT 7  106 106 DT DT D . n 
D 4 8  DG 8  107 107 DG DG D . n 
D 4 9  DT 9  108 108 DT DT D . n 
# 
_pdbx_contact_author.id                 2 
_pdbx_contact_author.email              ruojie.sha@nyu.edu 
_pdbx_contact_author.name_first         Ruojie 
_pdbx_contact_author.name_last          Sha 
_pdbx_contact_author.name_mi            ? 
_pdbx_contact_author.role               'principal investigator/group leader' 
_pdbx_contact_author.identifier_ORCID   0000-0002-0807-734X 
# 
_pdbx_struct_assembly.id                   1 
_pdbx_struct_assembly.details              author_defined_assembly 
_pdbx_struct_assembly.method_details       ? 
_pdbx_struct_assembly.oligomeric_details   dodecameric 
_pdbx_struct_assembly.oligomeric_count     12 
# 
loop_
_pdbx_struct_assembly_gen.assembly_id 
_pdbx_struct_assembly_gen.oper_expression 
_pdbx_struct_assembly_gen.asym_id_list 
1 1 A,B,C,D 
1 2 A,B,C,D 
1 3 A,B,C,D 
# 
loop_
_pdbx_struct_oper_list.id 
_pdbx_struct_oper_list.type 
_pdbx_struct_oper_list.name 
_pdbx_struct_oper_list.symmetry_operation 
_pdbx_struct_oper_list.matrix[1][1] 
_pdbx_struct_oper_list.matrix[1][2] 
_pdbx_struct_oper_list.matrix[1][3] 
_pdbx_struct_oper_list.vector[1] 
_pdbx_struct_oper_list.matrix[2][1] 
_pdbx_struct_oper_list.matrix[2][2] 
_pdbx_struct_oper_list.matrix[2][3] 
_pdbx_struct_oper_list.vector[2] 
_pdbx_struct_oper_list.matrix[3][1] 
_pdbx_struct_oper_list.matrix[3][2] 
_pdbx_struct_oper_list.matrix[3][3] 
_pdbx_struct_oper_list.vector[3] 
1 'identity operation'         1_555 x,y,z       1.0000000000  0.0000000000 0.0000000000  0.0000000000  0.0000000000 1.0000000000 0.0000000000 0.0000000000   0.0000000000  0.0000000000 1.0000000000  0.0000000000   
2 'crystal symmetry operation' 2_565 -y,x-y+1,z  -0.2836231487 0.2396957703 0.9284954751  23.3435650054 0.7577273896 0.6494447693 0.0638019951 -12.4631152025 -0.5877134613 0.7216421754 -0.3658216207 6.8342384965   
3 'crystal symmetry operation' 3_455 -x+y-1,-x,z -0.2836231487 0.7577273896 -0.5877134613 20.0809931191 0.2396957703 0.6494447693 0.7216421754 -2.4331235539  0.9284954751  0.0638019951 -0.3658216207 -18.3791106598 
# 
loop_
_pdbx_audit_revision_history.ordinal 
_pdbx_audit_revision_history.data_content_type 
_pdbx_audit_revision_history.major_revision 
_pdbx_audit_revision_history.minor_revision 
_pdbx_audit_revision_history.revision_date 
1 'Structure model' 1 0 2022-12-28 
2 'Structure model' 1 1 2023-01-18 
3 'Structure model' 1 2 2023-02-08 
4 'Structure model' 1 3 2023-10-25 
# 
_pdbx_audit_revision_details.ordinal             1 
_pdbx_audit_revision_details.revision_ordinal    1 
_pdbx_audit_revision_details.data_content_type   'Structure model' 
_pdbx_audit_revision_details.provider            repository 
_pdbx_audit_revision_details.type                'Initial release' 
_pdbx_audit_revision_details.description         ? 
_pdbx_audit_revision_details.details             ? 
# 
loop_
_pdbx_audit_revision_group.ordinal 
_pdbx_audit_revision_group.revision_ordinal 
_pdbx_audit_revision_group.data_content_type 
_pdbx_audit_revision_group.group 
1 2 'Structure model' 'Database references'    
2 3 'Structure model' 'Database references'    
3 4 'Structure model' 'Data collection'        
4 4 'Structure model' 'Refinement description' 
# 
loop_
_pdbx_audit_revision_category.ordinal 
_pdbx_audit_revision_category.revision_ordinal 
_pdbx_audit_revision_category.data_content_type 
_pdbx_audit_revision_category.category 
1 2 'Structure model' citation                      
2 2 'Structure model' citation_author               
3 3 'Structure model' citation                      
4 4 'Structure model' chem_comp_atom                
5 4 'Structure model' chem_comp_bond                
6 4 'Structure model' pdbx_initial_refinement_model 
# 
loop_
_pdbx_audit_revision_item.ordinal 
_pdbx_audit_revision_item.revision_ordinal 
_pdbx_audit_revision_item.data_content_type 
_pdbx_audit_revision_item.item 
1 2 'Structure model' '_citation.page_first'              
2 2 'Structure model' '_citation.page_last'               
3 2 'Structure model' '_citation_author.identifier_ORCID' 
4 3 'Structure model' '_citation.journal_volume'          
5 3 'Structure model' '_citation.year'                    
# 
loop_
_space_group_symop.id 
_space_group_symop.operation_xyz 
1 x,y,z        
2 x-y,x,z+1/2  
3 y,-x+y,z+1/2 
4 -y,x-y,z     
5 -x+y,-x,z    
6 -x,-y,z+1/2  
# 
loop_
_software.citation_id 
_software.classification 
_software.compiler_name 
_software.compiler_version 
_software.contact_author 
_software.contact_author_email 
_software.date 
_software.description 
_software.dependencies 
_software.hardware 
_software.language 
_software.location 
_software.mods 
_software.name 
_software.os 
_software.os_version 
_software.type 
_software.version 
_software.pdbx_ordinal 
? refinement       ? ? ? ? ? ? ? ? ? ? ? PHENIX    ? ? ? 1.19.2_4158 1 
? 'data reduction' ? ? ? ? ? ? ? ? ? ? ? autoPROC  ? ? ? .           2 
? 'data scaling'   ? ? ? ? ? ? ? ? ? ? ? STARANISO ? ? ? .           3 
? phasing          ? ? ? ? ? ? ? ? ? ? ? PHASER    ? ? ? .           4 
# 
loop_
_pdbx_validate_rmsd_angle.id 
_pdbx_validate_rmsd_angle.PDB_model_num 
_pdbx_validate_rmsd_angle.auth_atom_id_1 
_pdbx_validate_rmsd_angle.auth_asym_id_1 
_pdbx_validate_rmsd_angle.auth_comp_id_1 
_pdbx_validate_rmsd_angle.auth_seq_id_1 
_pdbx_validate_rmsd_angle.PDB_ins_code_1 
_pdbx_validate_rmsd_angle.label_alt_id_1 
_pdbx_validate_rmsd_angle.auth_atom_id_2 
_pdbx_validate_rmsd_angle.auth_asym_id_2 
_pdbx_validate_rmsd_angle.auth_comp_id_2 
_pdbx_validate_rmsd_angle.auth_seq_id_2 
_pdbx_validate_rmsd_angle.PDB_ins_code_2 
_pdbx_validate_rmsd_angle.label_alt_id_2 
_pdbx_validate_rmsd_angle.auth_atom_id_3 
_pdbx_validate_rmsd_angle.auth_asym_id_3 
_pdbx_validate_rmsd_angle.auth_comp_id_3 
_pdbx_validate_rmsd_angle.auth_seq_id_3 
_pdbx_validate_rmsd_angle.PDB_ins_code_3 
_pdbx_validate_rmsd_angle.label_alt_id_3 
_pdbx_validate_rmsd_angle.angle_value 
_pdbx_validate_rmsd_angle.angle_target_value 
_pdbx_validate_rmsd_angle.angle_deviation 
_pdbx_validate_rmsd_angle.angle_standard_deviation 
_pdbx_validate_rmsd_angle.linker_flag 
1 1 "O4'" A DC 102 ? ? "C1'" A DC 102 ? ? N1 A DC 102 ? ? 111.62 108.30 3.32 0.30 N 
2 1 "O4'" A DT 111 ? ? "C1'" A DT 111 ? ? N1 A DT 111 ? ? 110.57 108.30 2.27 0.30 N 
3 1 "O4'" C DG 210 ? ? "C1'" C DG 210 ? ? N9 C DG 210 ? ? 110.28 108.30 1.98 0.30 N 
4 1 "O4'" D DG 104 ? ? "C1'" D DG 104 ? ? N9 D DG 104 ? ? 110.52 108.30 2.22 0.30 N 
# 
loop_
_chem_comp_atom.comp_id 
_chem_comp_atom.atom_id 
_chem_comp_atom.type_symbol 
_chem_comp_atom.pdbx_aromatic_flag 
_chem_comp_atom.pdbx_stereo_config 
_chem_comp_atom.pdbx_ordinal 
DA OP3    O N N 1   
DA P      P N N 2   
DA OP1    O N N 3   
DA OP2    O N N 4   
DA "O5'"  O N N 5   
DA "C5'"  C N N 6   
DA "C4'"  C N R 7   
DA "O4'"  O N N 8   
DA "C3'"  C N S 9   
DA "O3'"  O N N 10  
DA "C2'"  C N N 11  
DA "C1'"  C N R 12  
DA N9     N Y N 13  
DA C8     C Y N 14  
DA N7     N Y N 15  
DA C5     C Y N 16  
DA C6     C Y N 17  
DA N6     N N N 18  
DA N1     N Y N 19  
DA C2     C Y N 20  
DA N3     N Y N 21  
DA C4     C Y N 22  
DA HOP3   H N N 23  
DA HOP2   H N N 24  
DA "H5'"  H N N 25  
DA "H5''" H N N 26  
DA "H4'"  H N N 27  
DA "H3'"  H N N 28  
DA "HO3'" H N N 29  
DA "H2'"  H N N 30  
DA "H2''" H N N 31  
DA "H1'"  H N N 32  
DA H8     H N N 33  
DA H61    H N N 34  
DA H62    H N N 35  
DA H2     H N N 36  
DC OP3    O N N 37  
DC P      P N N 38  
DC OP1    O N N 39  
DC OP2    O N N 40  
DC "O5'"  O N N 41  
DC "C5'"  C N N 42  
DC "C4'"  C N R 43  
DC "O4'"  O N N 44  
DC "C3'"  C N S 45  
DC "O3'"  O N N 46  
DC "C2'"  C N N 47  
DC "C1'"  C N R 48  
DC N1     N N N 49  
DC C2     C N N 50  
DC O2     O N N 51  
DC N3     N N N 52  
DC C4     C N N 53  
DC N4     N N N 54  
DC C5     C N N 55  
DC C6     C N N 56  
DC HOP3   H N N 57  
DC HOP2   H N N 58  
DC "H5'"  H N N 59  
DC "H5''" H N N 60  
DC "H4'"  H N N 61  
DC "H3'"  H N N 62  
DC "HO3'" H N N 63  
DC "H2'"  H N N 64  
DC "H2''" H N N 65  
DC "H1'"  H N N 66  
DC H41    H N N 67  
DC H42    H N N 68  
DC H5     H N N 69  
DC H6     H N N 70  
DG OP3    O N N 71  
DG P      P N N 72  
DG OP1    O N N 73  
DG OP2    O N N 74  
DG "O5'"  O N N 75  
DG "C5'"  C N N 76  
DG "C4'"  C N R 77  
DG "O4'"  O N N 78  
DG "C3'"  C N S 79  
DG "O3'"  O N N 80  
DG "C2'"  C N N 81  
DG "C1'"  C N R 82  
DG N9     N Y N 83  
DG C8     C Y N 84  
DG N7     N Y N 85  
DG C5     C Y N 86  
DG C6     C N N 87  
DG O6     O N N 88  
DG N1     N N N 89  
DG C2     C N N 90  
DG N2     N N N 91  
DG N3     N N N 92  
DG C4     C Y N 93  
DG HOP3   H N N 94  
DG HOP2   H N N 95  
DG "H5'"  H N N 96  
DG "H5''" H N N 97  
DG "H4'"  H N N 98  
DG "H3'"  H N N 99  
DG "HO3'" H N N 100 
DG "H2'"  H N N 101 
DG "H2''" H N N 102 
DG "H1'"  H N N 103 
DG H8     H N N 104 
DG H1     H N N 105 
DG H21    H N N 106 
DG H22    H N N 107 
DT OP3    O N N 108 
DT P      P N N 109 
DT OP1    O N N 110 
DT OP2    O N N 111 
DT "O5'"  O N N 112 
DT "C5'"  C N N 113 
DT "C4'"  C N R 114 
DT "O4'"  O N N 115 
DT "C3'"  C N S 116 
DT "O3'"  O N N 117 
DT "C2'"  C N N 118 
DT "C1'"  C N R 119 
DT N1     N N N 120 
DT C2     C N N 121 
DT O2     O N N 122 
DT N3     N N N 123 
DT C4     C N N 124 
DT O4     O N N 125 
DT C5     C N N 126 
DT C7     C N N 127 
DT C6     C N N 128 
DT HOP3   H N N 129 
DT HOP2   H N N 130 
DT "H5'"  H N N 131 
DT "H5''" H N N 132 
DT "H4'"  H N N 133 
DT "H3'"  H N N 134 
DT "HO3'" H N N 135 
DT "H2'"  H N N 136 
DT "H2''" H N N 137 
DT "H1'"  H N N 138 
DT H3     H N N 139 
DT H71    H N N 140 
DT H72    H N N 141 
DT H73    H N N 142 
DT H6     H N N 143 
# 
loop_
_chem_comp_bond.comp_id 
_chem_comp_bond.atom_id_1 
_chem_comp_bond.atom_id_2 
_chem_comp_bond.value_order 
_chem_comp_bond.pdbx_aromatic_flag 
_chem_comp_bond.pdbx_stereo_config 
_chem_comp_bond.pdbx_ordinal 
DA OP3   P      sing N N 1   
DA OP3   HOP3   sing N N 2   
DA P     OP1    doub N N 3   
DA P     OP2    sing N N 4   
DA P     "O5'"  sing N N 5   
DA OP2   HOP2   sing N N 6   
DA "O5'" "C5'"  sing N N 7   
DA "C5'" "C4'"  sing N N 8   
DA "C5'" "H5'"  sing N N 9   
DA "C5'" "H5''" sing N N 10  
DA "C4'" "O4'"  sing N N 11  
DA "C4'" "C3'"  sing N N 12  
DA "C4'" "H4'"  sing N N 13  
DA "O4'" "C1'"  sing N N 14  
DA "C3'" "O3'"  sing N N 15  
DA "C3'" "C2'"  sing N N 16  
DA "C3'" "H3'"  sing N N 17  
DA "O3'" "HO3'" sing N N 18  
DA "C2'" "C1'"  sing N N 19  
DA "C2'" "H2'"  sing N N 20  
DA "C2'" "H2''" sing N N 21  
DA "C1'" N9     sing N N 22  
DA "C1'" "H1'"  sing N N 23  
DA N9    C8     sing Y N 24  
DA N9    C4     sing Y N 25  
DA C8    N7     doub Y N 26  
DA C8    H8     sing N N 27  
DA N7    C5     sing Y N 28  
DA C5    C6     sing Y N 29  
DA C5    C4     doub Y N 30  
DA C6    N6     sing N N 31  
DA C6    N1     doub Y N 32  
DA N6    H61    sing N N 33  
DA N6    H62    sing N N 34  
DA N1    C2     sing Y N 35  
DA C2    N3     doub Y N 36  
DA C2    H2     sing N N 37  
DA N3    C4     sing Y N 38  
DC OP3   P      sing N N 39  
DC OP3   HOP3   sing N N 40  
DC P     OP1    doub N N 41  
DC P     OP2    sing N N 42  
DC P     "O5'"  sing N N 43  
DC OP2   HOP2   sing N N 44  
DC "O5'" "C5'"  sing N N 45  
DC "C5'" "C4'"  sing N N 46  
DC "C5'" "H5'"  sing N N 47  
DC "C5'" "H5''" sing N N 48  
DC "C4'" "O4'"  sing N N 49  
DC "C4'" "C3'"  sing N N 50  
DC "C4'" "H4'"  sing N N 51  
DC "O4'" "C1'"  sing N N 52  
DC "C3'" "O3'"  sing N N 53  
DC "C3'" "C2'"  sing N N 54  
DC "C3'" "H3'"  sing N N 55  
DC "O3'" "HO3'" sing N N 56  
DC "C2'" "C1'"  sing N N 57  
DC "C2'" "H2'"  sing N N 58  
DC "C2'" "H2''" sing N N 59  
DC "C1'" N1     sing N N 60  
DC "C1'" "H1'"  sing N N 61  
DC N1    C2     sing N N 62  
DC N1    C6     sing N N 63  
DC C2    O2     doub N N 64  
DC C2    N3     sing N N 65  
DC N3    C4     doub N N 66  
DC C4    N4     sing N N 67  
DC C4    C5     sing N N 68  
DC N4    H41    sing N N 69  
DC N4    H42    sing N N 70  
DC C5    C6     doub N N 71  
DC C5    H5     sing N N 72  
DC C6    H6     sing N N 73  
DG OP3   P      sing N N 74  
DG OP3   HOP3   sing N N 75  
DG P     OP1    doub N N 76  
DG P     OP2    sing N N 77  
DG P     "O5'"  sing N N 78  
DG OP2   HOP2   sing N N 79  
DG "O5'" "C5'"  sing N N 80  
DG "C5'" "C4'"  sing N N 81  
DG "C5'" "H5'"  sing N N 82  
DG "C5'" "H5''" sing N N 83  
DG "C4'" "O4'"  sing N N 84  
DG "C4'" "C3'"  sing N N 85  
DG "C4'" "H4'"  sing N N 86  
DG "O4'" "C1'"  sing N N 87  
DG "C3'" "O3'"  sing N N 88  
DG "C3'" "C2'"  sing N N 89  
DG "C3'" "H3'"  sing N N 90  
DG "O3'" "HO3'" sing N N 91  
DG "C2'" "C1'"  sing N N 92  
DG "C2'" "H2'"  sing N N 93  
DG "C2'" "H2''" sing N N 94  
DG "C1'" N9     sing N N 95  
DG "C1'" "H1'"  sing N N 96  
DG N9    C8     sing Y N 97  
DG N9    C4     sing Y N 98  
DG C8    N7     doub Y N 99  
DG C8    H8     sing N N 100 
DG N7    C5     sing Y N 101 
DG C5    C6     sing N N 102 
DG C5    C4     doub Y N 103 
DG C6    O6     doub N N 104 
DG C6    N1     sing N N 105 
DG N1    C2     sing N N 106 
DG N1    H1     sing N N 107 
DG C2    N2     sing N N 108 
DG C2    N3     doub N N 109 
DG N2    H21    sing N N 110 
DG N2    H22    sing N N 111 
DG N3    C4     sing N N 112 
DT OP3   P      sing N N 113 
DT OP3   HOP3   sing N N 114 
DT P     OP1    doub N N 115 
DT P     OP2    sing N N 116 
DT P     "O5'"  sing N N 117 
DT OP2   HOP2   sing N N 118 
DT "O5'" "C5'"  sing N N 119 
DT "C5'" "C4'"  sing N N 120 
DT "C5'" "H5'"  sing N N 121 
DT "C5'" "H5''" sing N N 122 
DT "C4'" "O4'"  sing N N 123 
DT "C4'" "C3'"  sing N N 124 
DT "C4'" "H4'"  sing N N 125 
DT "O4'" "C1'"  sing N N 126 
DT "C3'" "O3'"  sing N N 127 
DT "C3'" "C2'"  sing N N 128 
DT "C3'" "H3'"  sing N N 129 
DT "O3'" "HO3'" sing N N 130 
DT "C2'" "C1'"  sing N N 131 
DT "C2'" "H2'"  sing N N 132 
DT "C2'" "H2''" sing N N 133 
DT "C1'" N1     sing N N 134 
DT "C1'" "H1'"  sing N N 135 
DT N1    C2     sing N N 136 
DT N1    C6     sing N N 137 
DT C2    O2     doub N N 138 
DT C2    N3     sing N N 139 
DT N3    C4     sing N N 140 
DT N3    H3     sing N N 141 
DT C4    O4     doub N N 142 
DT C4    C5     sing N N 143 
DT C5    C7     sing N N 144 
DT C5    C6     doub N N 145 
DT C7    H71    sing N N 146 
DT C7    H72    sing N N 147 
DT C7    H73    sing N N 148 
DT C6    H6     sing N N 149 
# 
loop_
_ndb_struct_conf_na.entry_id 
_ndb_struct_conf_na.feature 
8CS7 'double helix'        
8CS7 'b-form double helix' 
# 
loop_
_ndb_struct_na_base_pair.model_number 
_ndb_struct_na_base_pair.i_label_asym_id 
_ndb_struct_na_base_pair.i_label_comp_id 
_ndb_struct_na_base_pair.i_label_seq_id 
_ndb_struct_na_base_pair.i_symmetry 
_ndb_struct_na_base_pair.j_label_asym_id 
_ndb_struct_na_base_pair.j_label_comp_id 
_ndb_struct_na_base_pair.j_label_seq_id 
_ndb_struct_na_base_pair.j_symmetry 
_ndb_struct_na_base_pair.shear 
_ndb_struct_na_base_pair.stretch 
_ndb_struct_na_base_pair.stagger 
_ndb_struct_na_base_pair.buckle 
_ndb_struct_na_base_pair.propeller 
_ndb_struct_na_base_pair.opening 
_ndb_struct_na_base_pair.pair_number 
_ndb_struct_na_base_pair.pair_name 
_ndb_struct_na_base_pair.i_auth_asym_id 
_ndb_struct_na_base_pair.i_auth_seq_id 
_ndb_struct_na_base_pair.i_PDB_ins_code 
_ndb_struct_na_base_pair.j_auth_asym_id 
_ndb_struct_na_base_pair.j_auth_seq_id 
_ndb_struct_na_base_pair.j_PDB_ins_code 
_ndb_struct_na_base_pair.hbond_type_28 
_ndb_struct_na_base_pair.hbond_type_12 
1 A DC 4  1_555 C DG 5 1_555 0.215  -0.200 0.342  10.053  4.071   0.527  1  A_DC104:DG213_C A 104 ? C 213 ? 19 1 
1 A DA 5  1_555 C DT 4 1_555 -0.038 -0.252 -0.715 -8.061  -17.486 4.743  2  A_DA105:DT212_C A 105 ? C 212 ? 20 1 
1 A DG 6  1_555 C DC 3 1_555 1.683  0.536  -1.389 -0.996  -3.660  5.303  3  A_DG106:DC211_C A 106 ? C 211 ? ?  1 
1 A DC 7  1_555 C DG 2 1_555 0.187  -0.169 -0.519 0.237   -3.974  1.866  4  A_DC107:DG210_C A 107 ? C 210 ? 19 1 
1 A DC 8  1_555 C DG 1 1_555 0.078  -0.454 1.224  -0.189  -4.862  -3.635 5  A_DC108:DG209_C A 108 ? C 209 ? 19 1 
1 A DT 9  1_555 B DA 7 1_555 -0.107 -0.136 -0.599 -0.013  1.954   -4.472 6  A_DT109:DA125_B A 109 ? B 125 ? 20 1 
1 A DG 10 1_555 B DC 6 1_555 -0.317 -0.107 -0.528 -15.905 -13.347 1.208  7  A_DG110:DC124_B A 110 ? B 124 ? 19 1 
1 A DT 11 1_555 B DA 5 1_555 -0.028 -0.141 0.474  3.050   -6.569  0.060  8  A_DT111:DA123_B A 111 ? B 123 ? 20 1 
1 A DA 12 1_555 B DT 4 1_555 -0.011 -0.102 0.060  -4.909  -12.336 -5.107 9  A_DA112:DT122_B A 112 ? B 122 ? 20 1 
1 A DC 13 1_555 B DG 3 1_555 0.178  -0.178 0.403  -4.213  -6.326  -0.309 10 A_DC113:DG121_B A 113 ? B 121 ? 19 1 
1 A DG 14 1_555 B DC 2 1_555 -0.245 -0.121 0.044  -4.316  -14.829 -0.297 11 A_DG114:DC120_B A 114 ? B 120 ? 19 1 
1 A DG 15 1_555 B DC 1 1_555 -0.272 -0.230 -0.534 -8.062  -13.569 1.826  12 A_DG115:DC119_B A 115 ? B 119 ? 19 1 
1 A DA 16 1_555 D DT 9 1_555 0.042  -0.216 0.132  5.410   -11.428 3.767  13 A_DA116:DT108_D A 116 ? D 108 ? 20 1 
1 A DC 17 1_555 D DG 8 1_555 0.231  -0.116 -0.058 -4.297  -9.459  3.136  14 A_DC117:DG107_D A 117 ? D 107 ? 19 1 
1 A DA 18 1_555 D DT 7 1_555 0.101  -0.129 -0.478 -10.024 -7.825  -0.091 15 A_DA118:DT106_D A 118 ? D 106 ? 20 1 
1 A DT 19 1_555 D DA 6 1_555 -0.124 -0.170 -0.160 -0.604  -13.467 3.120  16 A_DT119:DA105_D A 119 ? D 105 ? 20 1 
1 A DC 20 1_555 D DG 5 1_555 0.207  -0.149 -0.301 -5.886  -10.728 4.447  17 A_DC120:DG104_D A 120 ? D 104 ? 19 1 
1 A DA 21 1_555 D DT 4 1_555 0.485  -0.562 -1.928 -13.640 -5.429  -7.426 18 A_DA121:DT103_D A 121 ? D 103 ? 20 1 
# 
loop_
_ndb_struct_na_base_pair_step.model_number 
_ndb_struct_na_base_pair_step.i_label_asym_id_1 
_ndb_struct_na_base_pair_step.i_label_comp_id_1 
_ndb_struct_na_base_pair_step.i_label_seq_id_1 
_ndb_struct_na_base_pair_step.i_symmetry_1 
_ndb_struct_na_base_pair_step.j_label_asym_id_1 
_ndb_struct_na_base_pair_step.j_label_comp_id_1 
_ndb_struct_na_base_pair_step.j_label_seq_id_1 
_ndb_struct_na_base_pair_step.j_symmetry_1 
_ndb_struct_na_base_pair_step.i_label_asym_id_2 
_ndb_struct_na_base_pair_step.i_label_comp_id_2 
_ndb_struct_na_base_pair_step.i_label_seq_id_2 
_ndb_struct_na_base_pair_step.i_symmetry_2 
_ndb_struct_na_base_pair_step.j_label_asym_id_2 
_ndb_struct_na_base_pair_step.j_label_comp_id_2 
_ndb_struct_na_base_pair_step.j_label_seq_id_2 
_ndb_struct_na_base_pair_step.j_symmetry_2 
_ndb_struct_na_base_pair_step.shift 
_ndb_struct_na_base_pair_step.slide 
_ndb_struct_na_base_pair_step.rise 
_ndb_struct_na_base_pair_step.tilt 
_ndb_struct_na_base_pair_step.roll 
_ndb_struct_na_base_pair_step.twist 
_ndb_struct_na_base_pair_step.x_displacement 
_ndb_struct_na_base_pair_step.y_displacement 
_ndb_struct_na_base_pair_step.helical_rise 
_ndb_struct_na_base_pair_step.inclination 
_ndb_struct_na_base_pair_step.tip 
_ndb_struct_na_base_pair_step.helical_twist 
_ndb_struct_na_base_pair_step.step_number 
_ndb_struct_na_base_pair_step.step_name 
_ndb_struct_na_base_pair_step.i_auth_asym_id_1 
_ndb_struct_na_base_pair_step.i_auth_seq_id_1 
_ndb_struct_na_base_pair_step.i_PDB_ins_code_1 
_ndb_struct_na_base_pair_step.j_auth_asym_id_1 
_ndb_struct_na_base_pair_step.j_auth_seq_id_1 
_ndb_struct_na_base_pair_step.j_PDB_ins_code_1 
_ndb_struct_na_base_pair_step.i_auth_asym_id_2 
_ndb_struct_na_base_pair_step.i_auth_seq_id_2 
_ndb_struct_na_base_pair_step.i_PDB_ins_code_2 
_ndb_struct_na_base_pair_step.j_auth_asym_id_2 
_ndb_struct_na_base_pair_step.j_auth_seq_id_2 
_ndb_struct_na_base_pair_step.j_PDB_ins_code_2 
1 A DC 4  1_555 C DG 5 1_555 A DA 5  1_555 C DT 4 1_555 0.275  -0.600 3.419 5.903   15.195  47.968 -1.813 0.109  3.118 18.093  
-7.029  50.507 1  AA_DC104DA105:DT212DG213_CC A 104 ? C 213 ? A 105 ? C 212 ? 
1 A DA 5  1_555 C DT 4 1_555 A DG 6  1_555 C DC 3 1_555 -0.546 0.491  3.434 4.542   -7.407  37.248 1.709  1.421  3.196 -11.407 
-6.995  38.213 2  AA_DA105DG106:DC211DT212_CC A 105 ? C 212 ? A 106 ? C 211 ? 
1 A DG 6  1_555 C DC 3 1_555 A DC 7  1_555 C DG 2 1_555 0.681  -1.052 3.211 -8.569  -0.625  30.011 -1.843 -2.828 2.931 -1.177  
16.136  31.189 3  AA_DG106DC107:DG210DC211_CC A 106 ? C 211 ? A 107 ? C 210 ? 
1 A DC 7  1_555 C DG 2 1_555 A DC 8  1_555 C DG 1 1_555 -0.924 -0.102 3.670 -19.582 4.218   38.347 -0.637 -1.051 3.677 5.952   
27.635  43.088 4  AA_DC107DC108:DG209DG210_CC A 107 ? C 210 ? A 108 ? C 209 ? 
1 A DC 8  1_555 C DG 1 1_555 A DT 9  1_555 B DA 7 1_555 0.184  -2.290 3.690 17.509  -16.484 28.483 -0.660 2.830  3.933 -28.026 
-29.769 37.115 5  AA_DC108DT109:DA125DG209_BC A 108 ? C 209 ? A 109 ? B 125 ? 
1 A DT 9  1_555 B DA 7 1_555 A DG 10 1_555 B DC 6 1_555 1.328  -0.707 3.648 4.407   43.693  21.073 -4.436 -1.257 1.114 65.271  
-6.583  48.483 6  AA_DT109DG110:DC124DA125_BB A 109 ? B 125 ? A 110 ? B 124 ? 
1 A DG 10 1_555 B DC 6 1_555 A DT 11 1_555 B DA 5 1_555 -0.139 2.198  3.200 -2.773  -11.942 38.363 4.396  -0.076 2.440 -17.631 
4.094   40.204 7  AA_DG110DT111:DA123DC124_BB A 110 ? B 124 ? A 111 ? B 123 ? 
1 A DT 11 1_555 B DA 5 1_555 A DA 12 1_555 B DT 4 1_555 -1.337 -0.647 2.987 -3.195  11.572  43.292 -1.798 1.490  2.821 15.337  
4.234   44.849 8  AA_DT111DA112:DT122DA123_BB A 111 ? B 123 ? A 112 ? B 122 ? 
1 A DA 12 1_555 B DT 4 1_555 A DC 13 1_555 B DG 3 1_555 0.519  -0.896 3.149 -2.406  4.652   30.690 -2.502 -1.398 2.937 8.709   
4.504   31.123 9  AA_DA112DC113:DG121DT122_BB A 112 ? B 122 ? A 113 ? B 121 ? 
1 A DC 13 1_555 B DG 3 1_555 A DG 14 1_555 B DC 2 1_555 -0.057 3.166  3.857 -4.953  -14.358 39.654 5.881  -0.439 2.598 -20.286 
6.997   42.353 10 AA_DC113DG114:DC120DG121_BB A 113 ? B 121 ? A 114 ? B 120 ? 
1 A DG 14 1_555 B DC 2 1_555 A DG 15 1_555 B DC 1 1_555 -0.437 0.715  3.541 -6.884  -3.918  40.274 1.483  -0.190 3.484 -5.624  
9.881   41.014 11 AA_DG114DG115:DC119DC120_BB A 114 ? B 120 ? A 115 ? B 119 ? 
1 A DG 15 1_555 B DC 1 1_555 A DA 16 1_555 D DT 9 1_555 -0.852 -0.649 2.718 -11.520 6.970   27.858 -2.384 -0.326 2.625 13.523  
22.349  30.883 12 AA_DG115DA116:DT108DC119_DB A 115 ? B 119 ? A 116 ? D 108 ? 
1 A DA 16 1_555 D DT 9 1_555 A DC 17 1_555 D DG 8 1_555 -0.353 -1.142 3.411 -0.671  -7.798  41.095 -0.722 0.419  3.565 -10.988 
0.946   41.802 13 AA_DA116DC117:DG107DT108_DD A 116 ? D 108 ? A 117 ? D 107 ? 
1 A DC 17 1_555 D DG 8 1_555 A DA 18 1_555 D DT 7 1_555 -0.642 -0.256 3.147 0.189   15.707  27.560 -3.217 1.210  2.621 30.074  
-0.361  31.647 14 AA_DC117DA118:DT106DG107_DD A 117 ? D 107 ? A 118 ? D 106 ? 
1 A DA 18 1_555 D DT 7 1_555 A DT 19 1_555 D DA 6 1_555 -0.111 0.877  2.787 -2.661  -5.099  34.298 2.119  -0.153 2.635 -8.572  
4.473   34.762 15 AA_DA118DT119:DA105DT106_DD A 118 ? D 106 ? A 119 ? D 105 ? 
1 A DT 19 1_555 D DA 6 1_555 A DC 20 1_555 D DG 5 1_555 0.289  -0.244 3.096 1.404   2.243   32.871 -0.791 -0.283 3.083 3.956   
-2.476  32.974 16 AA_DT119DC120:DG104DA105_DD A 119 ? D 105 ? A 120 ? D 104 ? 
1 A DC 20 1_555 D DG 5 1_555 A DA 21 1_555 D DT 4 1_555 -0.520 1.301  3.745 12.838  17.512  34.355 -0.517 2.510  3.584 26.615  
-19.510 40.466 17 AA_DC120DA121:DT103DG104_DD A 120 ? D 104 ? A 121 ? D 103 ? 
# 
loop_
_pdbx_audit_support.funding_organization 
_pdbx_audit_support.country 
_pdbx_audit_support.grant_number 
_pdbx_audit_support.ordinal 
'National Science Foundation (NSF, United States)' 'United States' CTS1120890    1 
'National Science Foundation (NSF, United States)' 'United States' CCF-1117210   2 
'National Science Foundation (NSF, United States)' 'United States' EFRI-1332411  3 
'National Science Foundation (NSF, United States)' 'United States' CHE-1708776   4 
'Office of Naval Research (ONR)'                   'United States' N000141110729 5 
'Office of Naval Research (ONR)'                   'United States' N000140911118 6 
'Department of Energy (DOE, United States)'        'United States' DESC0007991   7 
# 
_pdbx_initial_refinement_model.id               1 
_pdbx_initial_refinement_model.entity_id_list   ? 
_pdbx_initial_refinement_model.type             'experimental model' 
_pdbx_initial_refinement_model.source_name      PDB 
_pdbx_initial_refinement_model.accession_code   7R96 
_pdbx_initial_refinement_model.details          ? 
# 
_pdbx_struct_assembly_auth_evidence.id                     1 
_pdbx_struct_assembly_auth_evidence.assembly_id            1 
_pdbx_struct_assembly_auth_evidence.experimental_support   'native gel electrophoresis' 
_pdbx_struct_assembly_auth_evidence.details                ? 
# 
_space_group.name_H-M_alt     'P 63' 
_space_group.name_Hall        'P 6c' 
_space_group.IT_number        173 
_space_group.crystal_system   hexagonal 
_space_group.id               1 
# 
